data_1HFR
# 
_entry.id   1HFR 
# 
_audit_conform.dict_name       mmcif_pdbx.dic 
_audit_conform.dict_version    5.386 
_audit_conform.dict_location   http://mmcif.pdb.org/dictionaries/ascii/mmcif_pdbx.dic 
# 
loop_
_database_2.database_id 
_database_2.database_code 
_database_2.pdbx_database_accession 
_database_2.pdbx_DOI 
PDB   1HFR         pdb_00001hfr 10.2210/pdb1hfr/pdb 
WWPDB D_1000173831 ?            ?                   
# 
loop_
_pdbx_audit_revision_history.ordinal 
_pdbx_audit_revision_history.data_content_type 
_pdbx_audit_revision_history.major_revision 
_pdbx_audit_revision_history.minor_revision 
_pdbx_audit_revision_history.revision_date 
1 'Structure model' 1 0 1998-01-28 
2 'Structure model' 1 1 2008-03-03 
3 'Structure model' 1 2 2011-07-13 
4 'Structure model' 1 3 2013-12-11 
5 'Structure model' 1 4 2024-02-07 
# 
_pdbx_audit_revision_details.ordinal             1 
_pdbx_audit_revision_details.revision_ordinal    1 
_pdbx_audit_revision_details.data_content_type   'Structure model' 
_pdbx_audit_revision_details.provider            repository 
_pdbx_audit_revision_details.type                'Initial release' 
_pdbx_audit_revision_details.description         ? 
_pdbx_audit_revision_details.details             ? 
# 
loop_
_pdbx_audit_revision_group.ordinal 
_pdbx_audit_revision_group.revision_ordinal 
_pdbx_audit_revision_group.data_content_type 
_pdbx_audit_revision_group.group 
1 2 'Structure model' 'Version format compliance' 
2 3 'Structure model' 'Version format compliance' 
3 4 'Structure model' 'Non-polymer description'   
4 5 'Structure model' 'Data collection'           
5 5 'Structure model' 'Database references'       
6 5 'Structure model' 'Derived calculations'      
7 5 'Structure model' Other                       
# 
loop_
_pdbx_audit_revision_category.ordinal 
_pdbx_audit_revision_category.revision_ordinal 
_pdbx_audit_revision_category.data_content_type 
_pdbx_audit_revision_category.category 
1 5 'Structure model' chem_comp_atom       
2 5 'Structure model' chem_comp_bond       
3 5 'Structure model' database_2           
4 5 'Structure model' pdbx_database_status 
5 5 'Structure model' struct_site          
# 
loop_
_pdbx_audit_revision_item.ordinal 
_pdbx_audit_revision_item.revision_ordinal 
_pdbx_audit_revision_item.data_content_type 
_pdbx_audit_revision_item.item 
1 5 'Structure model' '_database_2.pdbx_DOI'                
2 5 'Structure model' '_database_2.pdbx_database_accession' 
3 5 'Structure model' '_pdbx_database_status.process_site'  
4 5 'Structure model' '_struct_site.pdbx_auth_asym_id'      
5 5 'Structure model' '_struct_site.pdbx_auth_comp_id'      
6 5 'Structure model' '_struct_site.pdbx_auth_seq_id'       
# 
_pdbx_database_status.status_code                     REL 
_pdbx_database_status.entry_id                        1HFR 
_pdbx_database_status.recvd_initial_deposition_date   1997-11-04 
_pdbx_database_status.deposit_site                    ? 
_pdbx_database_status.process_site                    BNL 
_pdbx_database_status.SG_entry                        . 
_pdbx_database_status.status_code_sf                  ? 
_pdbx_database_status.status_code_mr                  ? 
_pdbx_database_status.status_code_cs                  ? 
_pdbx_database_status.pdb_format_compatible           Y 
_pdbx_database_status.status_code_nmr_data            ? 
_pdbx_database_status.methods_development_category    ? 
# 
loop_
_audit_author.name 
_audit_author.pdbx_ordinal 
'Cody, V.'      1 
'Galitsky, N.'  2 
'Luft, J.R.'    3 
'Pangborn, W.'  4 
'Blakley, R.L.' 5 
'Gangjee, A.'   6 
# 
loop_
_citation.id 
_citation.title 
_citation.journal_abbrev 
_citation.journal_volume 
_citation.page_first 
_citation.page_last 
_citation.year 
_citation.journal_id_ASTM 
_citation.country 
_citation.journal_id_ISSN 
_citation.journal_id_CSD 
_citation.book_publisher 
_citation.pdbx_database_id_PubMed 
_citation.pdbx_database_id_DOI 
primary 
;Comparison of ternary crystal complexes of F31 variants of human dihydrofolate reductase with NADPH and a classical antitumor furopyrimidine.
;
'Anti-Cancer Drug Des.'    13  307  315 1998 ACDDEA UK 0266-9536 0807 ? 9627670 ? 
1       
;Comparison of Ternary Complexes of Pneumocystis Carinii and Wild-Type Human Dihydrofolate Reductase with a Novel Classical Antitumor Furo[2,3-D]Pyrimidine Antifolate
;
'Acta Crystallogr.,Sect.D' 53  638  ?   1997 ABCRE6 DK 0907-4449 0766 ? ?       ? 
2       
;Methotrexate-Resistant Variants of Human Dihydrofolate Reductase with Substitutions of Leucine 22. Kinetics, Crystallography, and Potential as Selectable Markers
;
J.Biol.Chem.               270 5057 ?   1995 JBCHA3 US 0021-9258 0071 ? ?       ? 
3       'Methotrexate-Resistant Variants of Human Dihydrofolate Reductase. Effects of Phe31 Substitutions' J.Biol.Chem. 269 9547 ? 
1994 JBCHA3 US 0021-9258 0071 ? ?       ? 
4       
;Crystal Structure Determination at 2.3 A of Recombinant Human Dihydrofolate Reductase Ternary Complex with Nadph and Methotrexate-Gamma-Tetrazole
;
'Anti-Cancer Drug Des.'    7   483  ?   1992 ACDDEA UK 0266-9536 0807 ? ?       ? 
# 
loop_
_citation_author.citation_id 
_citation_author.name 
_citation_author.ordinal 
_citation_author.identifier_ORCID 
primary 'Cody, V.'        1  ? 
primary 'Galitsky, N.'    2  ? 
primary 'Luft, J.R.'      3  ? 
primary 'Pangborn, W.'    4  ? 
primary 'Blakley, R.L.'   5  ? 
primary 'Gangjee, A.'     6  ? 
1       'Cody, V.'        7  ? 
1       'Galitsky, N.'    8  ? 
1       'Luft, J.R.'      9  ? 
1       'Pangborn, W.'    10 ? 
1       'Gangjee, A.'     11 ? 
1       'Devraj, R.'      12 ? 
1       'Queener, S.F.'   13 ? 
1       'Blakley, R.L.'   14 ? 
2       'Lewis, W.S.'     15 ? 
2       'Cody, V.'        16 ? 
2       'Galitsky, N.'    17 ? 
2       'Luft, J.R.'      18 ? 
2       'Pangborn, W.'    19 ? 
2       'Chunduru, S.K.'  20 ? 
2       'Spencer, H.T.'   21 ? 
2       'Appleman, J.R.'  22 ? 
2       'Blakley, R.L.'   23 ? 
3       'Chunduru, S.K.'  24 ? 
3       'Cody, V.'        25 ? 
3       'Luft, J.R.'      26 ? 
3       'Pangborn, W.'    27 ? 
3       'Appleman, J.R.'  28 ? 
3       'Blakley, R.L.'   29 ? 
4       'Cody, V.'        30 ? 
4       'Luft, J.R.'      31 ? 
4       'Ciszak, E.'      32 ? 
4       'Kalman, T.I.'    33 ? 
4       'Freisheim, J.H.' 34 ? 
# 
loop_
_entity.id 
_entity.type 
_entity.src_method 
_entity.pdbx_description 
_entity.formula_weight 
_entity.pdbx_number_of_molecules 
_entity.pdbx_ec 
_entity.pdbx_mutation 
_entity.pdbx_fragment 
_entity.details 
1 polymer     man 'DIHYDROFOLATE REDUCTASE'                                                             21349.525 1  1.5.1.3 ? ? 
'COMPLEXED WITH NADPH AND FURO[2,3D]FUROPYRIMIDINE' 
2 non-polymer syn 'NADPH DIHYDRO-NICOTINAMIDE-ADENINE-DINUCLEOTIDE PHOSPHATE'                           745.421   1  ?       ? ? ? 
3 non-polymer syn 'N-[4-[(2,4-DIAMINOFURO[2,3D]PYRIMIDIN-5-YL)METHYL]METHYLAMINO]-BENZOYL]-L-GLUTAMATE' 442.425   1  ?       ? ? ? 
4 water       nat water                                                                                 18.015    35 ?       ? ? ? 
# 
_entity_name_com.entity_id   1 
_entity_name_com.name        DHFR 
# 
_entity_poly.entity_id                      1 
_entity_poly.type                           'polypeptide(L)' 
_entity_poly.nstd_linkage                   no 
_entity_poly.nstd_monomer                   no 
_entity_poly.pdbx_seq_one_letter_code       
;VGSLNCIVAVSQNMGIGKNGDLPWPPLRNEFRYFQRMTTTSSVEGKQNLVIMGKKTWFSIPEKNRPLKGRINLVLSRELK
EPPQGAHFLSRSLDDALKLTEQPELANKVDMVWIVGGSSVYKEAMNHPGHLKLFVTRIMQDFESDTFFPEIDLEKYKLLP
EYPGVLSDVQEEKGIKYKFEVYEKND
;
_entity_poly.pdbx_seq_one_letter_code_can   
;VGSLNCIVAVSQNMGIGKNGDLPWPPLRNEFRYFQRMTTTSSVEGKQNLVIMGKKTWFSIPEKNRPLKGRINLVLSRELK
EPPQGAHFLSRSLDDALKLTEQPELANKVDMVWIVGGSSVYKEAMNHPGHLKLFVTRIMQDFESDTFFPEIDLEKYKLLP
EYPGVLSDVQEEKGIKYKFEVYEKND
;
_entity_poly.pdbx_strand_id                 A 
_entity_poly.pdbx_target_identifier         ? 
# 
loop_
_pdbx_entity_nonpoly.entity_id 
_pdbx_entity_nonpoly.name 
_pdbx_entity_nonpoly.comp_id 
2 'NADPH DIHYDRO-NICOTINAMIDE-ADENINE-DINUCLEOTIDE PHOSPHATE'                           NDP 
3 'N-[4-[(2,4-DIAMINOFURO[2,3D]PYRIMIDIN-5-YL)METHYL]METHYLAMINO]-BENZOYL]-L-GLUTAMATE' MOT 
4 water                                                                                 HOH 
# 
loop_
_entity_poly_seq.entity_id 
_entity_poly_seq.num 
_entity_poly_seq.mon_id 
_entity_poly_seq.hetero 
1 1   VAL n 
1 2   GLY n 
1 3   SER n 
1 4   LEU n 
1 5   ASN n 
1 6   CYS n 
1 7   ILE n 
1 8   VAL n 
1 9   ALA n 
1 10  VAL n 
1 11  SER n 
1 12  GLN n 
1 13  ASN n 
1 14  MET n 
1 15  GLY n 
1 16  ILE n 
1 17  GLY n 
1 18  LYS n 
1 19  ASN n 
1 20  GLY n 
1 21  ASP n 
1 22  LEU n 
1 23  PRO n 
1 24  TRP n 
1 25  PRO n 
1 26  PRO n 
1 27  LEU n 
1 28  ARG n 
1 29  ASN n 
1 30  GLU n 
1 31  PHE n 
1 32  ARG n 
1 33  TYR n 
1 34  PHE n 
1 35  GLN n 
1 36  ARG n 
1 37  MET n 
1 38  THR n 
1 39  THR n 
1 40  THR n 
1 41  SER n 
1 42  SER n 
1 43  VAL n 
1 44  GLU n 
1 45  GLY n 
1 46  LYS n 
1 47  GLN n 
1 48  ASN n 
1 49  LEU n 
1 50  VAL n 
1 51  ILE n 
1 52  MET n 
1 53  GLY n 
1 54  LYS n 
1 55  LYS n 
1 56  THR n 
1 57  TRP n 
1 58  PHE n 
1 59  SER n 
1 60  ILE n 
1 61  PRO n 
1 62  GLU n 
1 63  LYS n 
1 64  ASN n 
1 65  ARG n 
1 66  PRO n 
1 67  LEU n 
1 68  LYS n 
1 69  GLY n 
1 70  ARG n 
1 71  ILE n 
1 72  ASN n 
1 73  LEU n 
1 74  VAL n 
1 75  LEU n 
1 76  SER n 
1 77  ARG n 
1 78  GLU n 
1 79  LEU n 
1 80  LYS n 
1 81  GLU n 
1 82  PRO n 
1 83  PRO n 
1 84  GLN n 
1 85  GLY n 
1 86  ALA n 
1 87  HIS n 
1 88  PHE n 
1 89  LEU n 
1 90  SER n 
1 91  ARG n 
1 92  SER n 
1 93  LEU n 
1 94  ASP n 
1 95  ASP n 
1 96  ALA n 
1 97  LEU n 
1 98  LYS n 
1 99  LEU n 
1 100 THR n 
1 101 GLU n 
1 102 GLN n 
1 103 PRO n 
1 104 GLU n 
1 105 LEU n 
1 106 ALA n 
1 107 ASN n 
1 108 LYS n 
1 109 VAL n 
1 110 ASP n 
1 111 MET n 
1 112 VAL n 
1 113 TRP n 
1 114 ILE n 
1 115 VAL n 
1 116 GLY n 
1 117 GLY n 
1 118 SER n 
1 119 SER n 
1 120 VAL n 
1 121 TYR n 
1 122 LYS n 
1 123 GLU n 
1 124 ALA n 
1 125 MET n 
1 126 ASN n 
1 127 HIS n 
1 128 PRO n 
1 129 GLY n 
1 130 HIS n 
1 131 LEU n 
1 132 LYS n 
1 133 LEU n 
1 134 PHE n 
1 135 VAL n 
1 136 THR n 
1 137 ARG n 
1 138 ILE n 
1 139 MET n 
1 140 GLN n 
1 141 ASP n 
1 142 PHE n 
1 143 GLU n 
1 144 SER n 
1 145 ASP n 
1 146 THR n 
1 147 PHE n 
1 148 PHE n 
1 149 PRO n 
1 150 GLU n 
1 151 ILE n 
1 152 ASP n 
1 153 LEU n 
1 154 GLU n 
1 155 LYS n 
1 156 TYR n 
1 157 LYS n 
1 158 LEU n 
1 159 LEU n 
1 160 PRO n 
1 161 GLU n 
1 162 TYR n 
1 163 PRO n 
1 164 GLY n 
1 165 VAL n 
1 166 LEU n 
1 167 SER n 
1 168 ASP n 
1 169 VAL n 
1 170 GLN n 
1 171 GLU n 
1 172 GLU n 
1 173 LYS n 
1 174 GLY n 
1 175 ILE n 
1 176 LYS n 
1 177 TYR n 
1 178 LYS n 
1 179 PHE n 
1 180 GLU n 
1 181 VAL n 
1 182 TYR n 
1 183 GLU n 
1 184 LYS n 
1 185 ASN n 
1 186 ASP n 
# 
_entity_src_gen.entity_id                          1 
_entity_src_gen.pdbx_src_id                        1 
_entity_src_gen.pdbx_alt_source_flag               sample 
_entity_src_gen.pdbx_seq_type                      ? 
_entity_src_gen.pdbx_beg_seq_num                   ? 
_entity_src_gen.pdbx_end_seq_num                   ? 
_entity_src_gen.gene_src_common_name               human 
_entity_src_gen.gene_src_genus                     Homo 
_entity_src_gen.pdbx_gene_src_gene                 POTENTIAL 
_entity_src_gen.gene_src_species                   ? 
_entity_src_gen.gene_src_strain                    ? 
_entity_src_gen.gene_src_tissue                    ? 
_entity_src_gen.gene_src_tissue_fraction           ? 
_entity_src_gen.gene_src_details                   ? 
_entity_src_gen.pdbx_gene_src_fragment             ? 
_entity_src_gen.pdbx_gene_src_scientific_name      'Homo sapiens' 
_entity_src_gen.pdbx_gene_src_ncbi_taxonomy_id     9606 
_entity_src_gen.pdbx_gene_src_variant              ? 
_entity_src_gen.pdbx_gene_src_cell_line            ? 
_entity_src_gen.pdbx_gene_src_atcc                 ? 
_entity_src_gen.pdbx_gene_src_organ                ? 
_entity_src_gen.pdbx_gene_src_organelle            ? 
_entity_src_gen.pdbx_gene_src_cell                 ? 
_entity_src_gen.pdbx_gene_src_cellular_location    ? 
_entity_src_gen.host_org_common_name               ? 
_entity_src_gen.pdbx_host_org_scientific_name      'Escherichia coli' 
_entity_src_gen.pdbx_host_org_ncbi_taxonomy_id     562 
_entity_src_gen.host_org_genus                     Escherichia 
_entity_src_gen.pdbx_host_org_gene                 ? 
_entity_src_gen.pdbx_host_org_organ                ? 
_entity_src_gen.host_org_species                   ? 
_entity_src_gen.pdbx_host_org_tissue               ? 
_entity_src_gen.pdbx_host_org_tissue_fraction      ? 
_entity_src_gen.pdbx_host_org_strain               JM107 
_entity_src_gen.pdbx_host_org_variant              ? 
_entity_src_gen.pdbx_host_org_cell_line            ? 
_entity_src_gen.pdbx_host_org_atcc                 ? 
_entity_src_gen.pdbx_host_org_culture_collection   ? 
_entity_src_gen.pdbx_host_org_cell                 ? 
_entity_src_gen.pdbx_host_org_organelle            ? 
_entity_src_gen.pdbx_host_org_cellular_location    ? 
_entity_src_gen.pdbx_host_org_vector_type          ? 
_entity_src_gen.pdbx_host_org_vector               ? 
_entity_src_gen.host_org_details                   ? 
_entity_src_gen.expression_system_id               ? 
_entity_src_gen.plasmid_name                       ? 
_entity_src_gen.plasmid_details                    ? 
_entity_src_gen.pdbx_description                   ? 
# 
loop_
_chem_comp.id 
_chem_comp.type 
_chem_comp.mon_nstd_flag 
_chem_comp.name 
_chem_comp.pdbx_synonyms 
_chem_comp.formula 
_chem_comp.formula_weight 
ALA 'L-peptide linking' y ALANINE                                                                               ? 'C3 H7 N O2' 
89.093  
ARG 'L-peptide linking' y ARGININE                                                                              ? 'C6 H15 N4 O2 1' 
175.209 
ASN 'L-peptide linking' y ASPARAGINE                                                                            ? 'C4 H8 N2 O3' 
132.118 
ASP 'L-peptide linking' y 'ASPARTIC ACID'                                                                       ? 'C4 H7 N O4' 
133.103 
CYS 'L-peptide linking' y CYSTEINE                                                                              ? 'C3 H7 N O2 S' 
121.158 
GLN 'L-peptide linking' y GLUTAMINE                                                                             ? 'C5 H10 N2 O3' 
146.144 
GLU 'L-peptide linking' y 'GLUTAMIC ACID'                                                                       ? 'C5 H9 N O4' 
147.129 
GLY 'peptide linking'   y GLYCINE                                                                               ? 'C2 H5 N O2' 
75.067  
HIS 'L-peptide linking' y HISTIDINE                                                                             ? 'C6 H10 N3 O2 1' 
156.162 
HOH non-polymer         . WATER                                                                                 ? 'H2 O' 18.015  
ILE 'L-peptide linking' y ISOLEUCINE                                                                            ? 'C6 H13 N O2' 
131.173 
LEU 'L-peptide linking' y LEUCINE                                                                               ? 'C6 H13 N O2' 
131.173 
LYS 'L-peptide linking' y LYSINE                                                                                ? 'C6 H15 N2 O2 1' 
147.195 
MET 'L-peptide linking' y METHIONINE                                                                            ? 'C5 H11 N O2 S' 
149.211 
MOT non-polymer         . 'N-[4-[(2,4-DIAMINOFURO[2,3D]PYRIMIDIN-5-YL)METHYL]METHYLAMINO]-BENZOYL]-L-GLUTAMATE' ? 'C20 H22 N6 O6' 
442.425 
NDP non-polymer         . 'NADPH DIHYDRO-NICOTINAMIDE-ADENINE-DINUCLEOTIDE PHOSPHATE'                           ? 
'C21 H30 N7 O17 P3' 745.421 
PHE 'L-peptide linking' y PHENYLALANINE                                                                         ? 'C9 H11 N O2' 
165.189 
PRO 'L-peptide linking' y PROLINE                                                                               ? 'C5 H9 N O2' 
115.130 
SER 'L-peptide linking' y SERINE                                                                                ? 'C3 H7 N O3' 
105.093 
THR 'L-peptide linking' y THREONINE                                                                             ? 'C4 H9 N O3' 
119.119 
TRP 'L-peptide linking' y TRYPTOPHAN                                                                            ? 'C11 H12 N2 O2' 
204.225 
TYR 'L-peptide linking' y TYROSINE                                                                              ? 'C9 H11 N O3' 
181.189 
VAL 'L-peptide linking' y VALINE                                                                                ? 'C5 H11 N O2' 
117.146 
# 
loop_
_pdbx_poly_seq_scheme.asym_id 
_pdbx_poly_seq_scheme.entity_id 
_pdbx_poly_seq_scheme.seq_id 
_pdbx_poly_seq_scheme.mon_id 
_pdbx_poly_seq_scheme.ndb_seq_num 
_pdbx_poly_seq_scheme.pdb_seq_num 
_pdbx_poly_seq_scheme.auth_seq_num 
_pdbx_poly_seq_scheme.pdb_mon_id 
_pdbx_poly_seq_scheme.auth_mon_id 
_pdbx_poly_seq_scheme.pdb_strand_id 
_pdbx_poly_seq_scheme.pdb_ins_code 
_pdbx_poly_seq_scheme.hetero 
A 1 1   VAL 1   1   1   VAL VAL A . n 
A 1 2   GLY 2   2   2   GLY GLY A . n 
A 1 3   SER 3   3   3   SER SER A . n 
A 1 4   LEU 4   4   4   LEU LEU A . n 
A 1 5   ASN 5   5   5   ASN ASN A . n 
A 1 6   CYS 6   6   6   CYS CYS A . n 
A 1 7   ILE 7   7   7   ILE ILE A . n 
A 1 8   VAL 8   8   8   VAL VAL A . n 
A 1 9   ALA 9   9   9   ALA ALA A . n 
A 1 10  VAL 10  10  10  VAL VAL A . n 
A 1 11  SER 11  11  11  SER SER A . n 
A 1 12  GLN 12  12  12  GLN GLN A . n 
A 1 13  ASN 13  13  13  ASN ASN A . n 
A 1 14  MET 14  14  14  MET MET A . n 
A 1 15  GLY 15  15  15  GLY GLY A . n 
A 1 16  ILE 16  16  16  ILE ILE A . n 
A 1 17  GLY 17  17  17  GLY GLY A . n 
A 1 18  LYS 18  18  18  LYS LYS A . n 
A 1 19  ASN 19  19  19  ASN ASN A . n 
A 1 20  GLY 20  20  20  GLY GLY A . n 
A 1 21  ASP 21  21  21  ASP ASP A . n 
A 1 22  LEU 22  22  22  LEU LEU A . n 
A 1 23  PRO 23  23  23  PRO PRO A . n 
A 1 24  TRP 24  24  24  TRP TRP A . n 
A 1 25  PRO 25  25  25  PRO PRO A . n 
A 1 26  PRO 26  26  26  PRO PRO A . n 
A 1 27  LEU 27  27  27  LEU LEU A . n 
A 1 28  ARG 28  28  28  ARG ARG A . n 
A 1 29  ASN 29  29  29  ASN ASN A . n 
A 1 30  GLU 30  30  30  GLU GLU A . n 
A 1 31  PHE 31  31  31  PHE PHE A . n 
A 1 32  ARG 32  32  32  ARG ARG A . n 
A 1 33  TYR 33  33  33  TYR TYR A . n 
A 1 34  PHE 34  34  34  PHE PHE A . n 
A 1 35  GLN 35  35  35  GLN GLN A . n 
A 1 36  ARG 36  36  36  ARG ARG A . n 
A 1 37  MET 37  37  37  MET MET A . n 
A 1 38  THR 38  38  38  THR THR A . n 
A 1 39  THR 39  39  39  THR THR A . n 
A 1 40  THR 40  40  40  THR THR A . n 
A 1 41  SER 41  41  41  SER SER A . n 
A 1 42  SER 42  42  42  SER SER A . n 
A 1 43  VAL 43  43  43  VAL VAL A . n 
A 1 44  GLU 44  44  44  GLU GLU A . n 
A 1 45  GLY 45  45  45  GLY GLY A . n 
A 1 46  LYS 46  46  46  LYS LYS A . n 
A 1 47  GLN 47  47  47  GLN GLN A . n 
A 1 48  ASN 48  48  48  ASN ASN A . n 
A 1 49  LEU 49  49  49  LEU LEU A . n 
A 1 50  VAL 50  50  50  VAL VAL A . n 
A 1 51  ILE 51  51  51  ILE ILE A . n 
A 1 52  MET 52  52  52  MET MET A . n 
A 1 53  GLY 53  53  53  GLY GLY A . n 
A 1 54  LYS 54  54  54  LYS LYS A . n 
A 1 55  LYS 55  55  55  LYS LYS A . n 
A 1 56  THR 56  56  56  THR THR A . n 
A 1 57  TRP 57  57  57  TRP TRP A . n 
A 1 58  PHE 58  58  58  PHE PHE A . n 
A 1 59  SER 59  59  59  SER SER A . n 
A 1 60  ILE 60  60  60  ILE ILE A . n 
A 1 61  PRO 61  61  61  PRO PRO A . n 
A 1 62  GLU 62  62  62  GLU GLU A . n 
A 1 63  LYS 63  63  63  LYS LYS A . n 
A 1 64  ASN 64  64  64  ASN ASN A . n 
A 1 65  ARG 65  65  65  ARG ARG A . n 
A 1 66  PRO 66  66  66  PRO PRO A . n 
A 1 67  LEU 67  67  67  LEU LEU A . n 
A 1 68  LYS 68  68  68  LYS LYS A . n 
A 1 69  GLY 69  69  69  GLY GLY A . n 
A 1 70  ARG 70  70  70  ARG ARG A . n 
A 1 71  ILE 71  71  71  ILE ILE A . n 
A 1 72  ASN 72  72  72  ASN ASN A . n 
A 1 73  LEU 73  73  73  LEU LEU A . n 
A 1 74  VAL 74  74  74  VAL VAL A . n 
A 1 75  LEU 75  75  75  LEU LEU A . n 
A 1 76  SER 76  76  76  SER SER A . n 
A 1 77  ARG 77  77  77  ARG ARG A . n 
A 1 78  GLU 78  78  78  GLU GLU A . n 
A 1 79  LEU 79  79  79  LEU LEU A . n 
A 1 80  LYS 80  80  80  LYS LYS A . n 
A 1 81  GLU 81  81  81  GLU GLU A . n 
A 1 82  PRO 82  82  82  PRO PRO A . n 
A 1 83  PRO 83  83  83  PRO PRO A . n 
A 1 84  GLN 84  84  84  GLN GLN A . n 
A 1 85  GLY 85  85  85  GLY GLY A . n 
A 1 86  ALA 86  86  86  ALA ALA A . n 
A 1 87  HIS 87  87  87  HIS HIS A . n 
A 1 88  PHE 88  88  88  PHE PHE A . n 
A 1 89  LEU 89  89  89  LEU LEU A . n 
A 1 90  SER 90  90  90  SER SER A . n 
A 1 91  ARG 91  91  91  ARG ARG A . n 
A 1 92  SER 92  92  92  SER SER A . n 
A 1 93  LEU 93  93  93  LEU LEU A . n 
A 1 94  ASP 94  94  94  ASP ASP A . n 
A 1 95  ASP 95  95  95  ASP ASP A . n 
A 1 96  ALA 96  96  96  ALA ALA A . n 
A 1 97  LEU 97  97  97  LEU LEU A . n 
A 1 98  LYS 98  98  98  LYS LYS A . n 
A 1 99  LEU 99  99  99  LEU LEU A . n 
A 1 100 THR 100 100 100 THR THR A . n 
A 1 101 GLU 101 101 101 GLU GLU A . n 
A 1 102 GLN 102 102 102 GLN GLN A . n 
A 1 103 PRO 103 103 103 PRO PRO A . n 
A 1 104 GLU 104 104 104 GLU GLU A . n 
A 1 105 LEU 105 105 105 LEU LEU A . n 
A 1 106 ALA 106 106 106 ALA ALA A . n 
A 1 107 ASN 107 107 107 ASN ASN A . n 
A 1 108 LYS 108 108 108 LYS LYS A . n 
A 1 109 VAL 109 109 109 VAL VAL A . n 
A 1 110 ASP 110 110 110 ASP ASP A . n 
A 1 111 MET 111 111 111 MET MET A . n 
A 1 112 VAL 112 112 112 VAL VAL A . n 
A 1 113 TRP 113 113 113 TRP TRP A . n 
A 1 114 ILE 114 114 114 ILE ILE A . n 
A 1 115 VAL 115 115 115 VAL VAL A . n 
A 1 116 GLY 116 116 116 GLY GLY A . n 
A 1 117 GLY 117 117 117 GLY GLY A . n 
A 1 118 SER 118 118 118 SER SER A . n 
A 1 119 SER 119 119 119 SER SER A . n 
A 1 120 VAL 120 120 120 VAL VAL A . n 
A 1 121 TYR 121 121 121 TYR TYR A . n 
A 1 122 LYS 122 122 122 LYS LYS A . n 
A 1 123 GLU 123 123 123 GLU GLU A . n 
A 1 124 ALA 124 124 124 ALA ALA A . n 
A 1 125 MET 125 125 125 MET MET A . n 
A 1 126 ASN 126 126 126 ASN ASN A . n 
A 1 127 HIS 127 127 127 HIS HIS A . n 
A 1 128 PRO 128 128 128 PRO PRO A . n 
A 1 129 GLY 129 129 129 GLY GLY A . n 
A 1 130 HIS 130 130 130 HIS HIS A . n 
A 1 131 LEU 131 131 131 LEU LEU A . n 
A 1 132 LYS 132 132 132 LYS LYS A . n 
A 1 133 LEU 133 133 133 LEU LEU A . n 
A 1 134 PHE 134 134 134 PHE PHE A . n 
A 1 135 VAL 135 135 135 VAL VAL A . n 
A 1 136 THR 136 136 136 THR THR A . n 
A 1 137 ARG 137 137 137 ARG ARG A . n 
A 1 138 ILE 138 138 138 ILE ILE A . n 
A 1 139 MET 139 139 139 MET MET A . n 
A 1 140 GLN 140 140 140 GLN GLN A . n 
A 1 141 ASP 141 141 141 ASP ASP A . n 
A 1 142 PHE 142 142 142 PHE PHE A . n 
A 1 143 GLU 143 143 143 GLU GLU A . n 
A 1 144 SER 144 144 144 SER SER A . n 
A 1 145 ASP 145 145 145 ASP ASP A . n 
A 1 146 THR 146 146 146 THR THR A . n 
A 1 147 PHE 147 147 147 PHE PHE A . n 
A 1 148 PHE 148 148 148 PHE PHE A . n 
A 1 149 PRO 149 149 149 PRO PRO A . n 
A 1 150 GLU 150 150 150 GLU GLU A . n 
A 1 151 ILE 151 151 151 ILE ILE A . n 
A 1 152 ASP 152 152 152 ASP ASP A . n 
A 1 153 LEU 153 153 153 LEU LEU A . n 
A 1 154 GLU 154 154 154 GLU GLU A . n 
A 1 155 LYS 155 155 155 LYS LYS A . n 
A 1 156 TYR 156 156 156 TYR TYR A . n 
A 1 157 LYS 157 157 157 LYS LYS A . n 
A 1 158 LEU 158 158 158 LEU LEU A . n 
A 1 159 LEU 159 159 159 LEU LEU A . n 
A 1 160 PRO 160 160 160 PRO PRO A . n 
A 1 161 GLU 161 161 161 GLU GLU A . n 
A 1 162 TYR 162 162 162 TYR TYR A . n 
A 1 163 PRO 163 163 163 PRO PRO A . n 
A 1 164 GLY 164 164 164 GLY GLY A . n 
A 1 165 VAL 165 165 165 VAL VAL A . n 
A 1 166 LEU 166 166 166 LEU LEU A . n 
A 1 167 SER 167 167 167 SER SER A . n 
A 1 168 ASP 168 168 168 ASP ASP A . n 
A 1 169 VAL 169 169 169 VAL VAL A . n 
A 1 170 GLN 170 170 170 GLN GLN A . n 
A 1 171 GLU 171 171 171 GLU GLU A . n 
A 1 172 GLU 172 172 172 GLU GLU A . n 
A 1 173 LYS 173 173 173 LYS LYS A . n 
A 1 174 GLY 174 174 174 GLY GLY A . n 
A 1 175 ILE 175 175 175 ILE ILE A . n 
A 1 176 LYS 176 176 176 LYS LYS A . n 
A 1 177 TYR 177 177 177 TYR TYR A . n 
A 1 178 LYS 178 178 178 LYS LYS A . n 
A 1 179 PHE 179 179 179 PHE PHE A . n 
A 1 180 GLU 180 180 180 GLU GLU A . n 
A 1 181 VAL 181 181 181 VAL VAL A . n 
A 1 182 TYR 182 182 182 TYR TYR A . n 
A 1 183 GLU 183 183 183 GLU GLU A . n 
A 1 184 LYS 184 184 184 LYS LYS A . n 
A 1 185 ASN 185 185 185 ASN ASN A . n 
A 1 186 ASP 186 186 186 ASP ASP A . n 
# 
loop_
_pdbx_nonpoly_scheme.asym_id 
_pdbx_nonpoly_scheme.entity_id 
_pdbx_nonpoly_scheme.mon_id 
_pdbx_nonpoly_scheme.ndb_seq_num 
_pdbx_nonpoly_scheme.pdb_seq_num 
_pdbx_nonpoly_scheme.auth_seq_num 
_pdbx_nonpoly_scheme.pdb_mon_id 
_pdbx_nonpoly_scheme.auth_mon_id 
_pdbx_nonpoly_scheme.pdb_strand_id 
_pdbx_nonpoly_scheme.pdb_ins_code 
B 2 NDP 1  187 187 NDP NAP A . 
C 3 MOT 1  188 187 MOT MOT A . 
D 4 HOH 1  189 188 HOH HOH A . 
D 4 HOH 2  190 189 HOH HOH A . 
D 4 HOH 3  191 190 HOH HOH A . 
D 4 HOH 4  192 191 HOH HOH A . 
D 4 HOH 5  193 192 HOH HOH A . 
D 4 HOH 6  194 193 HOH HOH A . 
D 4 HOH 7  195 194 HOH HOH A . 
D 4 HOH 8  196 195 HOH HOH A . 
D 4 HOH 9  197 196 HOH HOH A . 
D 4 HOH 10 198 197 HOH HOH A . 
D 4 HOH 11 199 198 HOH HOH A . 
D 4 HOH 12 200 199 HOH HOH A . 
D 4 HOH 13 201 200 HOH HOH A . 
D 4 HOH 14 202 201 HOH HOH A . 
D 4 HOH 15 203 202 HOH HOH A . 
D 4 HOH 16 204 203 HOH HOH A . 
D 4 HOH 17 205 204 HOH HOH A . 
D 4 HOH 18 206 205 HOH HOH A . 
D 4 HOH 19 207 206 HOH HOH A . 
D 4 HOH 20 208 207 HOH HOH A . 
D 4 HOH 21 209 208 HOH HOH A . 
D 4 HOH 22 210 209 HOH HOH A . 
D 4 HOH 23 211 210 HOH HOH A . 
D 4 HOH 24 212 211 HOH HOH A . 
D 4 HOH 25 213 212 HOH HOH A . 
D 4 HOH 26 214 213 HOH HOH A . 
D 4 HOH 27 215 214 HOH HOH A . 
D 4 HOH 28 216 215 HOH HOH A . 
D 4 HOH 29 217 216 HOH HOH A . 
D 4 HOH 30 218 217 HOH HOH A . 
D 4 HOH 31 219 218 HOH HOH A . 
D 4 HOH 32 220 219 HOH HOH A . 
D 4 HOH 33 221 220 HOH HOH A . 
D 4 HOH 34 222 221 HOH HOH A . 
D 4 HOH 35 223 222 HOH HOH A . 
# 
loop_
_software.name 
_software.classification 
_software.version 
_software.citation_id 
_software.pdbx_ordinal 
PROFFT refinement       .  ? 1 
R-AXIS 'data reduction' II ? 2 
# 
_cell.entry_id           1HFR 
_cell.length_a           86.900 
_cell.length_b           86.900 
_cell.length_c           77.090 
_cell.angle_alpha        90.00 
_cell.angle_beta         90.00 
_cell.angle_gamma        120.00 
_cell.Z_PDB              9 
_cell.pdbx_unique_axis   ? 
# 
_symmetry.entry_id                         1HFR 
_symmetry.space_group_name_H-M             'H 3' 
_symmetry.pdbx_full_space_group_name_H-M   ? 
_symmetry.cell_setting                     ? 
_symmetry.Int_Tables_number                146 
# 
_exptl.entry_id          1HFR 
_exptl.method            'X-RAY DIFFRACTION' 
_exptl.crystals_number   ? 
# 
_exptl_crystal.id                    1 
_exptl_crystal.density_meas          ? 
_exptl_crystal.density_Matthews      2.54 
_exptl_crystal.density_percent_sol   48. 
_exptl_crystal.description           ? 
# 
_diffrn.id                     1 
_diffrn.ambient_temp           ? 
_diffrn.ambient_temp_details   ? 
_diffrn.crystal_id             1 
# 
_diffrn_detector.diffrn_id              1 
_diffrn_detector.detector               'IMAGE PLATE' 
_diffrn_detector.type                   'RIGAKU RAXIS' 
_diffrn_detector.pdbx_collection_date   1994-08-15 
_diffrn_detector.details                ? 
# 
_diffrn_radiation.diffrn_id                        1 
_diffrn_radiation.wavelength_id                    1 
_diffrn_radiation.pdbx_monochromatic_or_laue_m_l   ? 
_diffrn_radiation.monochromator                    ? 
_diffrn_radiation.pdbx_diffrn_protocol             ? 
_diffrn_radiation.pdbx_scattering_type             x-ray 
# 
_diffrn_radiation_wavelength.id           1 
_diffrn_radiation_wavelength.wavelength   1.5418 
_diffrn_radiation_wavelength.wt           1.0 
# 
_diffrn_source.diffrn_id                   1 
_diffrn_source.source                      ? 
_diffrn_source.type                        ? 
_diffrn_source.pdbx_synchrotron_site       ? 
_diffrn_source.pdbx_synchrotron_beamline   ? 
_diffrn_source.pdbx_wavelength             1.5418 
_diffrn_source.pdbx_wavelength_list        ? 
# 
_reflns.entry_id                     1HFR 
_reflns.observed_criterion_sigma_I   2.0 
_reflns.observed_criterion_sigma_F   ? 
_reflns.d_resolution_low             8.0 
_reflns.d_resolution_high            1.94 
_reflns.number_obs                   10428 
_reflns.number_all                   ? 
_reflns.percent_possible_obs         84.7 
_reflns.pdbx_Rmerge_I_obs            0.0860000 
_reflns.pdbx_Rsym_value              ? 
_reflns.pdbx_netI_over_sigmaI        ? 
_reflns.B_iso_Wilson_estimate        ? 
_reflns.pdbx_redundancy              3.09 
_reflns.pdbx_ordinal                 1 
_reflns.pdbx_diffrn_id               1 
# 
_refine.entry_id                                 1HFR 
_refine.ls_number_reflns_obs                     ? 
_refine.ls_number_reflns_all                     ? 
_refine.pdbx_ls_sigma_I                          ? 
_refine.pdbx_ls_sigma_F                          ? 
_refine.pdbx_data_cutoff_high_absF               ? 
_refine.pdbx_data_cutoff_low_absF                ? 
_refine.pdbx_data_cutoff_high_rms_absF           ? 
_refine.ls_d_res_low                             ? 
_refine.ls_d_res_high                            2.1 
_refine.ls_percent_reflns_obs                    ? 
_refine.ls_R_factor_obs                          ? 
_refine.ls_R_factor_all                          ? 
_refine.ls_R_factor_R_work                       0.1995000 
_refine.ls_R_factor_R_free                       ? 
_refine.ls_R_factor_R_free_error                 ? 
_refine.ls_R_factor_R_free_error_details         ? 
_refine.ls_percent_reflns_R_free                 ? 
_refine.ls_number_reflns_R_free                  ? 
_refine.ls_number_parameters                     ? 
_refine.ls_number_restraints                     ? 
_refine.occupancy_min                            ? 
_refine.occupancy_max                            ? 
_refine.B_iso_mean                               24.79 
_refine.aniso_B[1][1]                            ? 
_refine.aniso_B[2][2]                            ? 
_refine.aniso_B[3][3]                            ? 
_refine.aniso_B[1][2]                            ? 
_refine.aniso_B[1][3]                            ? 
_refine.aniso_B[2][3]                            ? 
_refine.solvent_model_details                    ? 
_refine.solvent_model_param_ksol                 ? 
_refine.solvent_model_param_bsol                 ? 
_refine.pdbx_ls_cross_valid_method               ? 
_refine.details                                  ? 
_refine.pdbx_starting_model                      ? 
_refine.pdbx_method_to_determine_struct          ? 
_refine.pdbx_isotropic_thermal_model             ? 
_refine.pdbx_stereochemistry_target_values       ? 
_refine.pdbx_stereochem_target_val_spec_case     ? 
_refine.pdbx_R_Free_selection_details            ? 
_refine.pdbx_overall_ESU_R                       ? 
_refine.pdbx_overall_ESU_R_Free                  ? 
_refine.overall_SU_ML                            ? 
_refine.overall_SU_B                             ? 
_refine.pdbx_refine_id                           'X-RAY DIFFRACTION' 
_refine.pdbx_diffrn_id                           1 
_refine.pdbx_TLS_residual_ADP_flag               ? 
_refine.correlation_coeff_Fo_to_Fc               ? 
_refine.correlation_coeff_Fo_to_Fc_free          ? 
_refine.pdbx_solvent_vdw_probe_radii             ? 
_refine.pdbx_solvent_ion_probe_radii             ? 
_refine.pdbx_solvent_shrinkage_radii             ? 
_refine.pdbx_overall_phase_error                 ? 
_refine.overall_SU_R_Cruickshank_DPI             ? 
_refine.pdbx_overall_SU_R_free_Cruickshank_DPI   ? 
_refine.pdbx_overall_SU_R_Blow_DPI               ? 
_refine.pdbx_overall_SU_R_free_Blow_DPI          ? 
# 
_refine_hist.pdbx_refine_id                   'X-RAY DIFFRACTION' 
_refine_hist.cycle_id                         LAST 
_refine_hist.pdbx_number_atoms_protein        1502 
_refine_hist.pdbx_number_atoms_nucleic_acid   0 
_refine_hist.pdbx_number_atoms_ligand         80 
_refine_hist.number_atoms_solvent             35 
_refine_hist.number_atoms_total               1617 
_refine_hist.d_res_high                       2.1 
_refine_hist.d_res_low                        . 
# 
loop_
_refine_ls_restr.type 
_refine_ls_restr.dev_ideal 
_refine_ls_restr.dev_ideal_target 
_refine_ls_restr.weight 
_refine_ls_restr.number 
_refine_ls_restr.pdbx_refine_id 
_refine_ls_restr.pdbx_restraint_function 
p_bond_d            0.027 0.020 ? ? 'X-RAY DIFFRACTION' ? 
p_angle_d           0.066 0.040 ? ? 'X-RAY DIFFRACTION' ? 
p_angle_deg         ?     ?     ? ? 'X-RAY DIFFRACTION' ? 
p_planar_d          0.070 0.050 ? ? 'X-RAY DIFFRACTION' ? 
p_hb_or_metal_coord ?     ?     ? ? 'X-RAY DIFFRACTION' ? 
p_mcbond_it         1.060 1.500 ? ? 'X-RAY DIFFRACTION' ? 
p_mcangle_it        1.586 1.500 ? ? 'X-RAY DIFFRACTION' ? 
p_scbond_it         0.936 1.000 ? ? 'X-RAY DIFFRACTION' ? 
p_scangle_it        1.527 1.500 ? ? 'X-RAY DIFFRACTION' ? 
p_plane_restr       0.019 0.020 ? ? 'X-RAY DIFFRACTION' ? 
p_chiral_restr      0.240 0.150 ? ? 'X-RAY DIFFRACTION' ? 
p_singtor_nbd       0.243 0.500 ? ? 'X-RAY DIFFRACTION' ? 
p_multtor_nbd       0.271 0.500 ? ? 'X-RAY DIFFRACTION' ? 
p_xhyhbond_nbd      ?     ?     ? ? 'X-RAY DIFFRACTION' ? 
p_xyhbond_nbd       0.270 0.500 ? ? 'X-RAY DIFFRACTION' ? 
p_planar_tor        3.1   3.0   ? ? 'X-RAY DIFFRACTION' ? 
p_staggered_tor     21.3  15.0  ? ? 'X-RAY DIFFRACTION' ? 
p_orthonormal_tor   ?     ?     ? ? 'X-RAY DIFFRACTION' ? 
p_transverse_tor    21.6  20.0  ? ? 'X-RAY DIFFRACTION' ? 
p_special_tor       ?     ?     ? ? 'X-RAY DIFFRACTION' ? 
# 
_pdbx_refine.entry_id                                    1HFR 
_pdbx_refine.R_factor_all_no_cutoff                      ? 
_pdbx_refine.R_factor_obs_no_cutoff                      0.1995000 
_pdbx_refine.free_R_factor_no_cutoff                     ? 
_pdbx_refine.free_R_val_test_set_size_perc_no_cutoff     ? 
_pdbx_refine.free_R_val_test_set_ct_no_cutoff            ? 
_pdbx_refine.R_factor_all_4sig_cutoff                    ? 
_pdbx_refine.R_factor_obs_4sig_cutoff                    ? 
_pdbx_refine.free_R_factor_4sig_cutoff                   ? 
_pdbx_refine.free_R_val_test_set_size_perc_4sig_cutoff   ? 
_pdbx_refine.free_R_val_test_set_ct_4sig_cutoff          ? 
_pdbx_refine.number_reflns_obs_4sig_cutoff               ? 
_pdbx_refine.pdbx_refine_id                              'X-RAY DIFFRACTION' 
_pdbx_refine.free_R_error_no_cutoff                      ? 
# 
_struct.entry_id                  1HFR 
_struct.title                     
'COMPARISON OF TERNARY CRYSTAL COMPLEXES OF HUMAN DIHYDROFOLATE REDUCTASE WITH NADPH AND A CLASSICAL ANTITUMOR FUROPYRIMDINE' 
_struct.pdbx_model_details        ? 
_struct.pdbx_CASP_flag            ? 
_struct.pdbx_model_type_details   ? 
# 
_struct_keywords.entry_id        1HFR 
_struct_keywords.pdbx_keywords   OXIDOREDUCTASE 
_struct_keywords.text            'OXIDOREDUCTASE, ONE-CARBON METABOLISM' 
# 
loop_
_struct_asym.id 
_struct_asym.pdbx_blank_PDB_chainid_flag 
_struct_asym.pdbx_modified 
_struct_asym.entity_id 
_struct_asym.details 
A N N 1 ? 
B N N 2 ? 
C N N 3 ? 
D N N 4 ? 
# 
_struct_ref.id                         1 
_struct_ref.db_name                    UNP 
_struct_ref.db_code                    DYR_HUMAN 
_struct_ref.entity_id                  1 
_struct_ref.pdbx_db_accession          P00374 
_struct_ref.pdbx_align_begin           1 
_struct_ref.pdbx_seq_one_letter_code   
;VGSLNCIVAVSQNMGIGKNGDLPWPPLRNEFRYFQRMTTTSSVEGKQNLVIMGKKTWFSIPEKNRPLKGRINLVLSRELK
EPPQGAHFLSRSLDDALKLTEQPELANKVDMVWIVGGSSVYKEAMNHPGHLKLFVTRIMQDFESDTFFPEIDLEKYKLLP
EYPGVLSDVQEEKGIKYKFEVYEKND
;
_struct_ref.pdbx_db_isoform            ? 
# 
_struct_ref_seq.align_id                      1 
_struct_ref_seq.ref_id                        1 
_struct_ref_seq.pdbx_PDB_id_code              1HFR 
_struct_ref_seq.pdbx_strand_id                A 
_struct_ref_seq.seq_align_beg                 1 
_struct_ref_seq.pdbx_seq_align_beg_ins_code   ? 
_struct_ref_seq.seq_align_end                 186 
_struct_ref_seq.pdbx_seq_align_end_ins_code   ? 
_struct_ref_seq.pdbx_db_accession             P00374 
_struct_ref_seq.db_align_beg                  1 
_struct_ref_seq.pdbx_db_align_beg_ins_code    ? 
_struct_ref_seq.db_align_end                  186 
_struct_ref_seq.pdbx_db_align_end_ins_code    ? 
_struct_ref_seq.pdbx_auth_seq_align_beg       1 
_struct_ref_seq.pdbx_auth_seq_align_end       186 
# 
_pdbx_struct_assembly.id                   1 
_pdbx_struct_assembly.details              author_defined_assembly 
_pdbx_struct_assembly.method_details       ? 
_pdbx_struct_assembly.oligomeric_details   monomeric 
_pdbx_struct_assembly.oligomeric_count     1 
# 
_pdbx_struct_assembly_gen.assembly_id       1 
_pdbx_struct_assembly_gen.oper_expression   1 
_pdbx_struct_assembly_gen.asym_id_list      A,B,C,D 
# 
_pdbx_struct_oper_list.id                   1 
_pdbx_struct_oper_list.type                 'identity operation' 
_pdbx_struct_oper_list.name                 1_555 
_pdbx_struct_oper_list.symmetry_operation   x,y,z 
_pdbx_struct_oper_list.matrix[1][1]         1.0000000000 
_pdbx_struct_oper_list.matrix[1][2]         0.0000000000 
_pdbx_struct_oper_list.matrix[1][3]         0.0000000000 
_pdbx_struct_oper_list.vector[1]            0.0000000000 
_pdbx_struct_oper_list.matrix[2][1]         0.0000000000 
_pdbx_struct_oper_list.matrix[2][2]         1.0000000000 
_pdbx_struct_oper_list.matrix[2][3]         0.0000000000 
_pdbx_struct_oper_list.vector[2]            0.0000000000 
_pdbx_struct_oper_list.matrix[3][1]         0.0000000000 
_pdbx_struct_oper_list.matrix[3][2]         0.0000000000 
_pdbx_struct_oper_list.matrix[3][3]         1.0000000000 
_pdbx_struct_oper_list.vector[3]            0.0000000000 
# 
_struct_biol.id   1 
# 
loop_
_struct_conf.conf_type_id 
_struct_conf.id 
_struct_conf.pdbx_PDB_helix_id 
_struct_conf.beg_label_comp_id 
_struct_conf.beg_label_asym_id 
_struct_conf.beg_label_seq_id 
_struct_conf.pdbx_beg_PDB_ins_code 
_struct_conf.end_label_comp_id 
_struct_conf.end_label_asym_id 
_struct_conf.end_label_seq_id 
_struct_conf.pdbx_end_PDB_ins_code 
_struct_conf.beg_auth_comp_id 
_struct_conf.beg_auth_asym_id 
_struct_conf.beg_auth_seq_id 
_struct_conf.end_auth_comp_id 
_struct_conf.end_auth_asym_id 
_struct_conf.end_auth_seq_id 
_struct_conf.pdbx_PDB_helix_class 
_struct_conf.details 
_struct_conf.pdbx_PDB_helix_length 
HELX_P HELX_P1 1 ARG A 28  ? THR A 39  ? ARG A 28  THR A 39  1 ? 12 
HELX_P HELX_P2 2 LYS A 54  ? SER A 59  ? LYS A 54  SER A 59  1 ? 6  
HELX_P HELX_P3 3 GLU A 62  ? ASN A 64  ? GLU A 62  ASN A 64  5 ? 3  
HELX_P HELX_P4 4 LEU A 93  ? GLU A 101 ? LEU A 93  GLU A 101 1 ? 9  
HELX_P HELX_P5 5 PRO A 103 ? ALA A 106 ? PRO A 103 ALA A 106 1 ? 4  
HELX_P HELX_P6 6 SER A 118 ? ALA A 124 ? SER A 118 ALA A 124 1 ? 7  
# 
_struct_conf_type.id          HELX_P 
_struct_conf_type.criteria    ? 
_struct_conf_type.reference   ? 
# 
loop_
_struct_mon_prot_cis.pdbx_id 
_struct_mon_prot_cis.label_comp_id 
_struct_mon_prot_cis.label_seq_id 
_struct_mon_prot_cis.label_asym_id 
_struct_mon_prot_cis.label_alt_id 
_struct_mon_prot_cis.pdbx_PDB_ins_code 
_struct_mon_prot_cis.auth_comp_id 
_struct_mon_prot_cis.auth_seq_id 
_struct_mon_prot_cis.auth_asym_id 
_struct_mon_prot_cis.pdbx_label_comp_id_2 
_struct_mon_prot_cis.pdbx_label_seq_id_2 
_struct_mon_prot_cis.pdbx_label_asym_id_2 
_struct_mon_prot_cis.pdbx_PDB_ins_code_2 
_struct_mon_prot_cis.pdbx_auth_comp_id_2 
_struct_mon_prot_cis.pdbx_auth_seq_id_2 
_struct_mon_prot_cis.pdbx_auth_asym_id_2 
_struct_mon_prot_cis.pdbx_PDB_model_num 
_struct_mon_prot_cis.pdbx_omega_angle 
1 ARG 65  A . ? ARG 65  A PRO 66  A ? PRO 66  A 1 -5.73 
2 GLY 116 A . ? GLY 116 A GLY 117 A ? GLY 117 A 1 1.43  
# 
_struct_sheet.id               A 
_struct_sheet.type             ? 
_struct_sheet.number_strands   8 
_struct_sheet.details          ? 
# 
loop_
_struct_sheet_order.sheet_id 
_struct_sheet_order.range_id_1 
_struct_sheet_order.range_id_2 
_struct_sheet_order.offset 
_struct_sheet_order.sense 
A 1 2 ? anti-parallel 
A 2 3 ? anti-parallel 
A 3 4 ? parallel      
A 4 5 ? parallel      
A 5 6 ? parallel      
A 6 7 ? parallel      
A 7 8 ? parallel      
# 
loop_
_struct_sheet_range.sheet_id 
_struct_sheet_range.id 
_struct_sheet_range.beg_label_comp_id 
_struct_sheet_range.beg_label_asym_id 
_struct_sheet_range.beg_label_seq_id 
_struct_sheet_range.pdbx_beg_PDB_ins_code 
_struct_sheet_range.end_label_comp_id 
_struct_sheet_range.end_label_asym_id 
_struct_sheet_range.end_label_seq_id 
_struct_sheet_range.pdbx_end_PDB_ins_code 
_struct_sheet_range.beg_auth_comp_id 
_struct_sheet_range.beg_auth_asym_id 
_struct_sheet_range.beg_auth_seq_id 
_struct_sheet_range.end_auth_comp_id 
_struct_sheet_range.end_auth_asym_id 
_struct_sheet_range.end_auth_seq_id 
A 1 GLN A 170 ? GLU A 172 ? GLN A 170 GLU A 172 
A 2 ILE A 175 ? ASN A 185 ? ILE A 175 ASN A 185 
A 3 HIS A 130 ? ILE A 138 ? HIS A 130 ILE A 138 
A 4 LEU A 4   ? VAL A 10  ? LEU A 4   VAL A 10  
A 5 VAL A 112 ? ILE A 114 ? VAL A 112 ILE A 114 
A 6 LEU A 49  ? GLY A 53  ? LEU A 49  GLY A 53  
A 7 ILE A 71  ? LEU A 75  ? ILE A 71  LEU A 75  
A 8 PHE A 88  ? SER A 90  ? PHE A 88  SER A 90  
# 
loop_
_pdbx_struct_sheet_hbond.sheet_id 
_pdbx_struct_sheet_hbond.range_id_1 
_pdbx_struct_sheet_hbond.range_id_2 
_pdbx_struct_sheet_hbond.range_1_label_atom_id 
_pdbx_struct_sheet_hbond.range_1_label_comp_id 
_pdbx_struct_sheet_hbond.range_1_label_asym_id 
_pdbx_struct_sheet_hbond.range_1_label_seq_id 
_pdbx_struct_sheet_hbond.range_1_PDB_ins_code 
_pdbx_struct_sheet_hbond.range_1_auth_atom_id 
_pdbx_struct_sheet_hbond.range_1_auth_comp_id 
_pdbx_struct_sheet_hbond.range_1_auth_asym_id 
_pdbx_struct_sheet_hbond.range_1_auth_seq_id 
_pdbx_struct_sheet_hbond.range_2_label_atom_id 
_pdbx_struct_sheet_hbond.range_2_label_comp_id 
_pdbx_struct_sheet_hbond.range_2_label_asym_id 
_pdbx_struct_sheet_hbond.range_2_label_seq_id 
_pdbx_struct_sheet_hbond.range_2_PDB_ins_code 
_pdbx_struct_sheet_hbond.range_2_auth_atom_id 
_pdbx_struct_sheet_hbond.range_2_auth_comp_id 
_pdbx_struct_sheet_hbond.range_2_auth_asym_id 
_pdbx_struct_sheet_hbond.range_2_auth_seq_id 
A 1 2 O GLN A 170 ? O GLN A 170 N TYR A 177 ? N TYR A 177 
A 2 3 O LYS A 178 ? O LYS A 178 N ARG A 137 ? N ARG A 137 
A 3 4 O LYS A 132 ? O LYS A 132 N CYS A 6   ? N CYS A 6   
A 4 5 O ASN A 5   ? O ASN A 5   N VAL A 112 ? N VAL A 112 
A 5 6 O TRP A 113 ? O TRP A 113 N LEU A 49  ? N LEU A 49  
A 6 7 O VAL A 50  ? O VAL A 50  N ILE A 71  ? N ILE A 71  
A 7 8 O VAL A 74  ? O VAL A 74  N PHE A 88  ? N PHE A 88  
# 
loop_
_struct_site.id 
_struct_site.pdbx_evidence_code 
_struct_site.pdbx_auth_asym_id 
_struct_site.pdbx_auth_comp_id 
_struct_site.pdbx_auth_seq_id 
_struct_site.pdbx_auth_ins_code 
_struct_site.pdbx_num_residues 
_struct_site.details 
AC1 Software A NDP 187 ? 29 'BINDING SITE FOR RESIDUE NDP A 187' 
AC2 Software A MOT 188 ? 15 'BINDING SITE FOR RESIDUE MOT A 188' 
# 
loop_
_struct_site_gen.id 
_struct_site_gen.site_id 
_struct_site_gen.pdbx_num_res 
_struct_site_gen.label_comp_id 
_struct_site_gen.label_asym_id 
_struct_site_gen.label_seq_id 
_struct_site_gen.pdbx_auth_ins_code 
_struct_site_gen.auth_comp_id 
_struct_site_gen.auth_asym_id 
_struct_site_gen.auth_seq_id 
_struct_site_gen.label_atom_id 
_struct_site_gen.label_alt_id 
_struct_site_gen.symmetry 
_struct_site_gen.details 
1  AC1 29 VAL A 8   ? VAL A 8   . ? 1_555 ? 
2  AC1 29 ALA A 9   ? ALA A 9   . ? 1_555 ? 
3  AC1 29 ILE A 16  ? ILE A 16  . ? 1_555 ? 
4  AC1 29 GLY A 17  ? GLY A 17  . ? 1_555 ? 
5  AC1 29 GLY A 20  ? GLY A 20  . ? 1_555 ? 
6  AC1 29 ASP A 21  ? ASP A 21  . ? 1_555 ? 
7  AC1 29 LEU A 22  ? LEU A 22  . ? 1_555 ? 
8  AC1 29 GLY A 53  ? GLY A 53  . ? 1_555 ? 
9  AC1 29 LYS A 54  ? LYS A 54  . ? 1_555 ? 
10 AC1 29 LYS A 55  ? LYS A 55  . ? 1_555 ? 
11 AC1 29 THR A 56  ? THR A 56  . ? 1_555 ? 
12 AC1 29 SER A 59  ? SER A 59  . ? 1_555 ? 
13 AC1 29 LEU A 75  ? LEU A 75  . ? 1_555 ? 
14 AC1 29 SER A 76  ? SER A 76  . ? 1_555 ? 
15 AC1 29 ARG A 77  ? ARG A 77  . ? 1_555 ? 
16 AC1 29 GLU A 78  ? GLU A 78  . ? 1_555 ? 
17 AC1 29 ARG A 91  ? ARG A 91  . ? 1_555 ? 
18 AC1 29 SER A 92  ? SER A 92  . ? 1_555 ? 
19 AC1 29 VAL A 115 ? VAL A 115 . ? 1_555 ? 
20 AC1 29 GLY A 116 ? GLY A 116 . ? 1_555 ? 
21 AC1 29 GLY A 117 ? GLY A 117 . ? 1_555 ? 
22 AC1 29 SER A 118 ? SER A 118 . ? 1_555 ? 
23 AC1 29 SER A 119 ? SER A 119 . ? 1_555 ? 
24 AC1 29 VAL A 120 ? VAL A 120 . ? 1_555 ? 
25 AC1 29 TYR A 121 ? TYR A 121 . ? 1_555 ? 
26 AC1 29 GLU A 123 ? GLU A 123 . ? 1_555 ? 
27 AC1 29 THR A 146 ? THR A 146 . ? 1_555 ? 
28 AC1 29 MOT C .   ? MOT A 188 . ? 1_555 ? 
29 AC1 29 HOH D .   ? HOH A 194 . ? 1_555 ? 
30 AC2 15 ILE A 7   ? ILE A 7   . ? 1_555 ? 
31 AC2 15 VAL A 8   ? VAL A 8   . ? 1_555 ? 
32 AC2 15 ALA A 9   ? ALA A 9   . ? 1_555 ? 
33 AC2 15 LEU A 22  ? LEU A 22  . ? 1_555 ? 
34 AC2 15 GLU A 30  ? GLU A 30  . ? 1_555 ? 
35 AC2 15 PHE A 31  ? PHE A 31  . ? 1_555 ? 
36 AC2 15 PHE A 34  ? PHE A 34  . ? 1_555 ? 
37 AC2 15 GLN A 35  ? GLN A 35  . ? 1_555 ? 
38 AC2 15 SER A 59  ? SER A 59  . ? 1_555 ? 
39 AC2 15 ASN A 64  ? ASN A 64  . ? 1_555 ? 
40 AC2 15 LEU A 67  ? LEU A 67  . ? 1_555 ? 
41 AC2 15 ARG A 70  ? ARG A 70  . ? 1_555 ? 
42 AC2 15 VAL A 115 ? VAL A 115 . ? 1_555 ? 
43 AC2 15 THR A 136 ? THR A 136 . ? 1_555 ? 
44 AC2 15 NDP B .   ? NDP A 187 . ? 1_555 ? 
# 
loop_
_pdbx_validate_close_contact.id 
_pdbx_validate_close_contact.PDB_model_num 
_pdbx_validate_close_contact.auth_atom_id_1 
_pdbx_validate_close_contact.auth_asym_id_1 
_pdbx_validate_close_contact.auth_comp_id_1 
_pdbx_validate_close_contact.auth_seq_id_1 
_pdbx_validate_close_contact.PDB_ins_code_1 
_pdbx_validate_close_contact.label_alt_id_1 
_pdbx_validate_close_contact.auth_atom_id_2 
_pdbx_validate_close_contact.auth_asym_id_2 
_pdbx_validate_close_contact.auth_comp_id_2 
_pdbx_validate_close_contact.auth_seq_id_2 
_pdbx_validate_close_contact.PDB_ins_code_2 
_pdbx_validate_close_contact.label_alt_id_2 
_pdbx_validate_close_contact.dist 
1 1 CG1 A VAL 1  ? ? O A VAL 109 ? ? 2.02 
2 1 NZ  A LYS 98 ? ? O A HOH 207 ? ? 2.18 
# 
loop_
_pdbx_validate_rmsd_bond.id 
_pdbx_validate_rmsd_bond.PDB_model_num 
_pdbx_validate_rmsd_bond.auth_atom_id_1 
_pdbx_validate_rmsd_bond.auth_asym_id_1 
_pdbx_validate_rmsd_bond.auth_comp_id_1 
_pdbx_validate_rmsd_bond.auth_seq_id_1 
_pdbx_validate_rmsd_bond.PDB_ins_code_1 
_pdbx_validate_rmsd_bond.label_alt_id_1 
_pdbx_validate_rmsd_bond.auth_atom_id_2 
_pdbx_validate_rmsd_bond.auth_asym_id_2 
_pdbx_validate_rmsd_bond.auth_comp_id_2 
_pdbx_validate_rmsd_bond.auth_seq_id_2 
_pdbx_validate_rmsd_bond.PDB_ins_code_2 
_pdbx_validate_rmsd_bond.label_alt_id_2 
_pdbx_validate_rmsd_bond.bond_value 
_pdbx_validate_rmsd_bond.bond_target_value 
_pdbx_validate_rmsd_bond.bond_deviation 
_pdbx_validate_rmsd_bond.bond_standard_deviation 
_pdbx_validate_rmsd_bond.linker_flag 
1 1 CD A GLU 172 ? ? OE2 A GLU 172 ? ? 1.172 1.252 -0.080 0.011 N 
2 1 CG A GLU 180 ? ? CD  A GLU 180 ? ? 1.402 1.515 -0.113 0.015 N 
# 
loop_
_pdbx_validate_rmsd_angle.id 
_pdbx_validate_rmsd_angle.PDB_model_num 
_pdbx_validate_rmsd_angle.auth_atom_id_1 
_pdbx_validate_rmsd_angle.auth_asym_id_1 
_pdbx_validate_rmsd_angle.auth_comp_id_1 
_pdbx_validate_rmsd_angle.auth_seq_id_1 
_pdbx_validate_rmsd_angle.PDB_ins_code_1 
_pdbx_validate_rmsd_angle.label_alt_id_1 
_pdbx_validate_rmsd_angle.auth_atom_id_2 
_pdbx_validate_rmsd_angle.auth_asym_id_2 
_pdbx_validate_rmsd_angle.auth_comp_id_2 
_pdbx_validate_rmsd_angle.auth_seq_id_2 
_pdbx_validate_rmsd_angle.PDB_ins_code_2 
_pdbx_validate_rmsd_angle.label_alt_id_2 
_pdbx_validate_rmsd_angle.auth_atom_id_3 
_pdbx_validate_rmsd_angle.auth_asym_id_3 
_pdbx_validate_rmsd_angle.auth_comp_id_3 
_pdbx_validate_rmsd_angle.auth_seq_id_3 
_pdbx_validate_rmsd_angle.PDB_ins_code_3 
_pdbx_validate_rmsd_angle.label_alt_id_3 
_pdbx_validate_rmsd_angle.angle_value 
_pdbx_validate_rmsd_angle.angle_target_value 
_pdbx_validate_rmsd_angle.angle_deviation 
_pdbx_validate_rmsd_angle.angle_standard_deviation 
_pdbx_validate_rmsd_angle.linker_flag 
1  1 CB  A VAL 1   ? ? CA  A VAL 1   ? ? C   A VAL 1   ? ? 127.98 111.40 16.58  1.90 N 
2  1 CA  A VAL 1   ? ? CB  A VAL 1   ? ? CG1 A VAL 1   ? ? 127.72 110.90 16.82  1.50 N 
3  1 CB  A LEU 4   ? ? CG  A LEU 4   ? ? CD2 A LEU 4   ? ? 97.95  111.00 -13.05 1.70 N 
4  1 N   A CYS 6   ? ? CA  A CYS 6   ? ? CB  A CYS 6   ? ? 120.56 110.80 9.76   1.50 N 
5  1 O   A SER 11  ? ? C   A SER 11  ? ? N   A GLN 12  ? ? 111.98 122.70 -10.72 1.60 Y 
6  1 CG  A GLN 12  ? ? CD  A GLN 12  ? ? OE1 A GLN 12  ? ? 109.24 121.60 -12.36 2.00 N 
7  1 CB  A ASP 21  ? ? CG  A ASP 21  ? ? OD1 A ASP 21  ? ? 125.55 118.30 7.25   0.90 N 
8  1 CB  A ASP 21  ? ? CG  A ASP 21  ? ? OD2 A ASP 21  ? ? 108.42 118.30 -9.88  0.90 N 
9  1 CB  A PRO 25  ? ? CA  A PRO 25  ? ? C   A PRO 25  ? ? 127.88 111.70 16.18  2.10 N 
10 1 NE  A ARG 28  ? ? CZ  A ARG 28  ? ? NH2 A ARG 28  ? ? 125.11 120.30 4.81   0.50 N 
11 1 OE1 A GLU 30  ? ? CD  A GLU 30  ? ? OE2 A GLU 30  ? ? 114.22 123.30 -9.08  1.20 N 
12 1 CA  A ARG 32  ? ? CB  A ARG 32  ? ? CG  A ARG 32  ? ? 100.17 113.40 -13.23 2.20 N 
13 1 NE  A ARG 32  ? ? CZ  A ARG 32  ? ? NH2 A ARG 32  ? ? 116.53 120.30 -3.77  0.50 N 
14 1 CB  A TYR 33  ? ? CG  A TYR 33  ? ? CD2 A TYR 33  ? ? 125.23 121.00 4.23   0.60 N 
15 1 NE  A ARG 36  ? ? CZ  A ARG 36  ? ? NH2 A ARG 36  ? ? 124.32 120.30 4.02   0.50 N 
16 1 CB  A LEU 49  ? ? CG  A LEU 49  ? ? CD1 A LEU 49  ? ? 100.43 111.00 -10.57 1.70 N 
17 1 CA  A THR 56  ? ? CB  A THR 56  ? ? OG1 A THR 56  ? ? 94.03  109.00 -14.97 2.10 N 
18 1 CB  A PHE 58  ? ? CG  A PHE 58  ? ? CD2 A PHE 58  ? ? 116.15 120.80 -4.65  0.70 N 
19 1 CD1 A PHE 58  ? ? CG  A PHE 58  ? ? CD2 A PHE 58  ? ? 126.24 118.30 7.94   1.30 N 
20 1 CD1 A PHE 58  ? ? CE1 A PHE 58  ? ? CZ  A PHE 58  ? ? 112.77 120.10 -7.33  1.20 N 
21 1 CD  A ARG 65  ? ? NE  A ARG 65  ? ? CZ  A ARG 65  ? ? 136.22 123.60 12.62  1.40 N 
22 1 N   A PRO 66  ? ? CD  A PRO 66  ? ? CG  A PRO 66  ? ? 93.11  103.80 -10.69 1.20 N 
23 1 NH1 A ARG 70  ? ? CZ  A ARG 70  ? ? NH2 A ARG 70  ? ? 128.41 119.40 9.01   1.10 N 
24 1 NE  A ARG 70  ? ? CZ  A ARG 70  ? ? NH2 A ARG 70  ? ? 112.35 120.30 -7.95  0.50 N 
25 1 CA  A ASN 72  ? ? C   A ASN 72  ? ? O   A ASN 72  ? ? 107.30 120.10 -12.80 2.10 N 
26 1 O   A ASN 72  ? ? C   A ASN 72  ? ? N   A LEU 73  ? ? 134.43 122.70 11.73  1.60 Y 
27 1 CA  A ARG 77  ? ? CB  A ARG 77  ? ? CG  A ARG 77  ? ? 96.73  113.40 -16.67 2.20 N 
28 1 CG  A ARG 77  ? ? CD  A ARG 77  ? ? NE  A ARG 77  ? ? 99.09  111.80 -12.71 2.10 N 
29 1 CD  A ARG 77  ? ? NE  A ARG 77  ? ? CZ  A ARG 77  ? ? 107.60 123.60 -16.00 1.40 N 
30 1 NH1 A ARG 77  ? ? CZ  A ARG 77  ? ? NH2 A ARG 77  ? ? 130.79 119.40 11.39  1.10 N 
31 1 NE  A ARG 77  ? ? CZ  A ARG 77  ? ? NH1 A ARG 77  ? ? 113.04 120.30 -7.26  0.50 N 
32 1 NE  A ARG 77  ? ? CZ  A ARG 77  ? ? NH2 A ARG 77  ? ? 115.43 120.30 -4.87  0.50 N 
33 1 CA  A GLU 78  ? ? CB  A GLU 78  ? ? CG  A GLU 78  ? ? 129.56 113.40 16.16  2.20 N 
34 1 CG  A HIS 87  ? ? ND1 A HIS 87  ? ? CE1 A HIS 87  ? ? 116.33 109.00 7.33   1.00 N 
35 1 ND1 A HIS 87  ? ? CE1 A HIS 87  ? ? NE2 A HIS 87  ? ? 100.79 108.50 -7.71  1.10 N 
36 1 CE1 A HIS 87  ? ? NE2 A HIS 87  ? ? CD2 A HIS 87  ? ? 113.71 109.00 4.71   0.70 N 
37 1 N   A SER 90  ? ? CA  A SER 90  ? ? CB  A SER 90  ? ? 120.80 110.50 10.30  1.50 N 
38 1 CA  A ARG 91  ? ? CB  A ARG 91  ? ? CG  A ARG 91  ? ? 96.89  113.40 -16.51 2.20 N 
39 1 CD  A ARG 91  ? ? NE  A ARG 91  ? ? CZ  A ARG 91  ? ? 112.09 123.60 -11.51 1.40 N 
40 1 NH1 A ARG 91  ? ? CZ  A ARG 91  ? ? NH2 A ARG 91  ? ? 127.28 119.40 7.88   1.10 N 
41 1 NE  A ARG 91  ? ? CZ  A ARG 91  ? ? NH1 A ARG 91  ? ? 116.06 120.30 -4.24  0.50 N 
42 1 NE  A ARG 91  ? ? CZ  A ARG 91  ? ? NH2 A ARG 91  ? ? 116.66 120.30 -3.64  0.50 N 
43 1 CB  A LEU 93  ? ? CG  A LEU 93  ? ? CD2 A LEU 93  ? ? 100.49 111.00 -10.51 1.70 N 
44 1 CB  A LEU 97  ? ? CG  A LEU 97  ? ? CD2 A LEU 97  ? ? 99.14  111.00 -11.86 1.70 N 
45 1 CB  A GLU 101 ? ? CG  A GLU 101 ? ? CD  A GLU 101 ? ? 130.48 114.20 16.28  2.70 N 
46 1 CB  A ASP 110 ? ? CA  A ASP 110 ? ? C   A ASP 110 ? ? 124.98 110.40 14.58  2.00 N 
47 1 OD1 A ASP 110 ? ? CG  A ASP 110 ? ? OD2 A ASP 110 ? ? 107.72 123.30 -15.58 1.90 N 
48 1 CB  A ASP 110 ? ? CG  A ASP 110 ? ? OD2 A ASP 110 ? ? 134.30 118.30 16.00  0.90 N 
49 1 O   A ASP 110 ? ? C   A ASP 110 ? ? N   A MET 111 ? ? 112.05 122.70 -10.65 1.60 Y 
50 1 CG1 A VAL 112 ? ? CB  A VAL 112 ? ? CG2 A VAL 112 ? ? 123.76 110.90 12.86  1.60 N 
51 1 CA  A VAL 112 ? ? CB  A VAL 112 ? ? CG1 A VAL 112 ? ? 120.08 110.90 9.18   1.50 N 
52 1 CA  A VAL 112 ? ? CB  A VAL 112 ? ? CG2 A VAL 112 ? ? 101.09 110.90 -9.81  1.50 N 
53 1 C   A GLY 116 ? ? N   A GLY 117 ? ? CA  A GLY 117 ? ? 144.80 122.30 22.50  2.10 Y 
54 1 OE1 A GLU 123 ? ? CD  A GLU 123 ? ? OE2 A GLU 123 ? ? 134.98 123.30 11.68  1.20 N 
55 1 CA  A MET 125 ? ? CB  A MET 125 ? ? CG  A MET 125 ? ? 102.19 113.30 -11.11 1.70 N 
56 1 CA  A ASN 126 ? ? CB  A ASN 126 ? ? CG  A ASN 126 ? ? 128.30 113.40 14.90  2.20 N 
57 1 CA  A LEU 133 ? ? CB  A LEU 133 ? ? CG  A LEU 133 ? ? 132.87 115.30 17.57  2.30 N 
58 1 CB  A LEU 133 ? ? CG  A LEU 133 ? ? CD1 A LEU 133 ? ? 123.42 111.00 12.42  1.70 N 
59 1 CA  A ASP 141 ? ? CB  A ASP 141 ? ? CG  A ASP 141 ? ? 92.16  113.40 -21.24 2.20 N 
60 1 CB  A ASP 141 ? ? CG  A ASP 141 ? ? OD1 A ASP 141 ? ? 104.83 118.30 -13.47 0.90 N 
61 1 CB  A ASP 141 ? ? CG  A ASP 141 ? ? OD2 A ASP 141 ? ? 127.34 118.30 9.04   0.90 N 
62 1 CB  A ASP 145 ? ? CG  A ASP 145 ? ? OD1 A ASP 145 ? ? 125.97 118.30 7.67   0.90 N 
63 1 CA  A THR 146 ? ? CB  A THR 146 ? ? CG2 A THR 146 ? ? 125.43 112.40 13.03  1.40 N 
64 1 CG  A PHE 147 ? ? CD1 A PHE 147 ? ? CE1 A PHE 147 ? ? 128.97 120.80 8.17   1.10 N 
65 1 CB  A GLU 154 ? ? CG  A GLU 154 ? ? CD  A GLU 154 ? ? 131.83 114.20 17.63  2.70 N 
66 1 OE1 A GLU 154 ? ? CD  A GLU 154 ? ? OE2 A GLU 154 ? ? 111.56 123.30 -11.74 1.20 N 
67 1 CG  A GLU 154 ? ? CD  A GLU 154 ? ? OE1 A GLU 154 ? ? 133.32 118.30 15.02  2.00 N 
68 1 CA  A ASP 168 ? ? CB  A ASP 168 ? ? CG  A ASP 168 ? ? 98.91  113.40 -14.49 2.20 N 
69 1 CB  A ASP 168 ? ? CG  A ASP 168 ? ? OD1 A ASP 168 ? ? 112.09 118.30 -6.21  0.90 N 
70 1 CA  A VAL 169 ? ? CB  A VAL 169 ? ? CG2 A VAL 169 ? ? 122.77 110.90 11.87  1.50 N 
71 1 O   A TYR 177 ? ? C   A TYR 177 ? ? N   A LYS 178 ? ? 132.61 122.70 9.91   1.60 Y 
72 1 OE1 A GLU 180 ? ? CD  A GLU 180 ? ? OE2 A GLU 180 ? ? 114.77 123.30 -8.53  1.20 N 
73 1 CG  A GLU 180 ? ? CD  A GLU 180 ? ? OE2 A GLU 180 ? ? 132.72 118.30 14.42  2.00 N 
74 1 CA  A VAL 181 ? ? CB  A VAL 181 ? ? CG2 A VAL 181 ? ? 124.45 110.90 13.55  1.50 N 
75 1 CB  A TYR 182 ? ? CG  A TYR 182 ? ? CD2 A TYR 182 ? ? 116.21 121.00 -4.79  0.60 N 
76 1 OE1 A GLU 183 ? ? CD  A GLU 183 ? ? OE2 A GLU 183 ? ? 130.87 123.30 7.57   1.20 N 
77 1 CD  A LYS 184 ? ? CE  A LYS 184 ? ? NZ  A LYS 184 ? ? 97.87  111.70 -13.83 2.30 N 
78 1 CA  A ASP 186 ? ? C   A ASP 186 ? ? O   A ASP 186 ? ? 103.77 120.10 -16.33 2.10 N 
# 
loop_
_pdbx_validate_torsion.id 
_pdbx_validate_torsion.PDB_model_num 
_pdbx_validate_torsion.auth_comp_id 
_pdbx_validate_torsion.auth_asym_id 
_pdbx_validate_torsion.auth_seq_id 
_pdbx_validate_torsion.PDB_ins_code 
_pdbx_validate_torsion.label_alt_id 
_pdbx_validate_torsion.phi 
_pdbx_validate_torsion.psi 
1 1 GLU A 104 ? ? -39.13  -74.46 
2 1 ASP A 110 ? ? -81.56  -84.51 
3 1 MET A 139 ? ? -79.90  42.18  
4 1 LYS A 173 ? ? 46.07   28.73  
5 1 ASN A 185 ? ? -167.71 104.07 
# 
_pdbx_validate_planes.id              1 
_pdbx_validate_planes.PDB_model_num   1 
_pdbx_validate_planes.auth_comp_id    ARG 
_pdbx_validate_planes.auth_asym_id    A 
_pdbx_validate_planes.auth_seq_id     77 
_pdbx_validate_planes.PDB_ins_code    ? 
_pdbx_validate_planes.label_alt_id    ? 
_pdbx_validate_planes.rmsd            0.109 
_pdbx_validate_planes.type            'SIDE CHAIN' 
# 
_pdbx_validate_main_chain_plane.id                       1 
_pdbx_validate_main_chain_plane.PDB_model_num            1 
_pdbx_validate_main_chain_plane.auth_comp_id             MET 
_pdbx_validate_main_chain_plane.auth_asym_id             A 
_pdbx_validate_main_chain_plane.auth_seq_id              52 
_pdbx_validate_main_chain_plane.PDB_ins_code             ? 
_pdbx_validate_main_chain_plane.label_alt_id             ? 
_pdbx_validate_main_chain_plane.improper_torsion_angle   -10.25 
# 
loop_
_chem_comp_atom.comp_id 
_chem_comp_atom.atom_id 
_chem_comp_atom.type_symbol 
_chem_comp_atom.pdbx_aromatic_flag 
_chem_comp_atom.pdbx_stereo_config 
_chem_comp_atom.pdbx_ordinal 
ALA N    N N N 1   
ALA CA   C N S 2   
ALA C    C N N 3   
ALA O    O N N 4   
ALA CB   C N N 5   
ALA OXT  O N N 6   
ALA H    H N N 7   
ALA H2   H N N 8   
ALA HA   H N N 9   
ALA HB1  H N N 10  
ALA HB2  H N N 11  
ALA HB3  H N N 12  
ALA HXT  H N N 13  
ARG N    N N N 14  
ARG CA   C N S 15  
ARG C    C N N 16  
ARG O    O N N 17  
ARG CB   C N N 18  
ARG CG   C N N 19  
ARG CD   C N N 20  
ARG NE   N N N 21  
ARG CZ   C N N 22  
ARG NH1  N N N 23  
ARG NH2  N N N 24  
ARG OXT  O N N 25  
ARG H    H N N 26  
ARG H2   H N N 27  
ARG HA   H N N 28  
ARG HB2  H N N 29  
ARG HB3  H N N 30  
ARG HG2  H N N 31  
ARG HG3  H N N 32  
ARG HD2  H N N 33  
ARG HD3  H N N 34  
ARG HE   H N N 35  
ARG HH11 H N N 36  
ARG HH12 H N N 37  
ARG HH21 H N N 38  
ARG HH22 H N N 39  
ARG HXT  H N N 40  
ASN N    N N N 41  
ASN CA   C N S 42  
ASN C    C N N 43  
ASN O    O N N 44  
ASN CB   C N N 45  
ASN CG   C N N 46  
ASN OD1  O N N 47  
ASN ND2  N N N 48  
ASN OXT  O N N 49  
ASN H    H N N 50  
ASN H2   H N N 51  
ASN HA   H N N 52  
ASN HB2  H N N 53  
ASN HB3  H N N 54  
ASN HD21 H N N 55  
ASN HD22 H N N 56  
ASN HXT  H N N 57  
ASP N    N N N 58  
ASP CA   C N S 59  
ASP C    C N N 60  
ASP O    O N N 61  
ASP CB   C N N 62  
ASP CG   C N N 63  
ASP OD1  O N N 64  
ASP OD2  O N N 65  
ASP OXT  O N N 66  
ASP H    H N N 67  
ASP H2   H N N 68  
ASP HA   H N N 69  
ASP HB2  H N N 70  
ASP HB3  H N N 71  
ASP HD2  H N N 72  
ASP HXT  H N N 73  
CYS N    N N N 74  
CYS CA   C N R 75  
CYS C    C N N 76  
CYS O    O N N 77  
CYS CB   C N N 78  
CYS SG   S N N 79  
CYS OXT  O N N 80  
CYS H    H N N 81  
CYS H2   H N N 82  
CYS HA   H N N 83  
CYS HB2  H N N 84  
CYS HB3  H N N 85  
CYS HG   H N N 86  
CYS HXT  H N N 87  
GLN N    N N N 88  
GLN CA   C N S 89  
GLN C    C N N 90  
GLN O    O N N 91  
GLN CB   C N N 92  
GLN CG   C N N 93  
GLN CD   C N N 94  
GLN OE1  O N N 95  
GLN NE2  N N N 96  
GLN OXT  O N N 97  
GLN H    H N N 98  
GLN H2   H N N 99  
GLN HA   H N N 100 
GLN HB2  H N N 101 
GLN HB3  H N N 102 
GLN HG2  H N N 103 
GLN HG3  H N N 104 
GLN HE21 H N N 105 
GLN HE22 H N N 106 
GLN HXT  H N N 107 
GLU N    N N N 108 
GLU CA   C N S 109 
GLU C    C N N 110 
GLU O    O N N 111 
GLU CB   C N N 112 
GLU CG   C N N 113 
GLU CD   C N N 114 
GLU OE1  O N N 115 
GLU OE2  O N N 116 
GLU OXT  O N N 117 
GLU H    H N N 118 
GLU H2   H N N 119 
GLU HA   H N N 120 
GLU HB2  H N N 121 
GLU HB3  H N N 122 
GLU HG2  H N N 123 
GLU HG3  H N N 124 
GLU HE2  H N N 125 
GLU HXT  H N N 126 
GLY N    N N N 127 
GLY CA   C N N 128 
GLY C    C N N 129 
GLY O    O N N 130 
GLY OXT  O N N 131 
GLY H    H N N 132 
GLY H2   H N N 133 
GLY HA2  H N N 134 
GLY HA3  H N N 135 
GLY HXT  H N N 136 
HIS N    N N N 137 
HIS CA   C N S 138 
HIS C    C N N 139 
HIS O    O N N 140 
HIS CB   C N N 141 
HIS CG   C Y N 142 
HIS ND1  N Y N 143 
HIS CD2  C Y N 144 
HIS CE1  C Y N 145 
HIS NE2  N Y N 146 
HIS OXT  O N N 147 
HIS H    H N N 148 
HIS H2   H N N 149 
HIS HA   H N N 150 
HIS HB2  H N N 151 
HIS HB3  H N N 152 
HIS HD1  H N N 153 
HIS HD2  H N N 154 
HIS HE1  H N N 155 
HIS HE2  H N N 156 
HIS HXT  H N N 157 
HOH O    O N N 158 
HOH H1   H N N 159 
HOH H2   H N N 160 
ILE N    N N N 161 
ILE CA   C N S 162 
ILE C    C N N 163 
ILE O    O N N 164 
ILE CB   C N S 165 
ILE CG1  C N N 166 
ILE CG2  C N N 167 
ILE CD1  C N N 168 
ILE OXT  O N N 169 
ILE H    H N N 170 
ILE H2   H N N 171 
ILE HA   H N N 172 
ILE HB   H N N 173 
ILE HG12 H N N 174 
ILE HG13 H N N 175 
ILE HG21 H N N 176 
ILE HG22 H N N 177 
ILE HG23 H N N 178 
ILE HD11 H N N 179 
ILE HD12 H N N 180 
ILE HD13 H N N 181 
ILE HXT  H N N 182 
LEU N    N N N 183 
LEU CA   C N S 184 
LEU C    C N N 185 
LEU O    O N N 186 
LEU CB   C N N 187 
LEU CG   C N N 188 
LEU CD1  C N N 189 
LEU CD2  C N N 190 
LEU OXT  O N N 191 
LEU H    H N N 192 
LEU H2   H N N 193 
LEU HA   H N N 194 
LEU HB2  H N N 195 
LEU HB3  H N N 196 
LEU HG   H N N 197 
LEU HD11 H N N 198 
LEU HD12 H N N 199 
LEU HD13 H N N 200 
LEU HD21 H N N 201 
LEU HD22 H N N 202 
LEU HD23 H N N 203 
LEU HXT  H N N 204 
LYS N    N N N 205 
LYS CA   C N S 206 
LYS C    C N N 207 
LYS O    O N N 208 
LYS CB   C N N 209 
LYS CG   C N N 210 
LYS CD   C N N 211 
LYS CE   C N N 212 
LYS NZ   N N N 213 
LYS OXT  O N N 214 
LYS H    H N N 215 
LYS H2   H N N 216 
LYS HA   H N N 217 
LYS HB2  H N N 218 
LYS HB3  H N N 219 
LYS HG2  H N N 220 
LYS HG3  H N N 221 
LYS HD2  H N N 222 
LYS HD3  H N N 223 
LYS HE2  H N N 224 
LYS HE3  H N N 225 
LYS HZ1  H N N 226 
LYS HZ2  H N N 227 
LYS HZ3  H N N 228 
LYS HXT  H N N 229 
MET N    N N N 230 
MET CA   C N S 231 
MET C    C N N 232 
MET O    O N N 233 
MET CB   C N N 234 
MET CG   C N N 235 
MET SD   S N N 236 
MET CE   C N N 237 
MET OXT  O N N 238 
MET H    H N N 239 
MET H2   H N N 240 
MET HA   H N N 241 
MET HB2  H N N 242 
MET HB3  H N N 243 
MET HG2  H N N 244 
MET HG3  H N N 245 
MET HE1  H N N 246 
MET HE2  H N N 247 
MET HE3  H N N 248 
MET HXT  H N N 249 
MOT N1   N Y N 250 
MOT C2   C Y N 251 
MOT NA2  N N N 252 
MOT N3   N Y N 253 
MOT C4   C Y N 254 
MOT NA4  N N N 255 
MOT C4A  C Y N 256 
MOT C6   C Y N 257 
MOT C7   C Y N 258 
MOT O8   O Y N 259 
MOT C8A  C Y N 260 
MOT C9   C N N 261 
MOT N10  N N N 262 
MOT CM   C N N 263 
MOT C11  C Y N 264 
MOT C12  C Y N 265 
MOT C13  C Y N 266 
MOT C14  C Y N 267 
MOT C15  C Y N 268 
MOT C16  C Y N 269 
MOT C    C N N 270 
MOT O    O N N 271 
MOT N    N N N 272 
MOT CA   C N S 273 
MOT CT   C N N 274 
MOT O1   O N N 275 
MOT O2   O N N 276 
MOT CB   C N N 277 
MOT CG   C N N 278 
MOT CD   C N N 279 
MOT OE1  O N N 280 
MOT OE2  O N N 281 
MOT HN21 H N N 282 
MOT HN22 H N N 283 
MOT HN41 H N N 284 
MOT HN42 H N N 285 
MOT H7   H N N 286 
MOT H91  H N N 287 
MOT H92  H N N 288 
MOT HM1  H N N 289 
MOT HM2  H N N 290 
MOT HM3  H N N 291 
MOT H12  H N N 292 
MOT H13  H N N 293 
MOT H15  H N N 294 
MOT H16  H N N 295 
MOT HN   H N N 296 
MOT HA   H N N 297 
MOT HO2  H N N 298 
MOT HB1  H N N 299 
MOT HB2  H N N 300 
MOT HG1  H N N 301 
MOT HG2  H N N 302 
MOT HOE2 H N N 303 
NDP PA   P N S 304 
NDP O1A  O N N 305 
NDP O2A  O N N 306 
NDP O5B  O N N 307 
NDP C5B  C N N 308 
NDP C4B  C N R 309 
NDP O4B  O N N 310 
NDP C3B  C N R 311 
NDP O3B  O N N 312 
NDP C2B  C N R 313 
NDP O2B  O N N 314 
NDP C1B  C N R 315 
NDP N9A  N Y N 316 
NDP C8A  C Y N 317 
NDP N7A  N Y N 318 
NDP C5A  C Y N 319 
NDP C6A  C Y N 320 
NDP N6A  N N N 321 
NDP N1A  N Y N 322 
NDP C2A  C Y N 323 
NDP N3A  N Y N 324 
NDP C4A  C Y N 325 
NDP O3   O N N 326 
NDP PN   P N S 327 
NDP O1N  O N N 328 
NDP O2N  O N N 329 
NDP O5D  O N N 330 
NDP C5D  C N N 331 
NDP C4D  C N R 332 
NDP O4D  O N N 333 
NDP C3D  C N S 334 
NDP O3D  O N N 335 
NDP C2D  C N R 336 
NDP O2D  O N N 337 
NDP C1D  C N R 338 
NDP N1N  N N N 339 
NDP C2N  C N N 340 
NDP C3N  C N N 341 
NDP C7N  C N N 342 
NDP O7N  O N N 343 
NDP N7N  N N N 344 
NDP C4N  C N N 345 
NDP C5N  C N N 346 
NDP C6N  C N N 347 
NDP P2B  P N N 348 
NDP O1X  O N N 349 
NDP O2X  O N N 350 
NDP O3X  O N N 351 
NDP HOA2 H N N 352 
NDP H51A H N N 353 
NDP H52A H N N 354 
NDP H4B  H N N 355 
NDP H3B  H N N 356 
NDP HO3A H N N 357 
NDP H2B  H N N 358 
NDP H1B  H N N 359 
NDP H8A  H N N 360 
NDP H61A H N N 361 
NDP H62A H N N 362 
NDP H2A  H N N 363 
NDP H21N H N N 364 
NDP H51N H N N 365 
NDP H52N H N N 366 
NDP H4D  H N N 367 
NDP H3D  H N N 368 
NDP HO3N H N N 369 
NDP H2D  H N N 370 
NDP HO2N H N N 371 
NDP H1D  H N N 372 
NDP H2N  H N N 373 
NDP H71N H N N 374 
NDP H72N H N N 375 
NDP H41N H N N 376 
NDP H42N H N N 377 
NDP H5N  H N N 378 
NDP H6N  H N N 379 
NDP HOP2 H N N 380 
NDP HOP3 H N N 381 
PHE N    N N N 382 
PHE CA   C N S 383 
PHE C    C N N 384 
PHE O    O N N 385 
PHE CB   C N N 386 
PHE CG   C Y N 387 
PHE CD1  C Y N 388 
PHE CD2  C Y N 389 
PHE CE1  C Y N 390 
PHE CE2  C Y N 391 
PHE CZ   C Y N 392 
PHE OXT  O N N 393 
PHE H    H N N 394 
PHE H2   H N N 395 
PHE HA   H N N 396 
PHE HB2  H N N 397 
PHE HB3  H N N 398 
PHE HD1  H N N 399 
PHE HD2  H N N 400 
PHE HE1  H N N 401 
PHE HE2  H N N 402 
PHE HZ   H N N 403 
PHE HXT  H N N 404 
PRO N    N N N 405 
PRO CA   C N S 406 
PRO C    C N N 407 
PRO O    O N N 408 
PRO CB   C N N 409 
PRO CG   C N N 410 
PRO CD   C N N 411 
PRO OXT  O N N 412 
PRO H    H N N 413 
PRO HA   H N N 414 
PRO HB2  H N N 415 
PRO HB3  H N N 416 
PRO HG2  H N N 417 
PRO HG3  H N N 418 
PRO HD2  H N N 419 
PRO HD3  H N N 420 
PRO HXT  H N N 421 
SER N    N N N 422 
SER CA   C N S 423 
SER C    C N N 424 
SER O    O N N 425 
SER CB   C N N 426 
SER OG   O N N 427 
SER OXT  O N N 428 
SER H    H N N 429 
SER H2   H N N 430 
SER HA   H N N 431 
SER HB2  H N N 432 
SER HB3  H N N 433 
SER HG   H N N 434 
SER HXT  H N N 435 
THR N    N N N 436 
THR CA   C N S 437 
THR C    C N N 438 
THR O    O N N 439 
THR CB   C N R 440 
THR OG1  O N N 441 
THR CG2  C N N 442 
THR OXT  O N N 443 
THR H    H N N 444 
THR H2   H N N 445 
THR HA   H N N 446 
THR HB   H N N 447 
THR HG1  H N N 448 
THR HG21 H N N 449 
THR HG22 H N N 450 
THR HG23 H N N 451 
THR HXT  H N N 452 
TRP N    N N N 453 
TRP CA   C N S 454 
TRP C    C N N 455 
TRP O    O N N 456 
TRP CB   C N N 457 
TRP CG   C Y N 458 
TRP CD1  C Y N 459 
TRP CD2  C Y N 460 
TRP NE1  N Y N 461 
TRP CE2  C Y N 462 
TRP CE3  C Y N 463 
TRP CZ2  C Y N 464 
TRP CZ3  C Y N 465 
TRP CH2  C Y N 466 
TRP OXT  O N N 467 
TRP H    H N N 468 
TRP H2   H N N 469 
TRP HA   H N N 470 
TRP HB2  H N N 471 
TRP HB3  H N N 472 
TRP HD1  H N N 473 
TRP HE1  H N N 474 
TRP HE3  H N N 475 
TRP HZ2  H N N 476 
TRP HZ3  H N N 477 
TRP HH2  H N N 478 
TRP HXT  H N N 479 
TYR N    N N N 480 
TYR CA   C N S 481 
TYR C    C N N 482 
TYR O    O N N 483 
TYR CB   C N N 484 
TYR CG   C Y N 485 
TYR CD1  C Y N 486 
TYR CD2  C Y N 487 
TYR CE1  C Y N 488 
TYR CE2  C Y N 489 
TYR CZ   C Y N 490 
TYR OH   O N N 491 
TYR OXT  O N N 492 
TYR H    H N N 493 
TYR H2   H N N 494 
TYR HA   H N N 495 
TYR HB2  H N N 496 
TYR HB3  H N N 497 
TYR HD1  H N N 498 
TYR HD2  H N N 499 
TYR HE1  H N N 500 
TYR HE2  H N N 501 
TYR HH   H N N 502 
TYR HXT  H N N 503 
VAL N    N N N 504 
VAL CA   C N S 505 
VAL C    C N N 506 
VAL O    O N N 507 
VAL CB   C N N 508 
VAL CG1  C N N 509 
VAL CG2  C N N 510 
VAL OXT  O N N 511 
VAL H    H N N 512 
VAL H2   H N N 513 
VAL HA   H N N 514 
VAL HB   H N N 515 
VAL HG11 H N N 516 
VAL HG12 H N N 517 
VAL HG13 H N N 518 
VAL HG21 H N N 519 
VAL HG22 H N N 520 
VAL HG23 H N N 521 
VAL HXT  H N N 522 
# 
loop_
_chem_comp_bond.comp_id 
_chem_comp_bond.atom_id_1 
_chem_comp_bond.atom_id_2 
_chem_comp_bond.value_order 
_chem_comp_bond.pdbx_aromatic_flag 
_chem_comp_bond.pdbx_stereo_config 
_chem_comp_bond.pdbx_ordinal 
ALA N   CA   sing N N 1   
ALA N   H    sing N N 2   
ALA N   H2   sing N N 3   
ALA CA  C    sing N N 4   
ALA CA  CB   sing N N 5   
ALA CA  HA   sing N N 6   
ALA C   O    doub N N 7   
ALA C   OXT  sing N N 8   
ALA CB  HB1  sing N N 9   
ALA CB  HB2  sing N N 10  
ALA CB  HB3  sing N N 11  
ALA OXT HXT  sing N N 12  
ARG N   CA   sing N N 13  
ARG N   H    sing N N 14  
ARG N   H2   sing N N 15  
ARG CA  C    sing N N 16  
ARG CA  CB   sing N N 17  
ARG CA  HA   sing N N 18  
ARG C   O    doub N N 19  
ARG C   OXT  sing N N 20  
ARG CB  CG   sing N N 21  
ARG CB  HB2  sing N N 22  
ARG CB  HB3  sing N N 23  
ARG CG  CD   sing N N 24  
ARG CG  HG2  sing N N 25  
ARG CG  HG3  sing N N 26  
ARG CD  NE   sing N N 27  
ARG CD  HD2  sing N N 28  
ARG CD  HD3  sing N N 29  
ARG NE  CZ   sing N N 30  
ARG NE  HE   sing N N 31  
ARG CZ  NH1  sing N N 32  
ARG CZ  NH2  doub N N 33  
ARG NH1 HH11 sing N N 34  
ARG NH1 HH12 sing N N 35  
ARG NH2 HH21 sing N N 36  
ARG NH2 HH22 sing N N 37  
ARG OXT HXT  sing N N 38  
ASN N   CA   sing N N 39  
ASN N   H    sing N N 40  
ASN N   H2   sing N N 41  
ASN CA  C    sing N N 42  
ASN CA  CB   sing N N 43  
ASN CA  HA   sing N N 44  
ASN C   O    doub N N 45  
ASN C   OXT  sing N N 46  
ASN CB  CG   sing N N 47  
ASN CB  HB2  sing N N 48  
ASN CB  HB3  sing N N 49  
ASN CG  OD1  doub N N 50  
ASN CG  ND2  sing N N 51  
ASN ND2 HD21 sing N N 52  
ASN ND2 HD22 sing N N 53  
ASN OXT HXT  sing N N 54  
ASP N   CA   sing N N 55  
ASP N   H    sing N N 56  
ASP N   H2   sing N N 57  
ASP CA  C    sing N N 58  
ASP CA  CB   sing N N 59  
ASP CA  HA   sing N N 60  
ASP C   O    doub N N 61  
ASP C   OXT  sing N N 62  
ASP CB  CG   sing N N 63  
ASP CB  HB2  sing N N 64  
ASP CB  HB3  sing N N 65  
ASP CG  OD1  doub N N 66  
ASP CG  OD2  sing N N 67  
ASP OD2 HD2  sing N N 68  
ASP OXT HXT  sing N N 69  
CYS N   CA   sing N N 70  
CYS N   H    sing N N 71  
CYS N   H2   sing N N 72  
CYS CA  C    sing N N 73  
CYS CA  CB   sing N N 74  
CYS CA  HA   sing N N 75  
CYS C   O    doub N N 76  
CYS C   OXT  sing N N 77  
CYS CB  SG   sing N N 78  
CYS CB  HB2  sing N N 79  
CYS CB  HB3  sing N N 80  
CYS SG  HG   sing N N 81  
CYS OXT HXT  sing N N 82  
GLN N   CA   sing N N 83  
GLN N   H    sing N N 84  
GLN N   H2   sing N N 85  
GLN CA  C    sing N N 86  
GLN CA  CB   sing N N 87  
GLN CA  HA   sing N N 88  
GLN C   O    doub N N 89  
GLN C   OXT  sing N N 90  
GLN CB  CG   sing N N 91  
GLN CB  HB2  sing N N 92  
GLN CB  HB3  sing N N 93  
GLN CG  CD   sing N N 94  
GLN CG  HG2  sing N N 95  
GLN CG  HG3  sing N N 96  
GLN CD  OE1  doub N N 97  
GLN CD  NE2  sing N N 98  
GLN NE2 HE21 sing N N 99  
GLN NE2 HE22 sing N N 100 
GLN OXT HXT  sing N N 101 
GLU N   CA   sing N N 102 
GLU N   H    sing N N 103 
GLU N   H2   sing N N 104 
GLU CA  C    sing N N 105 
GLU CA  CB   sing N N 106 
GLU CA  HA   sing N N 107 
GLU C   O    doub N N 108 
GLU C   OXT  sing N N 109 
GLU CB  CG   sing N N 110 
GLU CB  HB2  sing N N 111 
GLU CB  HB3  sing N N 112 
GLU CG  CD   sing N N 113 
GLU CG  HG2  sing N N 114 
GLU CG  HG3  sing N N 115 
GLU CD  OE1  doub N N 116 
GLU CD  OE2  sing N N 117 
GLU OE2 HE2  sing N N 118 
GLU OXT HXT  sing N N 119 
GLY N   CA   sing N N 120 
GLY N   H    sing N N 121 
GLY N   H2   sing N N 122 
GLY CA  C    sing N N 123 
GLY CA  HA2  sing N N 124 
GLY CA  HA3  sing N N 125 
GLY C   O    doub N N 126 
GLY C   OXT  sing N N 127 
GLY OXT HXT  sing N N 128 
HIS N   CA   sing N N 129 
HIS N   H    sing N N 130 
HIS N   H2   sing N N 131 
HIS CA  C    sing N N 132 
HIS CA  CB   sing N N 133 
HIS CA  HA   sing N N 134 
HIS C   O    doub N N 135 
HIS C   OXT  sing N N 136 
HIS CB  CG   sing N N 137 
HIS CB  HB2  sing N N 138 
HIS CB  HB3  sing N N 139 
HIS CG  ND1  sing Y N 140 
HIS CG  CD2  doub Y N 141 
HIS ND1 CE1  doub Y N 142 
HIS ND1 HD1  sing N N 143 
HIS CD2 NE2  sing Y N 144 
HIS CD2 HD2  sing N N 145 
HIS CE1 NE2  sing Y N 146 
HIS CE1 HE1  sing N N 147 
HIS NE2 HE2  sing N N 148 
HIS OXT HXT  sing N N 149 
HOH O   H1   sing N N 150 
HOH O   H2   sing N N 151 
ILE N   CA   sing N N 152 
ILE N   H    sing N N 153 
ILE N   H2   sing N N 154 
ILE CA  C    sing N N 155 
ILE CA  CB   sing N N 156 
ILE CA  HA   sing N N 157 
ILE C   O    doub N N 158 
ILE C   OXT  sing N N 159 
ILE CB  CG1  sing N N 160 
ILE CB  CG2  sing N N 161 
ILE CB  HB   sing N N 162 
ILE CG1 CD1  sing N N 163 
ILE CG1 HG12 sing N N 164 
ILE CG1 HG13 sing N N 165 
ILE CG2 HG21 sing N N 166 
ILE CG2 HG22 sing N N 167 
ILE CG2 HG23 sing N N 168 
ILE CD1 HD11 sing N N 169 
ILE CD1 HD12 sing N N 170 
ILE CD1 HD13 sing N N 171 
ILE OXT HXT  sing N N 172 
LEU N   CA   sing N N 173 
LEU N   H    sing N N 174 
LEU N   H2   sing N N 175 
LEU CA  C    sing N N 176 
LEU CA  CB   sing N N 177 
LEU CA  HA   sing N N 178 
LEU C   O    doub N N 179 
LEU C   OXT  sing N N 180 
LEU CB  CG   sing N N 181 
LEU CB  HB2  sing N N 182 
LEU CB  HB3  sing N N 183 
LEU CG  CD1  sing N N 184 
LEU CG  CD2  sing N N 185 
LEU CG  HG   sing N N 186 
LEU CD1 HD11 sing N N 187 
LEU CD1 HD12 sing N N 188 
LEU CD1 HD13 sing N N 189 
LEU CD2 HD21 sing N N 190 
LEU CD2 HD22 sing N N 191 
LEU CD2 HD23 sing N N 192 
LEU OXT HXT  sing N N 193 
LYS N   CA   sing N N 194 
LYS N   H    sing N N 195 
LYS N   H2   sing N N 196 
LYS CA  C    sing N N 197 
LYS CA  CB   sing N N 198 
LYS CA  HA   sing N N 199 
LYS C   O    doub N N 200 
LYS C   OXT  sing N N 201 
LYS CB  CG   sing N N 202 
LYS CB  HB2  sing N N 203 
LYS CB  HB3  sing N N 204 
LYS CG  CD   sing N N 205 
LYS CG  HG2  sing N N 206 
LYS CG  HG3  sing N N 207 
LYS CD  CE   sing N N 208 
LYS CD  HD2  sing N N 209 
LYS CD  HD3  sing N N 210 
LYS CE  NZ   sing N N 211 
LYS CE  HE2  sing N N 212 
LYS CE  HE3  sing N N 213 
LYS NZ  HZ1  sing N N 214 
LYS NZ  HZ2  sing N N 215 
LYS NZ  HZ3  sing N N 216 
LYS OXT HXT  sing N N 217 
MET N   CA   sing N N 218 
MET N   H    sing N N 219 
MET N   H2   sing N N 220 
MET CA  C    sing N N 221 
MET CA  CB   sing N N 222 
MET CA  HA   sing N N 223 
MET C   O    doub N N 224 
MET C   OXT  sing N N 225 
MET CB  CG   sing N N 226 
MET CB  HB2  sing N N 227 
MET CB  HB3  sing N N 228 
MET CG  SD   sing N N 229 
MET CG  HG2  sing N N 230 
MET CG  HG3  sing N N 231 
MET SD  CE   sing N N 232 
MET CE  HE1  sing N N 233 
MET CE  HE2  sing N N 234 
MET CE  HE3  sing N N 235 
MET OXT HXT  sing N N 236 
MOT N1  C2   doub Y N 237 
MOT N1  C8A  sing Y N 238 
MOT C2  NA2  sing N N 239 
MOT C2  N3   sing Y N 240 
MOT NA2 HN21 sing N N 241 
MOT NA2 HN22 sing N N 242 
MOT N3  C4   doub Y N 243 
MOT C4  NA4  sing N N 244 
MOT C4  C4A  sing Y N 245 
MOT NA4 HN41 sing N N 246 
MOT NA4 HN42 sing N N 247 
MOT C4A C6   sing Y N 248 
MOT C4A C8A  doub Y N 249 
MOT C6  C7   doub Y N 250 
MOT C6  C9   sing N N 251 
MOT C7  O8   sing Y N 252 
MOT C7  H7   sing N N 253 
MOT O8  C8A  sing Y N 254 
MOT C9  N10  sing N N 255 
MOT C9  H91  sing N N 256 
MOT C9  H92  sing N N 257 
MOT N10 CM   sing N N 258 
MOT N10 C14  sing N N 259 
MOT CM  HM1  sing N N 260 
MOT CM  HM2  sing N N 261 
MOT CM  HM3  sing N N 262 
MOT C11 C12  doub Y N 263 
MOT C11 C16  sing Y N 264 
MOT C11 C    sing N N 265 
MOT C12 C13  sing Y N 266 
MOT C12 H12  sing N N 267 
MOT C13 C14  doub Y N 268 
MOT C13 H13  sing N N 269 
MOT C14 C15  sing Y N 270 
MOT C15 C16  doub Y N 271 
MOT C15 H15  sing N N 272 
MOT C16 H16  sing N N 273 
MOT C   O    doub N N 274 
MOT C   N    sing N N 275 
MOT N   CA   sing N N 276 
MOT N   HN   sing N N 277 
MOT CA  CT   sing N N 278 
MOT CA  CB   sing N N 279 
MOT CA  HA   sing N N 280 
MOT CT  O1   doub N N 281 
MOT CT  O2   sing N N 282 
MOT O2  HO2  sing N N 283 
MOT CB  CG   sing N N 284 
MOT CB  HB1  sing N N 285 
MOT CB  HB2  sing N N 286 
MOT CG  CD   sing N N 287 
MOT CG  HG1  sing N N 288 
MOT CG  HG2  sing N N 289 
MOT CD  OE1  doub N N 290 
MOT CD  OE2  sing N N 291 
MOT OE2 HOE2 sing N N 292 
NDP PA  O1A  doub N N 293 
NDP PA  O2A  sing N N 294 
NDP PA  O5B  sing N N 295 
NDP PA  O3   sing N N 296 
NDP O2A HOA2 sing N N 297 
NDP O5B C5B  sing N N 298 
NDP C5B C4B  sing N N 299 
NDP C5B H51A sing N N 300 
NDP C5B H52A sing N N 301 
NDP C4B O4B  sing N N 302 
NDP C4B C3B  sing N N 303 
NDP C4B H4B  sing N N 304 
NDP O4B C1B  sing N N 305 
NDP C3B O3B  sing N N 306 
NDP C3B C2B  sing N N 307 
NDP C3B H3B  sing N N 308 
NDP O3B HO3A sing N N 309 
NDP C2B O2B  sing N N 310 
NDP C2B C1B  sing N N 311 
NDP C2B H2B  sing N N 312 
NDP O2B P2B  sing N N 313 
NDP C1B N9A  sing N N 314 
NDP C1B H1B  sing N N 315 
NDP N9A C8A  sing Y N 316 
NDP N9A C4A  sing Y N 317 
NDP C8A N7A  doub Y N 318 
NDP C8A H8A  sing N N 319 
NDP N7A C5A  sing Y N 320 
NDP C5A C6A  sing Y N 321 
NDP C5A C4A  doub Y N 322 
NDP C6A N6A  sing N N 323 
NDP C6A N1A  doub Y N 324 
NDP N6A H61A sing N N 325 
NDP N6A H62A sing N N 326 
NDP N1A C2A  sing Y N 327 
NDP C2A N3A  doub Y N 328 
NDP C2A H2A  sing N N 329 
NDP N3A C4A  sing Y N 330 
NDP O3  PN   sing N N 331 
NDP PN  O1N  doub N N 332 
NDP PN  O2N  sing N N 333 
NDP PN  O5D  sing N N 334 
NDP O2N H21N sing N N 335 
NDP O5D C5D  sing N N 336 
NDP C5D C4D  sing N N 337 
NDP C5D H51N sing N N 338 
NDP C5D H52N sing N N 339 
NDP C4D O4D  sing N N 340 
NDP C4D C3D  sing N N 341 
NDP C4D H4D  sing N N 342 
NDP O4D C1D  sing N N 343 
NDP C3D O3D  sing N N 344 
NDP C3D C2D  sing N N 345 
NDP C3D H3D  sing N N 346 
NDP O3D HO3N sing N N 347 
NDP C2D O2D  sing N N 348 
NDP C2D C1D  sing N N 349 
NDP C2D H2D  sing N N 350 
NDP O2D HO2N sing N N 351 
NDP C1D N1N  sing N N 352 
NDP C1D H1D  sing N N 353 
NDP N1N C2N  sing N N 354 
NDP N1N C6N  sing N N 355 
NDP C2N C3N  doub N N 356 
NDP C2N H2N  sing N N 357 
NDP C3N C7N  sing N N 358 
NDP C3N C4N  sing N N 359 
NDP C7N O7N  doub N N 360 
NDP C7N N7N  sing N N 361 
NDP N7N H71N sing N N 362 
NDP N7N H72N sing N N 363 
NDP C4N C5N  sing N N 364 
NDP C4N H41N sing N N 365 
NDP C4N H42N sing N N 366 
NDP C5N C6N  doub N N 367 
NDP C5N H5N  sing N N 368 
NDP C6N H6N  sing N N 369 
NDP P2B O1X  doub N N 370 
NDP P2B O2X  sing N N 371 
NDP P2B O3X  sing N N 372 
NDP O2X HOP2 sing N N 373 
NDP O3X HOP3 sing N N 374 
PHE N   CA   sing N N 375 
PHE N   H    sing N N 376 
PHE N   H2   sing N N 377 
PHE CA  C    sing N N 378 
PHE CA  CB   sing N N 379 
PHE CA  HA   sing N N 380 
PHE C   O    doub N N 381 
PHE C   OXT  sing N N 382 
PHE CB  CG   sing N N 383 
PHE CB  HB2  sing N N 384 
PHE CB  HB3  sing N N 385 
PHE CG  CD1  doub Y N 386 
PHE CG  CD2  sing Y N 387 
PHE CD1 CE1  sing Y N 388 
PHE CD1 HD1  sing N N 389 
PHE CD2 CE2  doub Y N 390 
PHE CD2 HD2  sing N N 391 
PHE CE1 CZ   doub Y N 392 
PHE CE1 HE1  sing N N 393 
PHE CE2 CZ   sing Y N 394 
PHE CE2 HE2  sing N N 395 
PHE CZ  HZ   sing N N 396 
PHE OXT HXT  sing N N 397 
PRO N   CA   sing N N 398 
PRO N   CD   sing N N 399 
PRO N   H    sing N N 400 
PRO CA  C    sing N N 401 
PRO CA  CB   sing N N 402 
PRO CA  HA   sing N N 403 
PRO C   O    doub N N 404 
PRO C   OXT  sing N N 405 
PRO CB  CG   sing N N 406 
PRO CB  HB2  sing N N 407 
PRO CB  HB3  sing N N 408 
PRO CG  CD   sing N N 409 
PRO CG  HG2  sing N N 410 
PRO CG  HG3  sing N N 411 
PRO CD  HD2  sing N N 412 
PRO CD  HD3  sing N N 413 
PRO OXT HXT  sing N N 414 
SER N   CA   sing N N 415 
SER N   H    sing N N 416 
SER N   H2   sing N N 417 
SER CA  C    sing N N 418 
SER CA  CB   sing N N 419 
SER CA  HA   sing N N 420 
SER C   O    doub N N 421 
SER C   OXT  sing N N 422 
SER CB  OG   sing N N 423 
SER CB  HB2  sing N N 424 
SER CB  HB3  sing N N 425 
SER OG  HG   sing N N 426 
SER OXT HXT  sing N N 427 
THR N   CA   sing N N 428 
THR N   H    sing N N 429 
THR N   H2   sing N N 430 
THR CA  C    sing N N 431 
THR CA  CB   sing N N 432 
THR CA  HA   sing N N 433 
THR C   O    doub N N 434 
THR C   OXT  sing N N 435 
THR CB  OG1  sing N N 436 
THR CB  CG2  sing N N 437 
THR CB  HB   sing N N 438 
THR OG1 HG1  sing N N 439 
THR CG2 HG21 sing N N 440 
THR CG2 HG22 sing N N 441 
THR CG2 HG23 sing N N 442 
THR OXT HXT  sing N N 443 
TRP N   CA   sing N N 444 
TRP N   H    sing N N 445 
TRP N   H2   sing N N 446 
TRP CA  C    sing N N 447 
TRP CA  CB   sing N N 448 
TRP CA  HA   sing N N 449 
TRP C   O    doub N N 450 
TRP C   OXT  sing N N 451 
TRP CB  CG   sing N N 452 
TRP CB  HB2  sing N N 453 
TRP CB  HB3  sing N N 454 
TRP CG  CD1  doub Y N 455 
TRP CG  CD2  sing Y N 456 
TRP CD1 NE1  sing Y N 457 
TRP CD1 HD1  sing N N 458 
TRP CD2 CE2  doub Y N 459 
TRP CD2 CE3  sing Y N 460 
TRP NE1 CE2  sing Y N 461 
TRP NE1 HE1  sing N N 462 
TRP CE2 CZ2  sing Y N 463 
TRP CE3 CZ3  doub Y N 464 
TRP CE3 HE3  sing N N 465 
TRP CZ2 CH2  doub Y N 466 
TRP CZ2 HZ2  sing N N 467 
TRP CZ3 CH2  sing Y N 468 
TRP CZ3 HZ3  sing N N 469 
TRP CH2 HH2  sing N N 470 
TRP OXT HXT  sing N N 471 
TYR N   CA   sing N N 472 
TYR N   H    sing N N 473 
TYR N   H2   sing N N 474 
TYR CA  C    sing N N 475 
TYR CA  CB   sing N N 476 
TYR CA  HA   sing N N 477 
TYR C   O    doub N N 478 
TYR C   OXT  sing N N 479 
TYR CB  CG   sing N N 480 
TYR CB  HB2  sing N N 481 
TYR CB  HB3  sing N N 482 
TYR CG  CD1  doub Y N 483 
TYR CG  CD2  sing Y N 484 
TYR CD1 CE1  sing Y N 485 
TYR CD1 HD1  sing N N 486 
TYR CD2 CE2  doub Y N 487 
TYR CD2 HD2  sing N N 488 
TYR CE1 CZ   doub Y N 489 
TYR CE1 HE1  sing N N 490 
TYR CE2 CZ   sing Y N 491 
TYR CE2 HE2  sing N N 492 
TYR CZ  OH   sing N N 493 
TYR OH  HH   sing N N 494 
TYR OXT HXT  sing N N 495 
VAL N   CA   sing N N 496 
VAL N   H    sing N N 497 
VAL N   H2   sing N N 498 
VAL CA  C    sing N N 499 
VAL CA  CB   sing N N 500 
VAL CA  HA   sing N N 501 
VAL C   O    doub N N 502 
VAL C   OXT  sing N N 503 
VAL CB  CG1  sing N N 504 
VAL CB  CG2  sing N N 505 
VAL CB  HB   sing N N 506 
VAL CG1 HG11 sing N N 507 
VAL CG1 HG12 sing N N 508 
VAL CG1 HG13 sing N N 509 
VAL CG2 HG21 sing N N 510 
VAL CG2 HG22 sing N N 511 
VAL CG2 HG23 sing N N 512 
VAL OXT HXT  sing N N 513 
# 
_atom_sites.entry_id                    1HFR 
_atom_sites.fract_transf_matrix[1][1]   -0.01131759 
_atom_sites.fract_transf_matrix[1][2]   0.00183671 
_atom_sites.fract_transf_matrix[1][3]   0.00671508 
_atom_sites.fract_transf_matrix[2][1]   -0.00044256 
_atom_sites.fract_transf_matrix[2][2]   -0.00240891 
_atom_sites.fract_transf_matrix[2][3]   0.01306033 
_atom_sites.fract_transf_matrix[3][1]   0.00340740 
_atom_sites.fract_transf_matrix[3][2]   0.01228776 
_atom_sites.fract_transf_matrix[3][3]   0.00238188 
_atom_sites.fract_transf_vector[1]      0.349505 
_atom_sites.fract_transf_vector[2]      0.178001 
_atom_sites.fract_transf_vector[3]      -0.007210 
# 
loop_
_atom_type.symbol 
C 
N 
O 
P 
S 
# 
loop_
_atom_site.group_PDB 
_atom_site.id 
_atom_site.type_symbol 
_atom_site.label_atom_id 
_atom_site.label_alt_id 
_atom_site.label_comp_id 
_atom_site.label_asym_id 
_atom_site.label_entity_id 
_atom_site.label_seq_id 
_atom_site.pdbx_PDB_ins_code 
_atom_site.Cartn_x 
_atom_site.Cartn_y 
_atom_site.Cartn_z 
_atom_site.occupancy 
_atom_site.B_iso_or_equiv 
_atom_site.pdbx_formal_charge 
_atom_site.auth_seq_id 
_atom_site.auth_comp_id 
_atom_site.auth_asym_id 
_atom_site.auth_atom_id 
_atom_site.pdbx_PDB_model_num 
ATOM   1    N N   . VAL A 1 1   ? 13.478  -1.859  7.778   1.00 36.50 ? 1   VAL A N   1 
ATOM   2    C CA  . VAL A 1 1   ? 14.254  -2.937  8.478   1.00 36.90 ? 1   VAL A CA  1 
ATOM   3    C C   . VAL A 1 1   ? 14.079  -4.198  7.617   1.00 35.28 ? 1   VAL A C   1 
ATOM   4    O O   . VAL A 1 1   ? 15.067  -4.666  6.992   1.00 35.71 ? 1   VAL A O   1 
ATOM   5    C CB  . VAL A 1 1   ? 13.951  -2.765  9.967   1.00 38.57 ? 1   VAL A CB  1 
ATOM   6    C CG1 . VAL A 1 1   ? 13.032  -3.601  10.826  1.00 38.43 ? 1   VAL A CG1 1 
ATOM   7    C CG2 . VAL A 1 1   ? 15.221  -2.606  10.862  1.00 38.75 ? 1   VAL A CG2 1 
ATOM   8    N N   . GLY A 1 2   ? 12.914  -4.733  7.533   1.00 33.51 ? 2   GLY A N   1 
ATOM   9    C CA  . GLY A 1 2   ? 12.532  -5.921  6.782   1.00 32.93 ? 2   GLY A CA  1 
ATOM   10   C C   . GLY A 1 2   ? 12.218  -5.566  5.332   1.00 30.93 ? 2   GLY A C   1 
ATOM   11   O O   . GLY A 1 2   ? 12.896  -4.770  4.673   1.00 31.87 ? 2   GLY A O   1 
ATOM   12   N N   . SER A 1 3   ? 11.212  -6.230  4.815   1.00 29.75 ? 3   SER A N   1 
ATOM   13   C CA  . SER A 1 3   ? 10.670  -6.179  3.477   1.00 28.12 ? 3   SER A CA  1 
ATOM   14   C C   . SER A 1 3   ? 9.932   -4.860  3.000   1.00 25.66 ? 3   SER A C   1 
ATOM   15   O O   . SER A 1 3   ? 9.264   -4.353  3.869   1.00 24.06 ? 3   SER A O   1 
ATOM   16   C CB  . SER A 1 3   ? 9.748   -7.403  3.345   1.00 28.70 ? 3   SER A CB  1 
ATOM   17   O OG  . SER A 1 3   ? 10.500  -8.501  2.832   1.00 31.09 ? 3   SER A OG  1 
ATOM   18   N N   . LEU A 1 4   ? 10.107  -4.530  1.706   1.00 22.22 ? 4   LEU A N   1 
ATOM   19   C CA  . LEU A 1 4   ? 9.435   -3.304  1.179   1.00 20.88 ? 4   LEU A CA  1 
ATOM   20   C C   . LEU A 1 4   ? 8.441   -3.831  0.181   1.00 19.65 ? 4   LEU A C   1 
ATOM   21   O O   . LEU A 1 4   ? 8.874   -4.606  -0.632  1.00 18.08 ? 4   LEU A O   1 
ATOM   22   C CB  . LEU A 1 4   ? 10.468  -2.432  0.475   1.00 20.91 ? 4   LEU A CB  1 
ATOM   23   C CG  . LEU A 1 4   ? 9.820   -1.235  -0.224  1.00 19.59 ? 4   LEU A CG  1 
ATOM   24   C CD1 . LEU A 1 4   ? 9.302   -0.291  0.835   1.00 19.11 ? 4   LEU A CD1 1 
ATOM   25   C CD2 . LEU A 1 4   ? 11.069  -0.733  -0.991  1.00 20.63 ? 4   LEU A CD2 1 
ATOM   26   N N   . ASN A 1 5   ? 7.207   -3.522  0.346   1.00 17.77 ? 5   ASN A N   1 
ATOM   27   C CA  . ASN A 1 5   ? 6.105   -3.976  -0.373  1.00 17.07 ? 5   ASN A CA  1 
ATOM   28   C C   . ASN A 1 5   ? 5.154   -2.801  -0.707  1.00 16.77 ? 5   ASN A C   1 
ATOM   29   O O   . ASN A 1 5   ? 5.092   -1.937  0.067   1.00 15.47 ? 5   ASN A O   1 
ATOM   30   C CB  . ASN A 1 5   ? 5.338   -4.879  0.689   1.00 15.52 ? 5   ASN A CB  1 
ATOM   31   C CG  . ASN A 1 5   ? 6.081   -5.981  1.395   1.00 15.89 ? 5   ASN A CG  1 
ATOM   32   O OD1 . ASN A 1 5   ? 6.410   -6.999  0.821   1.00 14.06 ? 5   ASN A OD1 1 
ATOM   33   N ND2 . ASN A 1 5   ? 6.513   -5.843  2.698   1.00 14.25 ? 5   ASN A ND2 1 
ATOM   34   N N   . CYS A 1 6   ? 4.371   -2.955  -1.737  1.00 16.45 ? 6   CYS A N   1 
ATOM   35   C CA  . CYS A 1 6   ? 3.329   -2.055  -2.193  1.00 16.45 ? 6   CYS A CA  1 
ATOM   36   C C   . CYS A 1 6   ? 2.045   -2.969  -2.128  1.00 14.36 ? 6   CYS A C   1 
ATOM   37   O O   . CYS A 1 6   ? 2.175   -4.169  -2.313  1.00 12.52 ? 6   CYS A O   1 
ATOM   38   C CB  . CYS A 1 6   ? 3.390   -1.464  -3.530  1.00 16.08 ? 6   CYS A CB  1 
ATOM   39   S SG  . CYS A 1 6   ? 4.908   -0.516  -3.924  1.00 17.98 ? 6   CYS A SG  1 
ATOM   40   N N   . ILE A 1 7   ? 0.937   -2.339  -1.914  1.00 14.25 ? 7   ILE A N   1 
ATOM   41   C CA  . ILE A 1 7   ? -0.404  -2.946  -1.871  1.00 13.88 ? 7   ILE A CA  1 
ATOM   42   C C   . ILE A 1 7   ? -1.303  -1.922  -2.554  1.00 15.13 ? 7   ILE A C   1 
ATOM   43   O O   . ILE A 1 7   ? -1.111  -0.782  -2.226  1.00 14.47 ? 7   ILE A O   1 
ATOM   44   C CB  . ILE A 1 7   ? -0.688  -3.370  -0.402  1.00 12.87 ? 7   ILE A CB  1 
ATOM   45   C CG1 . ILE A 1 7   ? -1.948  -4.268  -0.263  1.00 11.86 ? 7   ILE A CG1 1 
ATOM   46   C CG2 . ILE A 1 7   ? -0.722  -2.155  0.530   1.00 11.89 ? 7   ILE A CG2 1 
ATOM   47   C CD1 . ILE A 1 7   ? -2.091  -5.113  0.993   1.00 12.71 ? 7   ILE A CD1 1 
ATOM   48   N N   . VAL A 1 8   ? -2.090  -2.311  -3.563  1.00 15.56 ? 8   VAL A N   1 
ATOM   49   C CA  . VAL A 1 8   ? -3.013  -1.574  -4.383  1.00 14.50 ? 8   VAL A CA  1 
ATOM   50   C C   . VAL A 1 8   ? -4.181  -2.462  -4.837  1.00 15.88 ? 8   VAL A C   1 
ATOM   51   O O   . VAL A 1 8   ? -4.041  -3.682  -4.996  1.00 14.59 ? 8   VAL A O   1 
ATOM   52   C CB  . VAL A 1 8   ? -2.271  -1.043  -5.671  1.00 14.54 ? 8   VAL A CB  1 
ATOM   53   C CG1 . VAL A 1 8   ? -1.708  -2.169  -6.542  1.00 13.94 ? 8   VAL A CG1 1 
ATOM   54   C CG2 . VAL A 1 8   ? -3.180  -0.221  -6.586  1.00 13.79 ? 8   VAL A CG2 1 
ATOM   55   N N   . ALA A 1 9   ? -5.303  -1.798  -5.008  1.00 14.40 ? 9   ALA A N   1 
ATOM   56   C CA  . ALA A 1 9   ? -6.530  -2.386  -5.561  1.00 16.20 ? 9   ALA A CA  1 
ATOM   57   C C   . ALA A 1 9   ? -6.796  -1.599  -6.835  1.00 15.58 ? 9   ALA A C   1 
ATOM   58   O O   . ALA A 1 9   ? -6.973  -0.379  -6.805  1.00 17.65 ? 9   ALA A O   1 
ATOM   59   C CB  . ALA A 1 9   ? -7.683  -2.244  -4.559  1.00 17.11 ? 9   ALA A CB  1 
ATOM   60   N N   . VAL A 1 10  ? -6.799  -2.272  -7.961  1.00 18.16 ? 10  VAL A N   1 
ATOM   61   C CA  . VAL A 1 10  ? -6.954  -1.562  -9.239  1.00 18.41 ? 10  VAL A CA  1 
ATOM   62   C C   . VAL A 1 10  ? -8.007  -2.225  -10.129 1.00 20.24 ? 10  VAL A C   1 
ATOM   63   O O   . VAL A 1 10  ? -8.111  -3.457  -10.189 1.00 19.98 ? 10  VAL A O   1 
ATOM   64   C CB  . VAL A 1 10  ? -5.595  -1.532  -9.952  1.00 19.85 ? 10  VAL A CB  1 
ATOM   65   C CG1 . VAL A 1 10  ? -4.982  -2.922  -10.141 1.00 21.48 ? 10  VAL A CG1 1 
ATOM   66   C CG2 . VAL A 1 10  ? -5.656  -0.911  -11.346 1.00 20.82 ? 10  VAL A CG2 1 
ATOM   67   N N   . SER A 1 11  ? -8.769  -1.363  -10.796 1.00 19.62 ? 11  SER A N   1 
ATOM   68   C CA  . SER A 1 11  ? -9.815  -1.782  -11.747 1.00 20.68 ? 11  SER A CA  1 
ATOM   69   C C   . SER A 1 11  ? -9.147  -2.151  -13.034 1.00 21.82 ? 11  SER A C   1 
ATOM   70   O O   . SER A 1 11  ? -7.988  -2.005  -13.413 1.00 22.70 ? 11  SER A O   1 
ATOM   71   C CB  . SER A 1 11  ? -10.815 -0.645  -11.968 1.00 20.34 ? 11  SER A CB  1 
ATOM   72   O OG  . SER A 1 11  ? -10.187 0.431   -12.647 1.00 20.28 ? 11  SER A OG  1 
ATOM   73   N N   . GLN A 1 12  ? -9.884  -2.747  -13.935 1.00 24.93 ? 12  GLN A N   1 
ATOM   74   C CA  . GLN A 1 12  ? -9.403  -3.203  -15.261 1.00 25.71 ? 12  GLN A CA  1 
ATOM   75   C C   . GLN A 1 12  ? -8.817  -2.120  -16.097 1.00 25.82 ? 12  GLN A C   1 
ATOM   76   O O   . GLN A 1 12  ? -7.940  -2.280  -16.926 1.00 26.12 ? 12  GLN A O   1 
ATOM   77   C CB  . GLN A 1 12  ? -10.650 -3.823  -15.922 1.00 27.04 ? 12  GLN A CB  1 
ATOM   78   C CG  . GLN A 1 12  ? -10.185 -5.126  -16.450 1.00 29.15 ? 12  GLN A CG  1 
ATOM   79   C CD  . GLN A 1 12  ? -10.813 -5.506  -17.761 1.00 30.26 ? 12  GLN A CD  1 
ATOM   80   O OE1 . GLN A 1 12  ? -11.998 -5.859  -17.564 1.00 32.17 ? 12  GLN A OE1 1 
ATOM   81   N NE2 . GLN A 1 12  ? -10.119 -5.391  -18.923 1.00 31.34 ? 12  GLN A NE2 1 
ATOM   82   N N   . ASN A 1 13  ? -9.273  -0.881  -15.958 1.00 26.93 ? 13  ASN A N   1 
ATOM   83   C CA  . ASN A 1 13  ? -8.697  0.265   -16.713 1.00 25.04 ? 13  ASN A CA  1 
ATOM   84   C C   . ASN A 1 13  ? -7.560  0.877   -15.907 1.00 25.28 ? 13  ASN A C   1 
ATOM   85   O O   . ASN A 1 13  ? -7.137  1.989   -16.189 1.00 26.25 ? 13  ASN A O   1 
ATOM   86   C CB  . ASN A 1 13  ? -9.890  1.136   -17.056 1.00 26.46 ? 13  ASN A CB  1 
ATOM   87   C CG  . ASN A 1 13  ? -10.696 1.665   -15.919 1.00 26.72 ? 13  ASN A CG  1 
ATOM   88   O OD1 . ASN A 1 13  ? -11.138 1.030   -14.979 1.00 26.32 ? 13  ASN A OD1 1 
ATOM   89   N ND2 . ASN A 1 13  ? -10.901 2.997   -15.813 1.00 27.76 ? 13  ASN A ND2 1 
ATOM   90   N N   . MET A 1 14  ? -6.982  0.227   -14.940 1.00 24.30 ? 14  MET A N   1 
ATOM   91   C CA  . MET A 1 14  ? -5.884  0.643   -14.049 1.00 24.45 ? 14  MET A CA  1 
ATOM   92   C C   . MET A 1 14  ? -6.269  1.784   -13.067 1.00 22.36 ? 14  MET A C   1 
ATOM   93   O O   . MET A 1 14  ? -5.426  2.496   -12.552 1.00 20.80 ? 14  MET A O   1 
ATOM   94   C CB  . MET A 1 14  ? -4.634  0.997   -14.823 1.00 24.88 ? 14  MET A CB  1 
ATOM   95   C CG  . MET A 1 14  ? -3.997  -0.090  -15.621 1.00 27.70 ? 14  MET A CG  1 
ATOM   96   S SD  . MET A 1 14  ? -3.589  -1.526  -14.565 1.00 29.91 ? 14  MET A SD  1 
ATOM   97   C CE  . MET A 1 14  ? -1.928  -1.248  -14.083 1.00 28.75 ? 14  MET A CE  1 
ATOM   98   N N   . GLY A 1 15  ? -7.523  1.968   -12.784 1.00 21.12 ? 15  GLY A N   1 
ATOM   99   C CA  . GLY A 1 15  ? -7.958  3.040   -11.869 1.00 20.09 ? 15  GLY A CA  1 
ATOM   100  C C   . GLY A 1 15  ? -7.817  2.778   -10.442 1.00 18.42 ? 15  GLY A C   1 
ATOM   101  O O   . GLY A 1 15  ? -8.225  1.707   -10.006 1.00 18.27 ? 15  GLY A O   1 
ATOM   102  N N   . ILE A 1 16  ? -7.290  3.725   -9.641  1.00 17.89 ? 16  ILE A N   1 
ATOM   103  C CA  . ILE A 1 16  ? -7.231  3.540   -8.168  1.00 14.97 ? 16  ILE A CA  1 
ATOM   104  C C   . ILE A 1 16  ? -8.011  4.498   -7.371  1.00 14.83 ? 16  ILE A C   1 
ATOM   105  O O   . ILE A 1 16  ? -8.338  4.270   -6.192  1.00 15.27 ? 16  ILE A O   1 
ATOM   106  C CB  . ILE A 1 16  ? -5.678  3.568   -7.762  1.00 15.81 ? 16  ILE A CB  1 
ATOM   107  C CG1 . ILE A 1 16  ? -4.971  4.938   -7.937  1.00 15.00 ? 16  ILE A CG1 1 
ATOM   108  C CG2 . ILE A 1 16  ? -5.084  2.396   -8.521  1.00 13.04 ? 16  ILE A CG2 1 
ATOM   109  C CD1 . ILE A 1 16  ? -3.897  5.201   -6.788  1.00 16.13 ? 16  ILE A CD1 1 
ATOM   110  N N   . GLY A 1 17  ? -8.471  5.646   -8.031  1.00 15.23 ? 17  GLY A N   1 
ATOM   111  C CA  . GLY A 1 17  ? -9.261  6.520   -7.181  1.00 14.36 ? 17  GLY A CA  1 
ATOM   112  C C   . GLY A 1 17  ? -10.108 7.445   -8.022  1.00 15.18 ? 17  GLY A C   1 
ATOM   113  O O   . GLY A 1 17  ? -9.942  7.489   -9.206  1.00 15.28 ? 17  GLY A O   1 
ATOM   114  N N   . LYS A 1 18  ? -11.097 8.059   -7.436  1.00 17.14 ? 18  LYS A N   1 
ATOM   115  C CA  . LYS A 1 18  ? -11.943 9.022   -8.135  1.00 17.59 ? 18  LYS A CA  1 
ATOM   116  C C   . LYS A 1 18  ? -12.339 10.129  -7.149  1.00 17.35 ? 18  LYS A C   1 
ATOM   117  O O   . LYS A 1 18  ? -12.924 9.694   -6.251  1.00 15.84 ? 18  LYS A O   1 
ATOM   118  C CB  . LYS A 1 18  ? -13.290 8.495   -8.633  1.00 18.18 ? 18  LYS A CB  1 
ATOM   119  C CG  . LYS A 1 18  ? -13.683 9.555   -9.677  1.00 18.81 ? 18  LYS A CG  1 
ATOM   120  C CD  . LYS A 1 18  ? -15.081 9.326   -10.168 1.00 20.79 ? 18  LYS A CD  1 
ATOM   121  C CE  . LYS A 1 18  ? -15.994 8.373   -9.428  1.00 20.73 ? 18  LYS A CE  1 
ATOM   122  N NZ  . LYS A 1 18  ? -17.263 8.487   -10.303 1.00 22.48 ? 18  LYS A NZ  1 
ATOM   123  N N   . ASN A 1 19  ? -12.172 11.453  -7.316  1.00 18.92 ? 19  ASN A N   1 
ATOM   124  C CA  . ASN A 1 19  ? -12.580 12.464  -6.366  1.00 19.68 ? 19  ASN A CA  1 
ATOM   125  C C   . ASN A 1 19  ? -12.312 12.176  -4.899  1.00 19.24 ? 19  ASN A C   1 
ATOM   126  O O   . ASN A 1 19  ? -13.248 12.276  -4.047  1.00 18.36 ? 19  ASN A O   1 
ATOM   127  C CB  . ASN A 1 19  ? -14.106 12.832  -6.450  1.00 20.46 ? 19  ASN A CB  1 
ATOM   128  C CG  . ASN A 1 19  ? -14.497 13.324  -7.849  1.00 21.12 ? 19  ASN A CG  1 
ATOM   129  O OD1 . ASN A 1 19  ? -13.702 14.052  -8.468  1.00 22.40 ? 19  ASN A OD1 1 
ATOM   130  N ND2 . ASN A 1 19  ? -15.578 12.885  -8.417  1.00 22.28 ? 19  ASN A ND2 1 
ATOM   131  N N   . GLY A 1 20  ? -11.056 11.815  -4.681  1.00 18.92 ? 20  GLY A N   1 
ATOM   132  C CA  . GLY A 1 20  ? -10.748 11.484  -3.295  1.00 20.22 ? 20  GLY A CA  1 
ATOM   133  C C   . GLY A 1 20  ? -11.191 10.185  -2.804  1.00 22.30 ? 20  GLY A C   1 
ATOM   134  O O   . GLY A 1 20  ? -11.065 9.994   -1.524  1.00 22.82 ? 20  GLY A O   1 
ATOM   135  N N   . ASP A 1 21  ? -11.789 9.319   -3.638  1.00 24.00 ? 21  ASP A N   1 
ATOM   136  C CA  . ASP A 1 21  ? -12.166 7.990   -2.949  1.00 24.57 ? 21  ASP A CA  1 
ATOM   137  C C   . ASP A 1 21  ? -11.901 6.888   -3.953  1.00 23.88 ? 21  ASP A C   1 
ATOM   138  O O   . ASP A 1 21  ? -11.233 7.163   -4.946  1.00 22.64 ? 21  ASP A O   1 
ATOM   139  C CB  . ASP A 1 21  ? -13.536 8.074   -2.405  1.00 27.06 ? 21  ASP A CB  1 
ATOM   140  C CG  . ASP A 1 21  ? -13.842 7.108   -1.270  1.00 29.56 ? 21  ASP A CG  1 
ATOM   141  O OD1 . ASP A 1 21  ? -13.097 6.172   -0.886  1.00 30.70 ? 21  ASP A OD1 1 
ATOM   142  O OD2 . ASP A 1 21  ? -14.934 7.443   -0.746  1.00 30.91 ? 21  ASP A OD2 1 
ATOM   143  N N   . LEU A 1 22  ? -12.343 5.707   -3.591  1.00 22.37 ? 22  LEU A N   1 
ATOM   144  C CA  . LEU A 1 22  ? -12.168 4.498   -4.429  1.00 22.42 ? 22  LEU A CA  1 
ATOM   145  C C   . LEU A 1 22  ? -13.200 4.608   -5.552  1.00 20.37 ? 22  LEU A C   1 
ATOM   146  O O   . LEU A 1 22  ? -14.230 5.190   -5.212  1.00 20.68 ? 22  LEU A O   1 
ATOM   147  C CB  . LEU A 1 22  ? -12.438 3.287   -3.521  1.00 21.74 ? 22  LEU A CB  1 
ATOM   148  C CG  . LEU A 1 22  ? -11.390 2.610   -2.694  1.00 22.34 ? 22  LEU A CG  1 
ATOM   149  C CD1 . LEU A 1 22  ? -10.086 2.348   -3.392  1.00 22.19 ? 22  LEU A CD1 1 
ATOM   150  C CD2 . LEU A 1 22  ? -10.917 3.503   -1.519  1.00 22.86 ? 22  LEU A CD2 1 
ATOM   151  N N   . PRO A 1 23  ? -12.945 4.123   -6.717  1.00 19.17 ? 23  PRO A N   1 
ATOM   152  C CA  . PRO A 1 23  ? -13.878 4.172   -7.801  1.00 20.16 ? 23  PRO A CA  1 
ATOM   153  C C   . PRO A 1 23  ? -14.994 3.166   -7.665  1.00 22.50 ? 23  PRO A C   1 
ATOM   154  O O   . PRO A 1 23  ? -16.032 3.396   -8.370  1.00 23.08 ? 23  PRO A O   1 
ATOM   155  C CB  . PRO A 1 23  ? -12.996 4.037   -9.041  1.00 20.62 ? 23  PRO A CB  1 
ATOM   156  C CG  . PRO A 1 23  ? -11.596 3.997   -8.536  1.00 17.75 ? 23  PRO A CG  1 
ATOM   157  C CD  . PRO A 1 23  ? -11.694 3.475   -7.143  1.00 19.42 ? 23  PRO A CD  1 
ATOM   158  N N   . TRP A 1 24  ? -14.991 2.171   -6.803  1.00 20.42 ? 24  TRP A N   1 
ATOM   159  C CA  . TRP A 1 24  ? -16.090 1.239   -6.641  1.00 20.11 ? 24  TRP A CA  1 
ATOM   160  C C   . TRP A 1 24  ? -16.695 1.360   -5.262  1.00 21.50 ? 24  TRP A C   1 
ATOM   161  O O   . TRP A 1 24  ? -16.189 1.953   -4.300  1.00 20.47 ? 24  TRP A O   1 
ATOM   162  C CB  . TRP A 1 24  ? -15.593 -0.235  -7.024  1.00 18.44 ? 24  TRP A CB  1 
ATOM   163  C CG  . TRP A 1 24  ? -14.244 -0.448  -6.375  1.00 16.12 ? 24  TRP A CG  1 
ATOM   164  C CD1 . TRP A 1 24  ? -14.118 -0.694  -5.055  1.00 15.60 ? 24  TRP A CD1 1 
ATOM   165  C CD2 . TRP A 1 24  ? -12.939 -0.211  -6.908  1.00 14.38 ? 24  TRP A CD2 1 
ATOM   166  N NE1 . TRP A 1 24  ? -12.696 -0.719  -4.746  1.00 15.88 ? 24  TRP A NE1 1 
ATOM   167  C CE2 . TRP A 1 24  ? -12.008 -0.398  -5.867  1.00 14.32 ? 24  TRP A CE2 1 
ATOM   168  C CE3 . TRP A 1 24  ? -12.448 0.116   -8.145  1.00 14.06 ? 24  TRP A CE3 1 
ATOM   169  C CZ2 . TRP A 1 24  ? -10.645 -0.231  -5.988  1.00 14.55 ? 24  TRP A CZ2 1 
ATOM   170  C CZ3 . TRP A 1 24  ? -11.078 0.279   -8.341  1.00 14.05 ? 24  TRP A CZ3 1 
ATOM   171  C CH2 . TRP A 1 24  ? -10.176 0.106   -7.299  1.00 14.59 ? 24  TRP A CH2 1 
ATOM   172  N N   . PRO A 1 25  ? -17.864 0.736   -5.114  1.00 23.83 ? 25  PRO A N   1 
ATOM   173  C CA  . PRO A 1 25  ? -18.571 0.749   -3.845  1.00 25.66 ? 25  PRO A CA  1 
ATOM   174  C C   . PRO A 1 25  ? -17.635 0.033   -2.948  1.00 27.63 ? 25  PRO A C   1 
ATOM   175  O O   . PRO A 1 25  ? -16.746 -0.772  -3.320  1.00 30.21 ? 25  PRO A O   1 
ATOM   176  C CB  . PRO A 1 25  ? -19.946 0.284   -4.336  1.00 25.31 ? 25  PRO A CB  1 
ATOM   177  C CG  . PRO A 1 25  ? -19.549 -0.827  -5.314  1.00 26.08 ? 25  PRO A CG  1 
ATOM   178  C CD  . PRO A 1 25  ? -18.606 0.003   -6.193  1.00 24.99 ? 25  PRO A CD  1 
ATOM   179  N N   . PRO A 1 26  ? -17.785 0.185   -1.648  1.00 29.24 ? 26  PRO A N   1 
ATOM   180  C CA  . PRO A 1 26  ? -16.875 -0.420  -0.660  1.00 28.50 ? 26  PRO A CA  1 
ATOM   181  C C   . PRO A 1 26  ? -16.988 -1.909  -0.657  1.00 29.41 ? 26  PRO A C   1 
ATOM   182  O O   . PRO A 1 26  ? -18.096 -2.509  -0.759  1.00 31.19 ? 26  PRO A O   1 
ATOM   183  C CB  . PRO A 1 26  ? -17.250 0.304   0.627   1.00 29.87 ? 26  PRO A CB  1 
ATOM   184  C CG  . PRO A 1 26  ? -18.235 1.400   0.330   1.00 28.35 ? 26  PRO A CG  1 
ATOM   185  C CD  . PRO A 1 26  ? -18.767 1.138   -1.058  1.00 29.25 ? 26  PRO A CD  1 
ATOM   186  N N   . LEU A 1 27  ? -15.866 -2.565  -0.508  1.00 27.84 ? 27  LEU A N   1 
ATOM   187  C CA  . LEU A 1 27  ? -15.658 -4.015  -0.536  1.00 26.31 ? 27  LEU A CA  1 
ATOM   188  C C   . LEU A 1 27  ? -15.030 -4.369  0.793   1.00 25.61 ? 27  LEU A C   1 
ATOM   189  O O   . LEU A 1 27  ? -13.824 -4.254  0.891   1.00 24.65 ? 27  LEU A O   1 
ATOM   190  C CB  . LEU A 1 27  ? -14.811 -4.529  -1.701  1.00 24.84 ? 27  LEU A CB  1 
ATOM   191  C CG  . LEU A 1 27  ? -15.278 -4.287  -3.090  1.00 24.82 ? 27  LEU A CG  1 
ATOM   192  C CD1 . LEU A 1 27  ? -14.105 -4.185  -4.071  1.00 23.74 ? 27  LEU A CD1 1 
ATOM   193  C CD2 . LEU A 1 27  ? -16.211 -5.308  -3.767  1.00 23.83 ? 27  LEU A CD2 1 
ATOM   194  N N   . ARG A 1 28  ? -15.866 -4.737  1.713   1.00 25.19 ? 28  ARG A N   1 
ATOM   195  C CA  . ARG A 1 28  ? -15.546 -5.109  3.048   1.00 27.89 ? 28  ARG A CA  1 
ATOM   196  C C   . ARG A 1 28  ? -14.526 -6.218  3.189   1.00 26.55 ? 28  ARG A C   1 
ATOM   197  O O   . ARG A 1 28  ? -13.765 -6.211  4.173   1.00 26.66 ? 28  ARG A O   1 
ATOM   198  C CB  . ARG A 1 28  ? -16.888 -5.454  3.730   1.00 29.85 ? 28  ARG A CB  1 
ATOM   199  C CG  . ARG A 1 28  ? -16.791 -6.131  5.074   1.00 32.95 ? 28  ARG A CG  1 
ATOM   200  C CD  . ARG A 1 28  ? -18.156 -6.750  5.400   1.00 35.08 ? 28  ARG A CD  1 
ATOM   201  N NE  . ARG A 1 28  ? -18.037 -8.173  5.744   1.00 37.36 ? 28  ARG A NE  1 
ATOM   202  C CZ  . ARG A 1 28  ? -17.999 -9.251  4.939   1.00 38.45 ? 28  ARG A CZ  1 
ATOM   203  N NH1 . ARG A 1 28  ? -18.108 -9.088  3.619   1.00 38.76 ? 28  ARG A NH1 1 
ATOM   204  N NH2 . ARG A 1 28  ? -17.829 -10.521 5.353   1.00 38.13 ? 28  ARG A NH2 1 
ATOM   205  N N   . ASN A 1 29  ? -14.388 -7.213  2.336   1.00 25.61 ? 29  ASN A N   1 
ATOM   206  C CA  . ASN A 1 29  ? -13.378 -8.217  2.627   1.00 26.07 ? 29  ASN A CA  1 
ATOM   207  C C   . ASN A 1 29  ? -12.159 -7.775  1.840   1.00 23.54 ? 29  ASN A C   1 
ATOM   208  O O   . ASN A 1 29  ? -11.135 -8.397  1.990   1.00 26.16 ? 29  ASN A O   1 
ATOM   209  C CB  . ASN A 1 29  ? -13.683 -9.706  2.315   1.00 28.21 ? 29  ASN A CB  1 
ATOM   210  C CG  . ASN A 1 29  ? -15.040 -10.078 2.744   1.00 29.36 ? 29  ASN A CG  1 
ATOM   211  O OD1 . ASN A 1 29  ? -15.320 -9.991  3.921   1.00 30.35 ? 29  ASN A OD1 1 
ATOM   212  N ND2 . ASN A 1 29  ? -15.875 -10.440 1.756   1.00 30.83 ? 29  ASN A ND2 1 
ATOM   213  N N   . GLU A 1 30  ? -12.312 -6.826  1.006   1.00 21.88 ? 30  GLU A N   1 
ATOM   214  C CA  . GLU A 1 30  ? -11.086 -6.362  0.271   1.00 21.18 ? 30  GLU A CA  1 
ATOM   215  C C   . GLU A 1 30  ? -10.345 -5.545  1.292   1.00 20.23 ? 30  GLU A C   1 
ATOM   216  O O   . GLU A 1 30  ? -9.103  -5.545  1.448   1.00 21.96 ? 30  GLU A O   1 
ATOM   217  C CB  . GLU A 1 30  ? -11.499 -5.779  -1.083  1.00 18.46 ? 30  GLU A CB  1 
ATOM   218  C CG  . GLU A 1 30  ? -10.350 -5.570  -2.005  1.00 18.26 ? 30  GLU A CG  1 
ATOM   219  C CD  . GLU A 1 30  ? -9.112  -4.779  -1.734  1.00 19.08 ? 30  GLU A CD  1 
ATOM   220  O OE1 . GLU A 1 30  ? -9.247  -3.553  -1.412  1.00 20.12 ? 30  GLU A OE1 1 
ATOM   221  O OE2 . GLU A 1 30  ? -7.972  -5.163  -1.749  1.00 18.44 ? 30  GLU A OE2 1 
ATOM   222  N N   . PHE A 1 31  ? -10.981 -4.913  2.209   1.00 21.36 ? 31  PHE A N   1 
ATOM   223  C CA  . PHE A 1 31  ? -10.554 -3.961  3.267   1.00 21.07 ? 31  PHE A CA  1 
ATOM   224  C C   . PHE A 1 31  ? -9.929  -4.713  4.397   1.00 21.12 ? 31  PHE A C   1 
ATOM   225  O O   . PHE A 1 31  ? -8.926  -4.277  4.978   1.00 20.50 ? 31  PHE A O   1 
ATOM   226  C CB  . PHE A 1 31  ? -11.579 -2.992  3.926   1.00 21.26 ? 31  PHE A CB  1 
ATOM   227  C CG  . PHE A 1 31  ? -11.819 -1.726  3.117   1.00 22.43 ? 31  PHE A CG  1 
ATOM   228  C CD1 . PHE A 1 31  ? -10.831 -0.776  2.938   1.00 22.50 ? 31  PHE A CD1 1 
ATOM   229  C CD2 . PHE A 1 31  ? -13.042 -1.484  2.553   1.00 22.67 ? 31  PHE A CD2 1 
ATOM   230  C CE1 . PHE A 1 31  ? -11.088 0.375   2.229   1.00 23.38 ? 31  PHE A CE1 1 
ATOM   231  C CE2 . PHE A 1 31  ? -13.279 -0.355  1.799   1.00 23.54 ? 31  PHE A CE2 1 
ATOM   232  C CZ  . PHE A 1 31  ? -12.311 0.623   1.621   1.00 23.44 ? 31  PHE A CZ  1 
ATOM   233  N N   . ARG A 1 32  ? -10.595 -5.856  4.623   1.00 21.83 ? 32  ARG A N   1 
ATOM   234  C CA  . ARG A 1 32  ? -10.125 -6.813  5.614   1.00 21.68 ? 32  ARG A CA  1 
ATOM   235  C C   . ARG A 1 32  ? -8.796  -7.399  5.283   1.00 19.22 ? 32  ARG A C   1 
ATOM   236  O O   . ARG A 1 32  ? -7.947  -7.723  6.099   1.00 19.05 ? 32  ARG A O   1 
ATOM   237  C CB  . ARG A 1 32  ? -11.140 -8.053  5.665   1.00 23.94 ? 32  ARG A CB  1 
ATOM   238  C CG  . ARG A 1 32  ? -12.242 -7.466  6.565   1.00 26.97 ? 32  ARG A CG  1 
ATOM   239  C CD  . ARG A 1 32  ? -12.989 -8.623  7.204   1.00 30.08 ? 32  ARG A CD  1 
ATOM   240  N NE  . ARG A 1 32  ? -14.327 -8.104  7.424   1.00 33.31 ? 32  ARG A NE  1 
ATOM   241  C CZ  . ARG A 1 32  ? -15.446 -8.840  7.241   1.00 34.94 ? 32  ARG A CZ  1 
ATOM   242  N NH1 . ARG A 1 32  ? -15.357 -10.079 6.775   1.00 35.10 ? 32  ARG A NH1 1 
ATOM   243  N NH2 . ARG A 1 32  ? -16.617 -8.249  7.566   1.00 35.58 ? 32  ARG A NH2 1 
ATOM   244  N N   . TYR A 1 33  ? -8.584  -7.705  4.046   1.00 19.60 ? 33  TYR A N   1 
ATOM   245  C CA  . TYR A 1 33  ? -7.366  -8.269  3.429   1.00 18.98 ? 33  TYR A CA  1 
ATOM   246  C C   . TYR A 1 33  ? -6.278  -7.153  3.506   1.00 18.21 ? 33  TYR A C   1 
ATOM   247  O O   . TYR A 1 33  ? -5.157  -7.422  3.907   1.00 20.86 ? 33  TYR A O   1 
ATOM   248  C CB  . TYR A 1 33  ? -7.753  -8.636  1.936   1.00 19.29 ? 33  TYR A CB  1 
ATOM   249  C CG  . TYR A 1 33  ? -6.520  -8.940  1.105   1.00 18.77 ? 33  TYR A CG  1 
ATOM   250  C CD1 . TYR A 1 33  ? -5.894  -10.182 1.289   1.00 19.07 ? 33  TYR A CD1 1 
ATOM   251  C CD2 . TYR A 1 33  ? -5.899  -8.046  0.221   1.00 18.99 ? 33  TYR A CD2 1 
ATOM   252  C CE1 . TYR A 1 33  ? -4.750  -10.532 0.614   1.00 18.20 ? 33  TYR A CE1 1 
ATOM   253  C CE2 . TYR A 1 33  ? -4.696  -8.361  -0.443  1.00 18.01 ? 33  TYR A CE2 1 
ATOM   254  C CZ  . TYR A 1 33  ? -4.160  -9.593  -0.213  1.00 18.90 ? 33  TYR A CZ  1 
ATOM   255  O OH  . TYR A 1 33  ? -3.022  -10.042 -0.871  1.00 20.59 ? 33  TYR A OH  1 
ATOM   256  N N   . PHE A 1 34  ? -6.536  -5.916  3.117   1.00 17.96 ? 34  PHE A N   1 
ATOM   257  C CA  . PHE A 1 34  ? -5.640  -4.762  3.220   1.00 15.87 ? 34  PHE A CA  1 
ATOM   258  C C   . PHE A 1 34  ? -5.126  -4.627  4.668   1.00 16.67 ? 34  PHE A C   1 
ATOM   259  O O   . PHE A 1 34  ? -3.931  -4.436  4.923   1.00 15.79 ? 34  PHE A O   1 
ATOM   260  C CB  . PHE A 1 34  ? -6.310  -3.493  2.709   1.00 15.97 ? 34  PHE A CB  1 
ATOM   261  C CG  . PHE A 1 34  ? -5.462  -2.303  3.146   1.00 13.84 ? 34  PHE A CG  1 
ATOM   262  C CD1 . PHE A 1 34  ? -5.641  -1.756  4.420   1.00 15.21 ? 34  PHE A CD1 1 
ATOM   263  C CD2 . PHE A 1 34  ? -4.478  -1.791  2.290   1.00 14.10 ? 34  PHE A CD2 1 
ATOM   264  C CE1 . PHE A 1 34  ? -4.836  -0.693  4.844   1.00 14.05 ? 34  PHE A CE1 1 
ATOM   265  C CE2 . PHE A 1 34  ? -3.672  -0.727  2.712   1.00 13.31 ? 34  PHE A CE2 1 
ATOM   266  C CZ  . PHE A 1 34  ? -3.849  -0.180  3.991   1.00 13.73 ? 34  PHE A CZ  1 
ATOM   267  N N   . GLN A 1 35  ? -6.018  -4.765  5.620   1.00 16.44 ? 35  GLN A N   1 
ATOM   268  C CA  . GLN A 1 35  ? -5.668  -4.583  7.039   1.00 18.11 ? 35  GLN A CA  1 
ATOM   269  C C   . GLN A 1 35  ? -4.874  -5.780  7.632   1.00 19.60 ? 35  GLN A C   1 
ATOM   270  O O   . GLN A 1 35  ? -3.990  -5.605  8.473   1.00 22.08 ? 35  GLN A O   1 
ATOM   271  C CB  . GLN A 1 35  ? -6.933  -4.366  7.824   1.00 20.60 ? 35  GLN A CB  1 
ATOM   272  C CG  . GLN A 1 35  ? -6.823  -4.756  9.283   1.00 24.13 ? 35  GLN A CG  1 
ATOM   273  C CD  . GLN A 1 35  ? -8.205  -4.801  9.889   1.00 27.35 ? 35  GLN A CD  1 
ATOM   274  O OE1 . GLN A 1 35  ? -8.354  -4.920  11.092  1.00 30.43 ? 35  GLN A OE1 1 
ATOM   275  N NE2 . GLN A 1 35  ? -9.250  -4.708  9.089   1.00 28.80 ? 35  GLN A NE2 1 
ATOM   276  N N   . ARG A 1 36  ? -5.199  -6.988  7.212   1.00 21.24 ? 36  ARG A N   1 
ATOM   277  C CA  . ARG A 1 36  ? -4.507  -8.233  7.670   1.00 22.71 ? 36  ARG A CA  1 
ATOM   278  C C   . ARG A 1 36  ? -3.118  -8.183  7.064   1.00 21.94 ? 36  ARG A C   1 
ATOM   279  O O   . ARG A 1 36  ? -2.159  -8.260  7.831   1.00 24.25 ? 36  ARG A O   1 
ATOM   280  C CB  . ARG A 1 36  ? -5.431  -9.359  7.213   1.00 22.91 ? 36  ARG A CB  1 
ATOM   281  C CG  . ARG A 1 36  ? -4.813  -10.730 7.114   1.00 26.25 ? 36  ARG A CG  1 
ATOM   282  C CD  . ARG A 1 36  ? -5.885  -11.787 6.852   1.00 28.23 ? 36  ARG A CD  1 
ATOM   283  N NE  . ARG A 1 36  ? -5.979  -12.167 5.445   1.00 29.30 ? 36  ARG A NE  1 
ATOM   284  C CZ  . ARG A 1 36  ? -4.958  -12.720 4.811   1.00 29.36 ? 36  ARG A CZ  1 
ATOM   285  N NH1 . ARG A 1 36  ? -3.810  -12.940 5.466   1.00 29.84 ? 36  ARG A NH1 1 
ATOM   286  N NH2 . ARG A 1 36  ? -4.981  -13.095 3.533   1.00 29.56 ? 36  ARG A NH2 1 
ATOM   287  N N   . MET A 1 37  ? -2.899  -7.967  5.803   1.00 21.78 ? 37  MET A N   1 
ATOM   288  C CA  . MET A 1 37  ? -1.576  -7.856  5.159   1.00 22.12 ? 37  MET A CA  1 
ATOM   289  C C   . MET A 1 37  ? -0.719  -6.740  5.769   1.00 20.03 ? 37  MET A C   1 
ATOM   290  O O   . MET A 1 37  ? 0.438   -6.978  6.081   1.00 21.03 ? 37  MET A O   1 
ATOM   291  C CB  . MET A 1 37  ? -1.716  -7.678  3.639   1.00 22.29 ? 37  MET A CB  1 
ATOM   292  C CG  . MET A 1 37  ? -2.400  -8.829  2.989   1.00 23.68 ? 37  MET A CG  1 
ATOM   293  S SD  . MET A 1 37  ? -1.336  -10.382 3.094   1.00 27.10 ? 37  MET A SD  1 
ATOM   294  C CE  . MET A 1 37  ? -2.047  -11.184 4.468   1.00 25.21 ? 37  MET A CE  1 
ATOM   295  N N   . THR A 1 38  ? -1.158  -5.526  5.915   1.00 18.88 ? 38  THR A N   1 
ATOM   296  C CA  . THR A 1 38  ? -0.385  -4.412  6.460   1.00 17.67 ? 38  THR A CA  1 
ATOM   297  C C   . THR A 1 38  ? -0.148  -4.499  7.970   1.00 17.61 ? 38  THR A C   1 
ATOM   298  O O   . THR A 1 38  ? 0.878   -3.936  8.486   1.00 18.82 ? 38  THR A O   1 
ATOM   299  C CB  . THR A 1 38  ? -0.998  -2.989  6.063   1.00 16.57 ? 38  THR A CB  1 
ATOM   300  O OG1 . THR A 1 38  ? -2.409  -2.906  6.615   1.00 15.83 ? 38  THR A OG1 1 
ATOM   301  C CG2 . THR A 1 38  ? -1.152  -2.896  4.544   1.00 16.54 ? 38  THR A CG2 1 
ATOM   302  N N   . THR A 1 39  ? -1.050  -5.020  8.732   1.00 18.79 ? 39  THR A N   1 
ATOM   303  C CA  . THR A 1 39  ? -0.889  -5.107  10.157  1.00 21.98 ? 39  THR A CA  1 
ATOM   304  C C   . THR A 1 39  ? -0.071  -6.323  10.593  1.00 23.69 ? 39  THR A C   1 
ATOM   305  O O   . THR A 1 39  ? 0.647   -6.103  11.589  1.00 25.57 ? 39  THR A O   1 
ATOM   306  C CB  . THR A 1 39  ? -2.257  -5.351  10.946  1.00 24.15 ? 39  THR A CB  1 
ATOM   307  O OG1 . THR A 1 39  ? -3.060  -4.300  10.333  1.00 25.48 ? 39  THR A OG1 1 
ATOM   308  C CG2 . THR A 1 39  ? -2.062  -5.018  12.463  1.00 24.67 ? 39  THR A CG2 1 
ATOM   309  N N   . THR A 1 40  ? -0.174  -7.452  9.978   1.00 23.60 ? 40  THR A N   1 
ATOM   310  C CA  . THR A 1 40  ? 0.656   -8.606  10.532  1.00 25.26 ? 40  THR A CA  1 
ATOM   311  C C   . THR A 1 40  ? 2.117   -8.544  10.444  1.00 24.72 ? 40  THR A C   1 
ATOM   312  O O   . THR A 1 40  ? 2.736   -8.553  9.376   1.00 23.29 ? 40  THR A O   1 
ATOM   313  C CB  . THR A 1 40  ? 0.140   -9.878  9.720   1.00 25.14 ? 40  THR A CB  1 
ATOM   314  O OG1 . THR A 1 40  ? -1.224  -9.909  10.188  1.00 25.81 ? 40  THR A OG1 1 
ATOM   315  C CG2 . THR A 1 40  ? 0.743   -11.226 10.128  1.00 26.44 ? 40  THR A CG2 1 
ATOM   316  N N   . SER A 1 41  ? 2.790   -8.548  11.570  1.00 28.33 ? 41  SER A N   1 
ATOM   317  C CA  . SER A 1 41  ? 4.275   -8.519  11.529  1.00 30.90 ? 41  SER A CA  1 
ATOM   318  C C   . SER A 1 41  ? 4.876   -9.905  11.557  1.00 33.25 ? 41  SER A C   1 
ATOM   319  O O   . SER A 1 41  ? 4.321   -10.800 12.249  1.00 34.08 ? 41  SER A O   1 
ATOM   320  C CB  . SER A 1 41  ? 4.874   -7.651  12.650  1.00 30.79 ? 41  SER A CB  1 
ATOM   321  O OG  . SER A 1 41  ? 6.281   -7.863  12.318  1.00 30.58 ? 41  SER A OG  1 
ATOM   322  N N   . SER A 1 42  ? 5.988   -10.160 10.837  1.00 34.69 ? 42  SER A N   1 
ATOM   323  C CA  . SER A 1 42  ? 6.575   -11.485 10.859  1.00 36.38 ? 42  SER A CA  1 
ATOM   324  C C   . SER A 1 42  ? 7.479   -11.810 12.040  1.00 37.30 ? 42  SER A C   1 
ATOM   325  O O   . SER A 1 42  ? 7.882   -12.986 11.897  1.00 37.99 ? 42  SER A O   1 
ATOM   326  C CB  . SER A 1 42  ? 7.551   -11.779 9.683   1.00 36.99 ? 42  SER A CB  1 
ATOM   327  O OG  . SER A 1 42  ? 8.209   -10.558 9.340   1.00 37.54 ? 42  SER A OG  1 
ATOM   328  N N   . VAL A 1 43  ? 7.786   -10.978 12.965  1.00 37.58 ? 43  VAL A N   1 
ATOM   329  C CA  . VAL A 1 43  ? 8.678   -11.067 14.112  1.00 36.59 ? 43  VAL A CA  1 
ATOM   330  C C   . VAL A 1 43  ? 8.078   -10.482 15.377  1.00 37.06 ? 43  VAL A C   1 
ATOM   331  O O   . VAL A 1 43  ? 7.681   -9.328  15.268  1.00 36.43 ? 43  VAL A O   1 
ATOM   332  C CB  . VAL A 1 43  ? 9.894   -10.091 13.788  1.00 36.54 ? 43  VAL A CB  1 
ATOM   333  C CG1 . VAL A 1 43  ? 10.801  -9.814  15.004  1.00 35.79 ? 43  VAL A CG1 1 
ATOM   334  C CG2 . VAL A 1 43  ? 10.802  -10.453 12.632  1.00 35.51 ? 43  VAL A CG2 1 
ATOM   335  N N   . GLU A 1 44  ? 8.045   -11.093 16.538  1.00 38.94 ? 44  GLU A N   1 
ATOM   336  C CA  . GLU A 1 44  ? 7.461   -10.545 17.772  1.00 40.09 ? 44  GLU A CA  1 
ATOM   337  C C   . GLU A 1 44  ? 8.172   -9.315  18.296  1.00 39.25 ? 44  GLU A C   1 
ATOM   338  O O   . GLU A 1 44  ? 9.380   -9.089  18.277  1.00 38.30 ? 44  GLU A O   1 
ATOM   339  C CB  . GLU A 1 44  ? 7.322   -11.498 18.958  1.00 42.06 ? 44  GLU A CB  1 
ATOM   340  C CG  . GLU A 1 44  ? 8.572   -11.908 19.733  1.00 44.83 ? 44  GLU A CG  1 
ATOM   341  C CD  . GLU A 1 44  ? 9.391   -13.116 19.471  1.00 46.59 ? 44  GLU A CD  1 
ATOM   342  O OE1 . GLU A 1 44  ? 9.431   -13.741 18.372  1.00 48.92 ? 44  GLU A OE1 1 
ATOM   343  O OE2 . GLU A 1 44  ? 10.123  -13.535 20.403  1.00 46.80 ? 44  GLU A OE2 1 
ATOM   344  N N   . GLY A 1 45  ? 7.250   -8.471  18.808  1.00 39.39 ? 45  GLY A N   1 
ATOM   345  C CA  . GLY A 1 45  ? 7.603   -7.148  19.363  1.00 38.29 ? 45  GLY A CA  1 
ATOM   346  C C   . GLY A 1 45  ? 7.857   -6.118  18.268  1.00 37.91 ? 45  GLY A C   1 
ATOM   347  O O   . GLY A 1 45  ? 8.406   -5.050  18.661  1.00 39.41 ? 45  GLY A O   1 
ATOM   348  N N   . LYS A 1 46  ? 7.515   -6.397  17.008  1.00 35.90 ? 46  LYS A N   1 
ATOM   349  C CA  . LYS A 1 46  ? 7.696   -5.513  15.883  1.00 33.48 ? 46  LYS A CA  1 
ATOM   350  C C   . LYS A 1 46  ? 6.304   -5.122  15.318  1.00 33.17 ? 46  LYS A C   1 
ATOM   351  O O   . LYS A 1 46  ? 5.290   -5.776  15.617  1.00 32.98 ? 46  LYS A O   1 
ATOM   352  C CB  . LYS A 1 46  ? 8.503   -6.018  14.691  1.00 33.30 ? 46  LYS A CB  1 
ATOM   353  C CG  . LYS A 1 46  ? 10.021  -6.117  15.065  1.00 32.95 ? 46  LYS A CG  1 
ATOM   354  C CD  . LYS A 1 46  ? 10.888  -6.295  13.815  1.00 32.88 ? 46  LYS A CD  1 
ATOM   355  C CE  . LYS A 1 46  ? 12.343  -6.624  14.199  1.00 32.97 ? 46  LYS A CE  1 
ATOM   356  N NZ  . LYS A 1 46  ? 13.253  -6.447  13.009  1.00 33.76 ? 46  LYS A NZ  1 
ATOM   357  N N   . GLN A 1 47  ? 6.373   -4.043  14.553  1.00 30.39 ? 47  GLN A N   1 
ATOM   358  C CA  . GLN A 1 47  ? 5.221   -3.437  13.881  1.00 28.90 ? 47  GLN A CA  1 
ATOM   359  C C   . GLN A 1 47  ? 5.570   -3.113  12.441  1.00 25.99 ? 47  GLN A C   1 
ATOM   360  O O   . GLN A 1 47  ? 6.703   -2.850  12.079  1.00 28.10 ? 47  GLN A O   1 
ATOM   361  C CB  . GLN A 1 47  ? 4.761   -2.024  14.441  1.00 29.24 ? 47  GLN A CB  1 
ATOM   362  C CG  . GLN A 1 47  ? 3.407   -2.157  15.075  1.00 31.69 ? 47  GLN A CG  1 
ATOM   363  C CD  . GLN A 1 47  ? 3.151   -0.863  15.825  1.00 32.67 ? 47  GLN A CD  1 
ATOM   364  O OE1 . GLN A 1 47  ? 3.817   0.090   15.555  1.00 34.37 ? 47  GLN A OE1 1 
ATOM   365  N NE2 . GLN A 1 47  ? 2.259   -0.873  16.771  1.00 33.47 ? 47  GLN A NE2 1 
ATOM   366  N N   . ASN A 1 48  ? 4.539   -3.053  11.620  1.00 24.33 ? 48  ASN A N   1 
ATOM   367  C CA  . ASN A 1 48  ? 4.738   -2.661  10.225  1.00 21.23 ? 48  ASN A CA  1 
ATOM   368  C C   . ASN A 1 48  ? 4.598   -1.139  10.160  1.00 19.80 ? 48  ASN A C   1 
ATOM   369  O O   . ASN A 1 48  ? 3.767   -0.522  10.778  1.00 17.05 ? 48  ASN A O   1 
ATOM   370  C CB  . ASN A 1 48  ? 3.633   -3.360  9.341   1.00 21.78 ? 48  ASN A CB  1 
ATOM   371  C CG  . ASN A 1 48  ? 3.953   -4.849  9.270   1.00 20.73 ? 48  ASN A CG  1 
ATOM   372  O OD1 . ASN A 1 48  ? 5.019   -5.269  9.609   1.00 20.40 ? 48  ASN A OD1 1 
ATOM   373  N ND2 . ASN A 1 48  ? 3.101   -5.747  8.916   1.00 20.79 ? 48  ASN A ND2 1 
ATOM   374  N N   . LEU A 1 49  ? 5.392   -0.527  9.272   1.00 19.57 ? 49  LEU A N   1 
ATOM   375  C CA  . LEU A 1 49  ? 5.292   0.889   8.928   1.00 20.05 ? 49  LEU A CA  1 
ATOM   376  C C   . LEU A 1 49  ? 4.460   1.092   7.666   1.00 20.10 ? 49  LEU A C   1 
ATOM   377  O O   . LEU A 1 49  ? 4.735   0.310   6.696   1.00 22.78 ? 49  LEU A O   1 
ATOM   378  C CB  . LEU A 1 49  ? 6.716   1.331   8.604   1.00 21.46 ? 49  LEU A CB  1 
ATOM   379  C CG  . LEU A 1 49  ? 6.942   2.781   8.064   1.00 20.01 ? 49  LEU A CG  1 
ATOM   380  C CD1 . LEU A 1 49  ? 6.391   3.602   9.235   1.00 20.66 ? 49  LEU A CD1 1 
ATOM   381  C CD2 . LEU A 1 49  ? 8.416   2.893   7.837   1.00 19.86 ? 49  LEU A CD2 1 
ATOM   382  N N   . VAL A 1 50  ? 3.554   1.978   7.496   1.00 21.02 ? 50  VAL A N   1 
ATOM   383  C CA  . VAL A 1 50  ? 2.748   2.181   6.287   1.00 19.08 ? 50  VAL A CA  1 
ATOM   384  C C   . VAL A 1 50  ? 3.065   3.628   5.901   1.00 18.22 ? 50  VAL A C   1 
ATOM   385  O O   . VAL A 1 50  ? 2.947   4.475   6.808   1.00 17.36 ? 50  VAL A O   1 
ATOM   386  C CB  . VAL A 1 50  ? 1.208   1.974   6.336   1.00 19.50 ? 50  VAL A CB  1 
ATOM   387  C CG1 . VAL A 1 50  ? 0.744   0.587   6.646   1.00 20.27 ? 50  VAL A CG1 1 
ATOM   388  C CG2 . VAL A 1 50  ? 0.431   2.901   7.214   1.00 20.56 ? 50  VAL A CG2 1 
ATOM   389  N N   . ILE A 1 51  ? 3.504   3.795   4.707   1.00 16.19 ? 51  ILE A N   1 
ATOM   390  C CA  . ILE A 1 51  ? 3.877   5.020   4.037   1.00 16.40 ? 51  ILE A CA  1 
ATOM   391  C C   . ILE A 1 51  ? 2.833   5.431   3.048   1.00 15.82 ? 51  ILE A C   1 
ATOM   392  O O   . ILE A 1 51  ? 2.379   4.543   2.260   1.00 16.34 ? 51  ILE A O   1 
ATOM   393  C CB  . ILE A 1 51  ? 5.286   4.760   3.383   1.00 17.07 ? 51  ILE A CB  1 
ATOM   394  C CG1 . ILE A 1 51  ? 6.377   4.482   4.467   1.00 16.27 ? 51  ILE A CG1 1 
ATOM   395  C CG2 . ILE A 1 51  ? 5.755   5.925   2.494   1.00 17.83 ? 51  ILE A CG2 1 
ATOM   396  C CD1 . ILE A 1 51  ? 7.812   4.423   3.835   1.00 15.32 ? 51  ILE A CD1 1 
ATOM   397  N N   . MET A 1 52  ? 2.241   6.636   3.064   1.00 15.26 ? 52  MET A N   1 
ATOM   398  C CA  . MET A 1 52  ? 1.271   7.084   2.122   1.00 15.02 ? 52  MET A CA  1 
ATOM   399  C C   . MET A 1 52  ? 1.493   8.561   1.738   1.00 16.36 ? 52  MET A C   1 
ATOM   400  O O   . MET A 1 52  ? 1.977   9.248   2.647   1.00 17.48 ? 52  MET A O   1 
ATOM   401  C CB  . MET A 1 52  ? -0.158  6.931   2.602   1.00 16.24 ? 52  MET A CB  1 
ATOM   402  C CG  . MET A 1 52  ? -0.472  7.710   3.878   1.00 15.91 ? 52  MET A CG  1 
ATOM   403  S SD  . MET A 1 52  ? -1.880  6.981   4.748   1.00 20.11 ? 52  MET A SD  1 
ATOM   404  C CE  . MET A 1 52  ? -1.096  5.848   5.868   1.00 17.40 ? 52  MET A CE  1 
ATOM   405  N N   . GLY A 1 53  ? 0.841   9.030   0.678   1.00 16.33 ? 53  GLY A N   1 
ATOM   406  C CA  . GLY A 1 53  ? 0.982   10.451  0.312   1.00 14.73 ? 53  GLY A CA  1 
ATOM   407  C C   . GLY A 1 53  ? -0.117  11.138  1.006   1.00 15.97 ? 53  GLY A C   1 
ATOM   408  O O   . GLY A 1 53  ? -1.009  10.485  1.569   1.00 16.01 ? 53  GLY A O   1 
ATOM   409  N N   . LYS A 1 54  ? -0.100  12.470  1.051   1.00 17.07 ? 54  LYS A N   1 
ATOM   410  C CA  . LYS A 1 54  ? -1.091  13.296  1.712   1.00 17.45 ? 54  LYS A CA  1 
ATOM   411  C C   . LYS A 1 54  ? -2.510  12.984  1.278   1.00 16.78 ? 54  LYS A C   1 
ATOM   412  O O   . LYS A 1 54  ? -3.303  12.944  2.172   1.00 15.92 ? 54  LYS A O   1 
ATOM   413  C CB  . LYS A 1 54  ? -0.856  14.786  1.417   1.00 18.29 ? 54  LYS A CB  1 
ATOM   414  C CG  . LYS A 1 54  ? -1.481  15.635  2.514   1.00 19.26 ? 54  LYS A CG  1 
ATOM   415  C CD  . LYS A 1 54  ? -1.036  17.102  2.267   1.00 20.30 ? 54  LYS A CD  1 
ATOM   416  C CE  . LYS A 1 54  ? -1.379  17.573  0.881   1.00 21.97 ? 54  LYS A CE  1 
ATOM   417  N NZ  . LYS A 1 54  ? -0.807  18.935  0.651   1.00 22.13 ? 54  LYS A NZ  1 
ATOM   418  N N   . LYS A 1 55  ? -2.906  12.842  0.019   1.00 17.52 ? 55  LYS A N   1 
ATOM   419  C CA  . LYS A 1 55  ? -4.330  12.563  -0.317  1.00 17.12 ? 55  LYS A CA  1 
ATOM   420  C C   . LYS A 1 55  ? -4.767  11.227  -0.014  1.00 15.43 ? 55  LYS A C   1 
ATOM   421  O O   . LYS A 1 55  ? -5.970  10.927  0.137   1.00 18.81 ? 55  LYS A O   1 
ATOM   422  C CB  . LYS A 1 55  ? -4.457  12.724  -1.892  1.00 18.81 ? 55  LYS A CB  1 
ATOM   423  C CG  . LYS A 1 55  ? -5.840  13.203  -2.339  1.00 20.86 ? 55  LYS A CG  1 
ATOM   424  C CD  . LYS A 1 55  ? -5.903  13.118  -3.913  1.00 22.66 ? 55  LYS A CD  1 
ATOM   425  C CE  . LYS A 1 55  ? -7.280  13.481  -4.344  1.00 24.08 ? 55  LYS A CE  1 
ATOM   426  N NZ  . LYS A 1 55  ? -7.708  13.204  -5.732  1.00 23.91 ? 55  LYS A NZ  1 
ATOM   427  N N   . THR A 1 56  ? -3.848  10.246  0.145   1.00 15.87 ? 56  THR A N   1 
ATOM   428  C CA  . THR A 1 56  ? -4.168  8.900   0.582   1.00 15.38 ? 56  THR A CA  1 
ATOM   429  C C   . THR A 1 56  ? -4.586  8.994   2.008   1.00 14.34 ? 56  THR A C   1 
ATOM   430  O O   . THR A 1 56  ? -5.673  8.536   2.428   1.00 16.68 ? 56  THR A O   1 
ATOM   431  C CB  . THR A 1 56  ? -3.084  7.733   0.274   1.00 14.10 ? 56  THR A CB  1 
ATOM   432  O OG1 . THR A 1 56  ? -3.331  7.742   -1.170  1.00 14.36 ? 56  THR A OG1 1 
ATOM   433  C CG2 . THR A 1 56  ? -3.620  6.463   0.839   1.00 14.42 ? 56  THR A CG2 1 
ATOM   434  N N   . TRP A 1 57  ? -3.793  9.658   2.789   1.00 15.73 ? 57  TRP A N   1 
ATOM   435  C CA  . TRP A 1 57  ? -4.182  9.846   4.204   1.00 15.64 ? 57  TRP A CA  1 
ATOM   436  C C   . TRP A 1 57  ? -5.564  10.396  4.408   1.00 16.14 ? 57  TRP A C   1 
ATOM   437  O O   . TRP A 1 57  ? -6.433  10.014  5.223   1.00 17.94 ? 57  TRP A O   1 
ATOM   438  C CB  . TRP A 1 57  ? -3.093  10.727  4.896   1.00 15.06 ? 57  TRP A CB  1 
ATOM   439  C CG  . TRP A 1 57  ? -3.491  11.156  6.270   1.00 15.31 ? 57  TRP A CG  1 
ATOM   440  C CD1 . TRP A 1 57  ? -3.965  12.378  6.650   1.00 16.62 ? 57  TRP A CD1 1 
ATOM   441  C CD2 . TRP A 1 57  ? -3.274  10.450  7.502   1.00 15.86 ? 57  TRP A CD2 1 
ATOM   442  N NE1 . TRP A 1 57  ? -4.130  12.481  8.048   1.00 17.19 ? 57  TRP A NE1 1 
ATOM   443  C CE2 . TRP A 1 57  ? -3.764  11.260  8.573   1.00 16.81 ? 57  TRP A CE2 1 
ATOM   444  C CE3 . TRP A 1 57  ? -2.859  9.182   7.837   1.00 15.99 ? 57  TRP A CE3 1 
ATOM   445  C CZ2 . TRP A 1 57  ? -3.794  10.861  9.906   1.00 16.70 ? 57  TRP A CZ2 1 
ATOM   446  C CZ3 . TRP A 1 57  ? -2.859  8.737   9.152   1.00 14.44 ? 57  TRP A CZ3 1 
ATOM   447  C CH2 . TRP A 1 57  ? -3.353  9.571   10.162  1.00 15.45 ? 57  TRP A CH2 1 
ATOM   448  N N   . PHE A 1 58  ? -5.887  11.522  3.779   1.00 18.94 ? 58  PHE A N   1 
ATOM   449  C CA  . PHE A 1 58  ? -7.164  12.208  3.873   1.00 18.43 ? 58  PHE A CA  1 
ATOM   450  C C   . PHE A 1 58  ? -8.308  11.415  3.243   1.00 20.98 ? 58  PHE A C   1 
ATOM   451  O O   . PHE A 1 58  ? -9.486  11.676  3.540   1.00 22.96 ? 58  PHE A O   1 
ATOM   452  C CB  . PHE A 1 58  ? -7.039  13.596  3.186   1.00 18.60 ? 58  PHE A CB  1 
ATOM   453  C CG  . PHE A 1 58  ? -6.366  14.534  4.240   1.00 17.53 ? 58  PHE A CG  1 
ATOM   454  C CD1 . PHE A 1 58  ? -7.004  14.708  5.405   1.00 16.48 ? 58  PHE A CD1 1 
ATOM   455  C CD2 . PHE A 1 58  ? -5.141  14.994  3.928   1.00 16.92 ? 58  PHE A CD2 1 
ATOM   456  C CE1 . PHE A 1 58  ? -6.401  15.426  6.486   1.00 15.48 ? 58  PHE A CE1 1 
ATOM   457  C CE2 . PHE A 1 58  ? -4.513  15.756  4.945   1.00 17.78 ? 58  PHE A CE2 1 
ATOM   458  C CZ  . PHE A 1 58  ? -5.166  15.996  6.137   1.00 15.86 ? 58  PHE A CZ  1 
ATOM   459  N N   . SER A 1 59  ? -8.092  10.447  2.409   1.00 22.22 ? 59  SER A N   1 
ATOM   460  C CA  . SER A 1 59  ? -9.066  9.566   1.809   1.00 22.02 ? 59  SER A CA  1 
ATOM   461  C C   . SER A 1 59  ? -9.517  8.538   2.835   1.00 23.05 ? 59  SER A C   1 
ATOM   462  O O   . SER A 1 59  ? -10.480 7.850   2.528   1.00 25.28 ? 59  SER A O   1 
ATOM   463  C CB  . SER A 1 59  ? -8.464  8.938   0.572   1.00 23.43 ? 59  SER A CB  1 
ATOM   464  O OG  . SER A 1 59  ? -7.664  7.790   0.891   1.00 24.46 ? 59  SER A OG  1 
ATOM   465  N N   . ILE A 1 60  ? -8.913  8.346   4.007   1.00 22.65 ? 60  ILE A N   1 
ATOM   466  C CA  . ILE A 1 60  ? -9.291  7.332   4.963   1.00 21.62 ? 60  ILE A CA  1 
ATOM   467  C C   . ILE A 1 60  ? -10.283 7.969   5.913   1.00 23.91 ? 60  ILE A C   1 
ATOM   468  O O   . ILE A 1 60  ? -9.929  9.103   6.350   1.00 23.74 ? 60  ILE A O   1 
ATOM   469  C CB  . ILE A 1 60  ? -7.997  6.907   5.744   1.00 21.43 ? 60  ILE A CB  1 
ATOM   470  C CG1 . ILE A 1 60  ? -6.893  6.392   4.791   1.00 21.78 ? 60  ILE A CG1 1 
ATOM   471  C CG2 . ILE A 1 60  ? -8.294  6.005   6.927   1.00 19.73 ? 60  ILE A CG2 1 
ATOM   472  C CD1 . ILE A 1 60  ? -5.527  6.104   5.542   1.00 21.22 ? 60  ILE A CD1 1 
ATOM   473  N N   . PRO A 1 61  ? -11.363 7.348   6.228   1.00 23.93 ? 61  PRO A N   1 
ATOM   474  C CA  . PRO A 1 61  ? -12.325 7.955   7.102   1.00 25.96 ? 61  PRO A CA  1 
ATOM   475  C C   . PRO A 1 61  ? -11.556 8.423   8.347   1.00 27.07 ? 61  PRO A C   1 
ATOM   476  O O   . PRO A 1 61  ? -10.698 7.686   8.808   1.00 28.19 ? 61  PRO A O   1 
ATOM   477  C CB  . PRO A 1 61  ? -13.417 6.907   7.320   1.00 25.56 ? 61  PRO A CB  1 
ATOM   478  C CG  . PRO A 1 61  ? -13.118 5.767   6.378   1.00 24.57 ? 61  PRO A CG  1 
ATOM   479  C CD  . PRO A 1 61  ? -11.839 6.050   5.701   1.00 24.75 ? 61  PRO A CD  1 
ATOM   480  N N   . GLU A 1 62  ? -11.879 9.576   8.847   1.00 27.63 ? 62  GLU A N   1 
ATOM   481  C CA  . GLU A 1 62  ? -11.249 10.164  10.015  1.00 31.23 ? 62  GLU A CA  1 
ATOM   482  C C   . GLU A 1 62  ? -11.326 9.230   11.195  1.00 29.65 ? 62  GLU A C   1 
ATOM   483  O O   . GLU A 1 62  ? -10.481 9.209   12.012  1.00 30.23 ? 62  GLU A O   1 
ATOM   484  C CB  . GLU A 1 62  ? -11.819 11.546  10.378  1.00 32.28 ? 62  GLU A CB  1 
ATOM   485  C CG  . GLU A 1 62  ? -11.272 12.368  11.563  1.00 35.05 ? 62  GLU A CG  1 
ATOM   486  C CD  . GLU A 1 62  ? -11.759 13.795  11.592  1.00 36.76 ? 62  GLU A CD  1 
ATOM   487  O OE1 . GLU A 1 62  ? -12.185 14.307  10.549  1.00 37.20 ? 62  GLU A OE1 1 
ATOM   488  O OE2 . GLU A 1 62  ? -11.783 14.341  12.740  1.00 37.81 ? 62  GLU A OE2 1 
ATOM   489  N N   . LYS A 1 63  ? -12.296 8.365   11.276  1.00 31.20 ? 63  LYS A N   1 
ATOM   490  C CA  . LYS A 1 63  ? -12.398 7.506   12.467  1.00 30.71 ? 63  LYS A CA  1 
ATOM   491  C C   . LYS A 1 63  ? -11.466 6.321   12.467  1.00 29.66 ? 63  LYS A C   1 
ATOM   492  O O   . LYS A 1 63  ? -11.223 5.636   13.495  1.00 28.09 ? 63  LYS A O   1 
ATOM   493  C CB  . LYS A 1 63  ? -13.845 7.007   12.461  1.00 32.08 ? 63  LYS A CB  1 
ATOM   494  C CG  . LYS A 1 63  ? -13.775 5.535   12.069  1.00 32.95 ? 63  LYS A CG  1 
ATOM   495  C CD  . LYS A 1 63  ? -15.064 5.074   11.398  1.00 34.94 ? 63  LYS A CD  1 
ATOM   496  C CE  . LYS A 1 63  ? -15.057 3.906   10.434  1.00 35.02 ? 63  LYS A CE  1 
ATOM   497  N NZ  . LYS A 1 63  ? -15.299 2.602   11.105  1.00 36.72 ? 63  LYS A NZ  1 
ATOM   498  N N   . ASN A 1 64  ? -10.906 5.991   11.319  1.00 28.51 ? 64  ASN A N   1 
ATOM   499  C CA  . ASN A 1 64  ? -9.940  4.878   11.247  1.00 26.96 ? 64  ASN A CA  1 
ATOM   500  C C   . ASN A 1 64  ? -8.542  5.468   11.106  1.00 26.35 ? 64  ASN A C   1 
ATOM   501  O O   . ASN A 1 64  ? -7.838  4.690   10.541  1.00 25.93 ? 64  ASN A O   1 
ATOM   502  C CB  . ASN A 1 64  ? -10.083 4.116   9.909   1.00 26.92 ? 64  ASN A CB  1 
ATOM   503  C CG  . ASN A 1 64  ? -11.293 3.230   9.947   1.00 27.53 ? 64  ASN A CG  1 
ATOM   504  O OD1 . ASN A 1 64  ? -11.653 2.879   11.096  1.00 27.78 ? 64  ASN A OD1 1 
ATOM   505  N ND2 . ASN A 1 64  ? -11.815 2.982   8.782   1.00 27.16 ? 64  ASN A ND2 1 
ATOM   506  N N   . ARG A 1 65  ? -8.285  6.692   11.479  1.00 25.57 ? 65  ARG A N   1 
ATOM   507  C CA  . ARG A 1 65  ? -7.049  7.372   11.279  1.00 24.18 ? 65  ARG A CA  1 
ATOM   508  C C   . ARG A 1 65  ? -6.446  7.647   12.629  1.00 22.49 ? 65  ARG A C   1 
ATOM   509  O O   . ARG A 1 65  ? -7.188  8.203   13.439  1.00 26.88 ? 65  ARG A O   1 
ATOM   510  C CB  . ARG A 1 65  ? -7.411  8.684   10.461  1.00 22.63 ? 65  ARG A CB  1 
ATOM   511  C CG  . ARG A 1 65  ? -6.790  8.696   9.121   1.00 23.31 ? 65  ARG A CG  1 
ATOM   512  C CD  . ARG A 1 65  ? -7.024  9.723   8.110   1.00 22.41 ? 65  ARG A CD  1 
ATOM   513  N NE  . ARG A 1 65  ? -7.525  10.890  8.688   1.00 23.14 ? 65  ARG A NE  1 
ATOM   514  C CZ  . ARG A 1 65  ? -8.353  11.867  8.319   1.00 23.11 ? 65  ARG A CZ  1 
ATOM   515  N NH1 . ARG A 1 65  ? -9.188  11.676  7.346   1.00 22.53 ? 65  ARG A NH1 1 
ATOM   516  N NH2 . ARG A 1 65  ? -8.463  13.044  9.031   1.00 22.48 ? 65  ARG A NH2 1 
ATOM   517  N N   . PRO A 1 66  ? -5.232  7.369   12.983  1.00 22.14 ? 66  PRO A N   1 
ATOM   518  C CA  . PRO A 1 66  ? -4.266  6.634   12.181  1.00 21.30 ? 66  PRO A CA  1 
ATOM   519  C C   . PRO A 1 66  ? -4.609  5.129   11.944  1.00 20.39 ? 66  PRO A C   1 
ATOM   520  O O   . PRO A 1 66  ? -5.252  4.564   12.801  1.00 21.17 ? 66  PRO A O   1 
ATOM   521  C CB  . PRO A 1 66  ? -3.041  6.683   13.132  1.00 20.28 ? 66  PRO A CB  1 
ATOM   522  C CG  . PRO A 1 66  ? -3.688  6.714   14.478  1.00 21.37 ? 66  PRO A CG  1 
ATOM   523  C CD  . PRO A 1 66  ? -4.801  7.795   14.399  1.00 20.13 ? 66  PRO A CD  1 
ATOM   524  N N   . LEU A 1 67  ? -4.145  4.426   10.986  1.00 19.48 ? 67  LEU A N   1 
ATOM   525  C CA  . LEU A 1 67  ? -4.484  2.910   10.800  1.00 19.96 ? 67  LEU A CA  1 
ATOM   526  C C   . LEU A 1 67  ? -3.915  2.273   12.040  1.00 19.74 ? 67  LEU A C   1 
ATOM   527  O O   . LEU A 1 67  ? -2.748  2.438   12.401  1.00 20.69 ? 67  LEU A O   1 
ATOM   528  C CB  . LEU A 1 67  ? -3.894  2.505   9.452   1.00 18.90 ? 67  LEU A CB  1 
ATOM   529  C CG  . LEU A 1 67  ? -4.404  3.194   8.230   1.00 18.48 ? 67  LEU A CG  1 
ATOM   530  C CD1 . LEU A 1 67  ? -3.676  2.784   6.926   1.00 20.09 ? 67  LEU A CD1 1 
ATOM   531  C CD2 . LEU A 1 67  ? -5.828  2.793   8.006   1.00 20.06 ? 67  LEU A CD2 1 
ATOM   532  N N   . LYS A 1 68  ? -4.716  1.528   12.821  1.00 22.48 ? 68  LYS A N   1 
ATOM   533  C CA  . LYS A 1 68  ? -4.261  0.989   14.089  1.00 23.46 ? 68  LYS A CA  1 
ATOM   534  C C   . LYS A 1 68  ? -3.401  -0.267  14.047  1.00 25.19 ? 68  LYS A C   1 
ATOM   535  O O   . LYS A 1 68  ? -3.583  -1.189  13.196  1.00 24.85 ? 68  LYS A O   1 
ATOM   536  C CB  . LYS A 1 68  ? -5.559  0.867   14.909  1.00 25.34 ? 68  LYS A CB  1 
ATOM   537  C CG  . LYS A 1 68  ? -6.335  -0.224  14.145  1.00 28.04 ? 68  LYS A CG  1 
ATOM   538  C CD  . LYS A 1 68  ? -7.220  -1.016  15.124  1.00 30.71 ? 68  LYS A CD  1 
ATOM   539  C CE  . LYS A 1 68  ? -8.695  -0.690  15.050  1.00 31.77 ? 68  LYS A CE  1 
ATOM   540  N NZ  . LYS A 1 68  ? -8.997  0.659   15.740  1.00 32.38 ? 68  LYS A NZ  1 
ATOM   541  N N   . GLY A 1 69  ? -2.355  -0.206  14.871  1.00 21.82 ? 69  GLY A N   1 
ATOM   542  C CA  . GLY A 1 69  ? -1.419  -1.266  15.010  1.00 21.15 ? 69  GLY A CA  1 
ATOM   543  C C   . GLY A 1 69  ? -0.312  -1.122  13.997  1.00 20.00 ? 69  GLY A C   1 
ATOM   544  O O   . GLY A 1 69  ? 0.436   -2.090  13.989  1.00 21.47 ? 69  GLY A O   1 
ATOM   545  N N   . ARG A 1 70  ? -0.270  0.005   13.266  1.00 16.40 ? 70  ARG A N   1 
ATOM   546  C CA  . ARG A 1 70  ? 0.678   0.265   12.292  1.00 16.55 ? 70  ARG A CA  1 
ATOM   547  C C   . ARG A 1 70  ? 1.383   1.601   12.568  1.00 17.01 ? 70  ARG A C   1 
ATOM   548  O O   . ARG A 1 70  ? 0.672   2.354   13.187  1.00 18.06 ? 70  ARG A O   1 
ATOM   549  C CB  . ARG A 1 70  ? -0.136  0.359   10.941  1.00 17.29 ? 70  ARG A CB  1 
ATOM   550  C CG  . ARG A 1 70  ? -0.735  -1.064  10.673  1.00 17.13 ? 70  ARG A CG  1 
ATOM   551  C CD  . ARG A 1 70  ? -1.902  -1.127  9.750   1.00 17.65 ? 70  ARG A CD  1 
ATOM   552  N NE  . ARG A 1 70  ? -3.204  -1.114  10.468  1.00 17.52 ? 70  ARG A NE  1 
ATOM   553  C CZ  . ARG A 1 70  ? -4.257  -1.133  9.750   1.00 16.43 ? 70  ARG A CZ  1 
ATOM   554  N NH1 . ARG A 1 70  ? -4.139  -1.239  8.422   1.00 15.90 ? 70  ARG A NH1 1 
ATOM   555  N NH2 . ARG A 1 70  ? -5.364  -0.986  10.472  1.00 18.24 ? 70  ARG A NH2 1 
ATOM   556  N N   . ILE A 1 71  ? 2.553   1.905   12.132  1.00 17.71 ? 71  ILE A N   1 
ATOM   557  C CA  . ILE A 1 71  ? 3.290   3.145   12.282  1.00 17.89 ? 71  ILE A CA  1 
ATOM   558  C C   . ILE A 1 71  ? 2.864   3.869   10.991  1.00 18.06 ? 71  ILE A C   1 
ATOM   559  O O   . ILE A 1 71  ? 3.080   3.215   9.955   1.00 17.12 ? 71  ILE A O   1 
ATOM   560  C CB  . ILE A 1 71  ? 4.833   3.082   12.462  1.00 18.65 ? 71  ILE A CB  1 
ATOM   561  C CG1 . ILE A 1 71  ? 5.179   2.438   13.766  1.00 19.22 ? 71  ILE A CG1 1 
ATOM   562  C CG2 . ILE A 1 71  ? 5.437   4.513   12.235  1.00 20.08 ? 71  ILE A CG2 1 
ATOM   563  C CD1 . ILE A 1 71  ? 6.533   1.764   13.987  1.00 18.88 ? 71  ILE A CD1 1 
ATOM   564  N N   . ASN A 1 72  ? 2.237   5.043   11.153  1.00 17.97 ? 72  ASN A N   1 
ATOM   565  C CA  . ASN A 1 72  ? 1.689   5.758   10.003  1.00 17.42 ? 72  ASN A CA  1 
ATOM   566  C C   . ASN A 1 72  ? 2.586   6.888   9.600   1.00 16.62 ? 72  ASN A C   1 
ATOM   567  O O   . ASN A 1 72  ? 2.632   7.662   10.531  1.00 14.96 ? 72  ASN A O   1 
ATOM   568  C CB  . ASN A 1 72  ? 0.270   6.375   10.193  1.00 15.99 ? 72  ASN A CB  1 
ATOM   569  C CG  . ASN A 1 72  ? -0.794  5.322   10.364  1.00 15.89 ? 72  ASN A CG  1 
ATOM   570  O OD1 . ASN A 1 72  ? -1.876  5.478   9.749   1.00 16.29 ? 72  ASN A OD1 1 
ATOM   571  N ND2 . ASN A 1 72  ? -0.763  4.236   11.109  1.00 16.20 ? 72  ASN A ND2 1 
ATOM   572  N N   . LEU A 1 73  ? 3.133   6.854   8.400   1.00 15.59 ? 73  LEU A N   1 
ATOM   573  C CA  . LEU A 1 73  ? 3.945   7.924   7.894   1.00 14.20 ? 73  LEU A CA  1 
ATOM   574  C C   . LEU A 1 73  ? 3.277   8.540   6.725   1.00 15.41 ? 73  LEU A C   1 
ATOM   575  O O   . LEU A 1 73  ? 3.029   7.797   5.702   1.00 15.79 ? 73  LEU A O   1 
ATOM   576  C CB  . LEU A 1 73  ? 5.398   7.535   7.643   1.00 13.55 ? 73  LEU A CB  1 
ATOM   577  C CG  . LEU A 1 73  ? 6.519   8.479   7.175   1.00 14.13 ? 73  LEU A CG  1 
ATOM   578  C CD1 . LEU A 1 73  ? 7.878   7.910   7.465   1.00 14.27 ? 73  LEU A CD1 1 
ATOM   579  C CD2 . LEU A 1 73  ? 6.563   8.696   5.656   1.00 13.63 ? 73  LEU A CD2 1 
ATOM   580  N N   . VAL A 1 74  ? 3.246   9.882   6.703   1.00 15.56 ? 74  VAL A N   1 
ATOM   581  C CA  . VAL A 1 74  ? 2.686   10.676  5.590   1.00 14.97 ? 74  VAL A CA  1 
ATOM   582  C C   . VAL A 1 74  ? 3.797   11.288  4.814   1.00 16.50 ? 74  VAL A C   1 
ATOM   583  O O   . VAL A 1 74  ? 4.865   11.756  5.272   1.00 17.60 ? 74  VAL A O   1 
ATOM   584  C CB  . VAL A 1 74  ? 1.606   11.659  6.065   1.00 15.19 ? 74  VAL A CB  1 
ATOM   585  C CG1 . VAL A 1 74  ? 0.916   12.471  4.994   1.00 13.95 ? 74  VAL A CG1 1 
ATOM   586  C CG2 . VAL A 1 74  ? 0.552   10.884  6.892   1.00 15.53 ? 74  VAL A CG2 1 
ATOM   587  N N   . LEU A 1 75  ? 3.691   11.269  3.431   1.00 18.10 ? 75  LEU A N   1 
ATOM   588  C CA  . LEU A 1 75  ? 4.718   11.837  2.600   1.00 18.74 ? 75  LEU A CA  1 
ATOM   589  C C   . LEU A 1 75  ? 4.223   13.210  2.188   1.00 19.70 ? 75  LEU A C   1 
ATOM   590  O O   . LEU A 1 75  ? 3.127   13.262  1.628   1.00 18.23 ? 75  LEU A O   1 
ATOM   591  C CB  . LEU A 1 75  ? 4.931   11.045  1.237   1.00 19.19 ? 75  LEU A CB  1 
ATOM   592  C CG  . LEU A 1 75  ? 5.887   9.846   1.382   1.00 19.62 ? 75  LEU A CG  1 
ATOM   593  C CD1 . LEU A 1 75  ? 6.295   9.214   0.044   1.00 20.29 ? 75  LEU A CD1 1 
ATOM   594  C CD2 . LEU A 1 75  ? 7.171   10.408  2.018   1.00 19.07 ? 75  LEU A CD2 1 
ATOM   595  N N   . SER A 1 76  ? 5.047   14.243  2.489   1.00 21.18 ? 76  SER A N   1 
ATOM   596  C CA  . SER A 1 76  ? 4.587   15.554  1.996   1.00 22.37 ? 76  SER A CA  1 
ATOM   597  C C   . SER A 1 76  ? 5.699   16.621  1.977   1.00 24.05 ? 76  SER A C   1 
ATOM   598  O O   . SER A 1 76  ? 6.539   16.654  2.843   1.00 24.47 ? 76  SER A O   1 
ATOM   599  C CB  . SER A 1 76  ? 3.499   16.079  2.820   1.00 21.06 ? 76  SER A CB  1 
ATOM   600  O OG  . SER A 1 76  ? 3.064   17.292  2.243   1.00 22.95 ? 76  SER A OG  1 
ATOM   601  N N   . ARG A 1 77  ? 5.629   17.478  0.991   1.00 27.19 ? 77  ARG A N   1 
ATOM   602  C CA  . ARG A 1 77  ? 6.597   18.599  0.951   1.00 29.98 ? 77  ARG A CA  1 
ATOM   603  C C   . ARG A 1 77  ? 6.062   19.943  1.323   1.00 29.57 ? 77  ARG A C   1 
ATOM   604  O O   . ARG A 1 77  ? 6.921   20.830  1.451   1.00 30.46 ? 77  ARG A O   1 
ATOM   605  C CB  . ARG A 1 77  ? 6.918   18.759  -0.550  1.00 31.58 ? 77  ARG A CB  1 
ATOM   606  C CG  . ARG A 1 77  ? 7.810   17.520  -0.676  1.00 34.13 ? 77  ARG A CG  1 
ATOM   607  C CD  . ARG A 1 77  ? 8.108   17.436  -2.157  1.00 35.72 ? 77  ARG A CD  1 
ATOM   608  N NE  . ARG A 1 77  ? 9.090   16.294  -2.138  1.00 37.29 ? 77  ARG A NE  1 
ATOM   609  C CZ  . ARG A 1 77  ? 9.562   16.134  -3.410  1.00 38.50 ? 77  ARG A CZ  1 
ATOM   610  N NH1 . ARG A 1 77  ? 9.227   17.139  -4.222  1.00 38.93 ? 77  ARG A NH1 1 
ATOM   611  N NH2 . ARG A 1 77  ? 10.114  14.927  -3.678  1.00 39.82 ? 77  ARG A NH2 1 
ATOM   612  N N   . GLU A 1 78  ? 4.760   20.040  1.435   1.00 29.99 ? 78  GLU A N   1 
ATOM   613  C CA  . GLU A 1 78  ? 4.026   21.250  1.724   1.00 31.14 ? 78  GLU A CA  1 
ATOM   614  C C   . GLU A 1 78  ? 3.687   21.357  3.211   1.00 31.21 ? 78  GLU A C   1 
ATOM   615  O O   . GLU A 1 78  ? 3.748   22.487  3.733   1.00 31.92 ? 78  GLU A O   1 
ATOM   616  C CB  . GLU A 1 78  ? 2.696   21.325  1.009   1.00 32.99 ? 78  GLU A CB  1 
ATOM   617  C CG  . GLU A 1 78  ? 2.407   21.428  -0.451  1.00 34.94 ? 78  GLU A CG  1 
ATOM   618  C CD  . GLU A 1 78  ? 1.138   22.076  -0.909  1.00 37.31 ? 78  GLU A CD  1 
ATOM   619  O OE1 . GLU A 1 78  ? -0.016  21.871  -0.365  1.00 37.38 ? 78  GLU A OE1 1 
ATOM   620  O OE2 . GLU A 1 78  ? 1.210   22.870  -1.907  1.00 38.96 ? 78  GLU A OE2 1 
ATOM   621  N N   . LEU A 1 79  ? 3.390   20.260  3.889   1.00 29.29 ? 79  LEU A N   1 
ATOM   622  C CA  . LEU A 1 79  ? 3.026   20.184  5.264   1.00 28.41 ? 79  LEU A CA  1 
ATOM   623  C C   . LEU A 1 79  ? 4.266   20.444  6.145   1.00 28.01 ? 79  LEU A C   1 
ATOM   624  O O   . LEU A 1 79  ? 5.281   19.966  5.710   1.00 30.64 ? 79  LEU A O   1 
ATOM   625  C CB  . LEU A 1 79  ? 2.380   18.840  5.615   1.00 27.55 ? 79  LEU A CB  1 
ATOM   626  C CG  . LEU A 1 79  ? 1.079   18.323  5.103   1.00 27.03 ? 79  LEU A CG  1 
ATOM   627  C CD1 . LEU A 1 79  ? 0.976   16.852  5.563   1.00 27.10 ? 79  LEU A CD1 1 
ATOM   628  C CD2 . LEU A 1 79  ? -0.139  19.019  5.681   1.00 27.66 ? 79  LEU A CD2 1 
ATOM   629  N N   . LYS A 1 80  ? 4.111   21.072  7.272   1.00 29.13 ? 80  LYS A N   1 
ATOM   630  C CA  . LYS A 1 80  ? 5.159   21.419  8.226   1.00 28.74 ? 80  LYS A CA  1 
ATOM   631  C C   . LYS A 1 80  ? 5.291   20.408  9.322   1.00 27.04 ? 80  LYS A C   1 
ATOM   632  O O   . LYS A 1 80  ? 6.405   20.201  9.803   1.00 27.45 ? 80  LYS A O   1 
ATOM   633  C CB  . LYS A 1 80  ? 4.990   22.778  8.908   1.00 30.39 ? 80  LYS A CB  1 
ATOM   634  C CG  . LYS A 1 80  ? 5.409   23.906  7.908   1.00 32.80 ? 80  LYS A CG  1 
ATOM   635  C CD  . LYS A 1 80  ? 5.788   25.205  8.647   1.00 32.98 ? 80  LYS A CD  1 
ATOM   636  C CE  . LYS A 1 80  ? 5.147   25.271  10.026  1.00 33.85 ? 80  LYS A CE  1 
ATOM   637  N NZ  . LYS A 1 80  ? 5.575   26.533  10.720  1.00 33.94 ? 80  LYS A NZ  1 
ATOM   638  N N   . GLU A 1 81  ? 4.165   19.877  9.679   1.00 26.39 ? 81  GLU A N   1 
ATOM   639  C CA  . GLU A 1 81  ? 4.062   18.811  10.684  1.00 26.96 ? 81  GLU A CA  1 
ATOM   640  C C   . GLU A 1 81  ? 3.079   17.725  10.168  1.00 24.83 ? 81  GLU A C   1 
ATOM   641  O O   . GLU A 1 81  ? 2.253   17.962  9.303   1.00 24.08 ? 81  GLU A O   1 
ATOM   642  C CB  . GLU A 1 81  ? 3.630   19.354  12.041  1.00 27.31 ? 81  GLU A CB  1 
ATOM   643  C CG  . GLU A 1 81  ? 2.238   19.965  12.252  1.00 27.56 ? 81  GLU A CG  1 
ATOM   644  C CD  . GLU A 1 81  ? 2.028   20.407  13.660  1.00 28.22 ? 81  GLU A CD  1 
ATOM   645  O OE1 . GLU A 1 81  ? 2.233   19.692  14.621  1.00 28.79 ? 81  GLU A OE1 1 
ATOM   646  O OE2 . GLU A 1 81  ? 1.653   21.602  13.836  1.00 28.57 ? 81  GLU A OE2 1 
ATOM   647  N N   . PRO A 1 82  ? 3.243   16.517  10.730  1.00 23.54 ? 82  PRO A N   1 
ATOM   648  C CA  . PRO A 1 82  ? 2.344   15.380  10.358  1.00 22.46 ? 82  PRO A CA  1 
ATOM   649  C C   . PRO A 1 82  ? 0.888   15.820  10.561  1.00 22.50 ? 82  PRO A C   1 
ATOM   650  O O   . PRO A 1 82  ? 0.646   16.502  11.533  1.00 23.30 ? 82  PRO A O   1 
ATOM   651  C CB  . PRO A 1 82  ? 2.655   14.386  11.465  1.00 21.43 ? 82  PRO A CB  1 
ATOM   652  C CG  . PRO A 1 82  ? 4.042   14.654  11.975  1.00 22.07 ? 82  PRO A CG  1 
ATOM   653  C CD  . PRO A 1 82  ? 4.218   16.163  11.761  1.00 22.28 ? 82  PRO A CD  1 
ATOM   654  N N   . PRO A 1 83  ? -0.066  15.449  9.794   1.00 22.74 ? 83  PRO A N   1 
ATOM   655  C CA  . PRO A 1 83  ? -1.460  15.848  10.058  1.00 22.74 ? 83  PRO A CA  1 
ATOM   656  C C   . PRO A 1 83  ? -1.948  15.241  11.329  1.00 23.39 ? 83  PRO A C   1 
ATOM   657  O O   . PRO A 1 83  ? -1.346  14.260  11.811  1.00 25.40 ? 83  PRO A O   1 
ATOM   658  C CB  . PRO A 1 83  ? -2.093  15.481  8.712   1.00 21.89 ? 83  PRO A CB  1 
ATOM   659  C CG  . PRO A 1 83  ? -1.078  14.751  7.862   1.00 23.33 ? 83  PRO A CG  1 
ATOM   660  C CD  . PRO A 1 83  ? 0.196   14.629  8.623   1.00 22.74 ? 83  PRO A CD  1 
ATOM   661  N N   . GLN A 1 84  ? -2.992  15.643  12.001  1.00 24.03 ? 84  GLN A N   1 
ATOM   662  C CA  . GLN A 1 84  ? -3.547  15.136  13.237  1.00 24.07 ? 84  GLN A CA  1 
ATOM   663  C C   . GLN A 1 84  ? -3.755  13.587  13.093  1.00 23.74 ? 84  GLN A C   1 
ATOM   664  O O   . GLN A 1 84  ? -4.370  13.272  12.046  1.00 24.48 ? 84  GLN A O   1 
ATOM   665  C CB  . GLN A 1 84  ? -4.898  15.709  13.529  1.00 25.67 ? 84  GLN A CB  1 
ATOM   666  C CG  . GLN A 1 84  ? -5.760  14.956  14.515  1.00 27.98 ? 84  GLN A CG  1 
ATOM   667  C CD  . GLN A 1 84  ? -6.658  15.799  15.353  1.00 30.54 ? 84  GLN A CD  1 
ATOM   668  O OE1 . GLN A 1 84  ? -7.571  16.563  14.933  1.00 31.79 ? 84  GLN A OE1 1 
ATOM   669  N NE2 . GLN A 1 84  ? -6.455  15.702  16.696  1.00 31.29 ? 84  GLN A NE2 1 
ATOM   670  N N   . GLY A 1 85  ? -3.293  12.831  14.024  1.00 22.68 ? 85  GLY A N   1 
ATOM   671  C CA  . GLY A 1 85  ? -3.381  11.312  13.951  1.00 22.98 ? 85  GLY A CA  1 
ATOM   672  C C   . GLY A 1 85  ? -2.147  10.653  13.422  1.00 22.91 ? 85  GLY A C   1 
ATOM   673  O O   . GLY A 1 85  ? -1.740  9.533   13.837  1.00 23.88 ? 85  GLY A O   1 
ATOM   674  N N   . ALA A 1 86  ? -1.389  11.253  12.523  1.00 22.04 ? 86  ALA A N   1 
ATOM   675  C CA  . ALA A 1 86  ? -0.186  10.716  11.888  1.00 21.20 ? 86  ALA A CA  1 
ATOM   676  C C   . ALA A 1 86  ? 0.959   10.676  12.853  1.00 21.37 ? 86  ALA A C   1 
ATOM   677  O O   . ALA A 1 86  ? 1.158   11.479  13.791  1.00 21.87 ? 86  ALA A O   1 
ATOM   678  C CB  . ALA A 1 86  ? 0.200   11.474  10.578  1.00 20.36 ? 86  ALA A CB  1 
ATOM   679  N N   . HIS A 1 87  ? 1.882   9.707   12.578  1.00 19.04 ? 87  HIS A N   1 
ATOM   680  C CA  . HIS A 1 87  ? 2.995   9.621   13.510  1.00 19.69 ? 87  HIS A CA  1 
ATOM   681  C C   . HIS A 1 87  ? 4.231   10.275  12.913  1.00 20.03 ? 87  HIS A C   1 
ATOM   682  O O   . HIS A 1 87  ? 4.978   10.783  13.744  1.00 19.78 ? 87  HIS A O   1 
ATOM   683  C CB  . HIS A 1 87  ? 3.344   8.184   14.025  1.00 18.68 ? 87  HIS A CB  1 
ATOM   684  C CG  . HIS A 1 87  ? 2.191   7.301   14.392  1.00 17.72 ? 87  HIS A CG  1 
ATOM   685  N ND1 . HIS A 1 87  ? 1.406   7.493   15.503  1.00 18.02 ? 87  HIS A ND1 1 
ATOM   686  C CD2 . HIS A 1 87  ? 1.688   6.196   13.806  1.00 16.75 ? 87  HIS A CD2 1 
ATOM   687  C CE1 . HIS A 1 87  ? 0.414   6.661   15.662  1.00 16.54 ? 87  HIS A CE1 1 
ATOM   688  N NE2 . HIS A 1 87  ? 0.526   5.923   14.553  1.00 17.27 ? 87  HIS A NE2 1 
ATOM   689  N N   . PHE A 1 88  ? 4.475   10.277  11.643  1.00 20.71 ? 88  PHE A N   1 
ATOM   690  C CA  . PHE A 1 88  ? 5.640   10.751  10.955  1.00 20.74 ? 88  PHE A CA  1 
ATOM   691  C C   . PHE A 1 88  ? 5.292   11.427  9.679   1.00 20.25 ? 88  PHE A C   1 
ATOM   692  O O   . PHE A 1 88  ? 4.247   11.088  9.124   1.00 18.34 ? 88  PHE A O   1 
ATOM   693  C CB  . PHE A 1 88  ? 6.583   9.517   10.688  1.00 22.78 ? 88  PHE A CB  1 
ATOM   694  C CG  . PHE A 1 88  ? 7.275   9.153   11.948  1.00 23.36 ? 88  PHE A CG  1 
ATOM   695  C CD1 . PHE A 1 88  ? 8.349   9.930   12.438  1.00 23.10 ? 88  PHE A CD1 1 
ATOM   696  C CD2 . PHE A 1 88  ? 6.889   8.038   12.679  1.00 24.26 ? 88  PHE A CD2 1 
ATOM   697  C CE1 . PHE A 1 88  ? 8.936   9.616   13.671  1.00 23.52 ? 88  PHE A CE1 1 
ATOM   698  C CE2 . PHE A 1 88  ? 7.463   7.678   13.893  1.00 23.21 ? 88  PHE A CE2 1 
ATOM   699  C CZ  . PHE A 1 88  ? 8.486   8.472   14.389  1.00 23.47 ? 88  PHE A CZ  1 
ATOM   700  N N   . LEU A 1 89  ? 6.209   12.331  9.291   1.00 19.10 ? 89  LEU A N   1 
ATOM   701  C CA  . LEU A 1 89  ? 6.033   13.107  8.053   1.00 19.55 ? 89  LEU A CA  1 
ATOM   702  C C   . LEU A 1 89  ? 7.389   13.128  7.399   1.00 20.72 ? 89  LEU A C   1 
ATOM   703  O O   . LEU A 1 89  ? 8.373   13.295  8.163   1.00 23.86 ? 89  LEU A O   1 
ATOM   704  C CB  . LEU A 1 89  ? 5.515   14.539  8.426   1.00 18.42 ? 89  LEU A CB  1 
ATOM   705  C CG  . LEU A 1 89  ? 5.636   15.439  7.233   1.00 17.42 ? 89  LEU A CG  1 
ATOM   706  C CD1 . LEU A 1 89  ? 4.356   15.250  6.395   1.00 16.97 ? 89  LEU A CD1 1 
ATOM   707  C CD2 . LEU A 1 89  ? 5.800   16.929  7.626   1.00 16.73 ? 89  LEU A CD2 1 
ATOM   708  N N   . SER A 1 90  ? 7.557   12.915  6.100   1.00 22.34 ? 90  SER A N   1 
ATOM   709  C CA  . SER A 1 90  ? 8.831   12.950  5.401   1.00 18.98 ? 90  SER A CA  1 
ATOM   710  C C   . SER A 1 90  ? 8.499   13.630  4.126   1.00 21.13 ? 90  SER A C   1 
ATOM   711  O O   . SER A 1 90  ? 7.343   13.475  3.736   1.00 20.76 ? 90  SER A O   1 
ATOM   712  C CB  . SER A 1 90  ? 9.533   11.688  5.027   1.00 18.01 ? 90  SER A CB  1 
ATOM   713  O OG  . SER A 1 90  ? 9.640   10.835  6.136   1.00 16.74 ? 90  SER A OG  1 
ATOM   714  N N   . ARG A 1 91  ? 9.534   14.224  3.533   1.00 22.97 ? 91  ARG A N   1 
ATOM   715  C CA  . ARG A 1 91  ? 9.460   14.946  2.312   1.00 24.78 ? 91  ARG A CA  1 
ATOM   716  C C   . ARG A 1 91  ? 9.767   14.187  1.081   1.00 25.05 ? 91  ARG A C   1 
ATOM   717  O O   . ARG A 1 91  ? 9.740   14.872  0.030   1.00 26.58 ? 91  ARG A O   1 
ATOM   718  C CB  . ARG A 1 91  ? 10.402  16.202  2.453   1.00 27.24 ? 91  ARG A CB  1 
ATOM   719  C CG  . ARG A 1 91  ? 9.689   16.835  3.732   1.00 31.38 ? 91  ARG A CG  1 
ATOM   720  C CD  . ARG A 1 91  ? 10.219  18.208  3.923   1.00 34.31 ? 91  ARG A CD  1 
ATOM   721  N NE  . ARG A 1 91  ? 9.959   18.808  2.588   1.00 37.61 ? 91  ARG A NE  1 
ATOM   722  C CZ  . ARG A 1 91  ? 10.709  19.887  2.369   1.00 39.41 ? 91  ARG A CZ  1 
ATOM   723  N NH1 . ARG A 1 91  ? 11.502  20.283  3.401   1.00 41.04 ? 91  ARG A NH1 1 
ATOM   724  N NH2 . ARG A 1 91  ? 10.596  20.454  1.188   1.00 40.65 ? 91  ARG A NH2 1 
ATOM   725  N N   . SER A 1 92  ? 10.136  12.965  1.297   1.00 26.07 ? 92  SER A N   1 
ATOM   726  C CA  . SER A 1 92  ? 10.471  12.056  0.147   1.00 27.30 ? 92  SER A CA  1 
ATOM   727  C C   . SER A 1 92  ? 10.505  10.627  0.591   1.00 25.67 ? 92  SER A C   1 
ATOM   728  O O   . SER A 1 92  ? 10.537  10.315  1.782   1.00 26.02 ? 92  SER A O   1 
ATOM   729  C CB  . SER A 1 92  ? 11.874  12.456  -0.356  1.00 28.88 ? 92  SER A CB  1 
ATOM   730  O OG  . SER A 1 92  ? 12.741  11.501  0.317   1.00 31.13 ? 92  SER A OG  1 
ATOM   731  N N   . LEU A 1 93  ? 10.451  9.647   -0.256  1.00 27.89 ? 93  LEU A N   1 
ATOM   732  C CA  . LEU A 1 93  ? 10.501  8.212   0.076   1.00 27.67 ? 93  LEU A CA  1 
ATOM   733  C C   . LEU A 1 93  ? 11.870  7.793   0.592   1.00 27.62 ? 93  LEU A C   1 
ATOM   734  O O   . LEU A 1 93  ? 11.919  6.923   1.482   1.00 28.88 ? 93  LEU A O   1 
ATOM   735  C CB  . LEU A 1 93  ? 9.942   7.479   -1.165  1.00 27.79 ? 93  LEU A CB  1 
ATOM   736  C CG  . LEU A 1 93  ? 10.186  5.983   -1.076  1.00 27.66 ? 93  LEU A CG  1 
ATOM   737  C CD1 . LEU A 1 93  ? 9.218   5.307   -0.088  1.00 27.17 ? 93  LEU A CD1 1 
ATOM   738  C CD2 . LEU A 1 93  ? 9.969   5.579   -2.532  1.00 28.66 ? 93  LEU A CD2 1 
ATOM   739  N N   . ASP A 1 94  ? 12.994  8.376   0.145   1.00 30.07 ? 94  ASP A N   1 
ATOM   740  C CA  . ASP A 1 94  ? 14.296  7.993   0.689   1.00 31.18 ? 94  ASP A CA  1 
ATOM   741  C C   . ASP A 1 94  ? 14.347  8.460   2.105   1.00 30.44 ? 94  ASP A C   1 
ATOM   742  O O   . ASP A 1 94  ? 14.805  7.662   2.938   1.00 32.20 ? 94  ASP A O   1 
ATOM   743  C CB  . ASP A 1 94  ? 15.533  8.526   -0.093  1.00 34.25 ? 94  ASP A CB  1 
ATOM   744  C CG  . ASP A 1 94  ? 15.404  8.073   -1.530  1.00 35.99 ? 94  ASP A CG  1 
ATOM   745  O OD1 . ASP A 1 94  ? 14.851  6.959   -1.662  1.00 36.36 ? 94  ASP A OD1 1 
ATOM   746  O OD2 . ASP A 1 94  ? 15.721  8.839   -2.475  1.00 37.80 ? 94  ASP A OD2 1 
ATOM   747  N N   . ASP A 1 95  ? 13.918  9.682   2.433   1.00 30.13 ? 95  ASP A N   1 
ATOM   748  C CA  . ASP A 1 95  ? 13.943  10.147  3.811   1.00 30.58 ? 95  ASP A CA  1 
ATOM   749  C C   . ASP A 1 95  ? 13.119  9.221   4.683   1.00 30.30 ? 95  ASP A C   1 
ATOM   750  O O   . ASP A 1 95  ? 13.338  9.140   5.939   1.00 29.71 ? 95  ASP A O   1 
ATOM   751  C CB  . ASP A 1 95  ? 13.339  11.613  3.807   1.00 32.27 ? 95  ASP A CB  1 
ATOM   752  C CG  . ASP A 1 95  ? 14.460  12.497  3.238   1.00 34.41 ? 95  ASP A CG  1 
ATOM   753  O OD1 . ASP A 1 95  ? 15.552  12.013  2.855   1.00 35.48 ? 95  ASP A OD1 1 
ATOM   754  O OD2 . ASP A 1 95  ? 14.259  13.707  3.075   1.00 35.26 ? 95  ASP A OD2 1 
ATOM   755  N N   . ALA A 1 96  ? 12.099  8.639   3.986   1.00 28.69 ? 96  ALA A N   1 
ATOM   756  C CA  . ALA A 1 96  ? 11.198  7.778   4.855   1.00 27.49 ? 96  ALA A CA  1 
ATOM   757  C C   . ALA A 1 96  ? 11.847  6.490   5.291   1.00 27.39 ? 96  ALA A C   1 
ATOM   758  O O   . ALA A 1 96  ? 11.697  6.053   6.447   1.00 26.84 ? 96  ALA A O   1 
ATOM   759  C CB  . ALA A 1 96  ? 9.822   7.633   4.227   1.00 27.13 ? 96  ALA A CB  1 
ATOM   760  N N   . LEU A 1 97  ? 12.574  5.874   4.392   1.00 28.68 ? 97  LEU A N   1 
ATOM   761  C CA  . LEU A 1 97  ? 13.367  4.647   4.469   1.00 29.56 ? 97  LEU A CA  1 
ATOM   762  C C   . LEU A 1 97  ? 14.619  5.087   5.157   1.00 30.89 ? 97  LEU A C   1 
ATOM   763  O O   . LEU A 1 97  ? 15.084  4.400   6.043   1.00 35.10 ? 97  LEU A O   1 
ATOM   764  C CB  . LEU A 1 97  ? 13.758  4.115   3.046   1.00 28.80 ? 97  LEU A CB  1 
ATOM   765  C CG  . LEU A 1 97  ? 12.541  4.079   2.109   1.00 28.67 ? 97  LEU A CG  1 
ATOM   766  C CD1 . LEU A 1 97  ? 12.896  3.665   0.707   1.00 28.97 ? 97  LEU A CD1 1 
ATOM   767  C CD2 . LEU A 1 97  ? 11.666  3.093   2.885   1.00 28.66 ? 97  LEU A CD2 1 
ATOM   768  N N   . LYS A 1 98  ? 15.204  6.245   4.873   1.00 34.22 ? 98  LYS A N   1 
ATOM   769  C CA  . LYS A 1 98  ? 16.407  6.597   5.716   1.00 35.43 ? 98  LYS A CA  1 
ATOM   770  C C   . LYS A 1 98  ? 15.989  6.584   7.170   1.00 35.40 ? 98  LYS A C   1 
ATOM   771  O O   . LYS A 1 98  ? 16.876  6.310   8.003   1.00 38.09 ? 98  LYS A O   1 
ATOM   772  C CB  . LYS A 1 98  ? 17.056  7.943   5.505   1.00 36.42 ? 98  LYS A CB  1 
ATOM   773  C CG  . LYS A 1 98  ? 17.972  8.195   4.298   1.00 38.13 ? 98  LYS A CG  1 
ATOM   774  C CD  . LYS A 1 98  ? 18.786  9.468   4.467   1.00 38.81 ? 98  LYS A CD  1 
ATOM   775  C CE  . LYS A 1 98  ? 19.121  10.120  3.119   1.00 39.96 ? 98  LYS A CE  1 
ATOM   776  N NZ  . LYS A 1 98  ? 17.828  10.682  2.544   1.00 40.41 ? 98  LYS A NZ  1 
ATOM   777  N N   . LEU A 1 99  ? 14.838  6.897   7.660   1.00 35.61 ? 99  LEU A N   1 
ATOM   778  C CA  . LEU A 1 99  ? 14.360  6.994   9.065   1.00 34.55 ? 99  LEU A CA  1 
ATOM   779  C C   . LEU A 1 99  ? 14.175  5.689   9.801   1.00 35.83 ? 99  LEU A C   1 
ATOM   780  O O   . LEU A 1 99  ? 14.054  5.578   11.038  1.00 35.22 ? 99  LEU A O   1 
ATOM   781  C CB  . LEU A 1 99  ? 12.986  7.700   8.908   1.00 34.36 ? 99  LEU A CB  1 
ATOM   782  C CG  . LEU A 1 99  ? 12.199  8.408   9.958   1.00 33.58 ? 99  LEU A CG  1 
ATOM   783  C CD1 . LEU A 1 99  ? 10.922  9.030   9.422   1.00 32.69 ? 99  LEU A CD1 1 
ATOM   784  C CD2 . LEU A 1 99  ? 11.859  7.384   11.043  1.00 34.17 ? 99  LEU A CD2 1 
ATOM   785  N N   . THR A 1 100 ? 14.056  4.649   9.014   1.00 36.29 ? 100 THR A N   1 
ATOM   786  C CA  . THR A 1 100 ? 13.855  3.265   9.415   1.00 38.52 ? 100 THR A CA  1 
ATOM   787  C C   . THR A 1 100 ? 15.086  2.671   10.085  1.00 39.93 ? 100 THR A C   1 
ATOM   788  O O   . THR A 1 100 ? 14.944  1.834   10.974  1.00 39.86 ? 100 THR A O   1 
ATOM   789  C CB  . THR A 1 100 ? 13.462  2.491   8.069   1.00 38.52 ? 100 THR A CB  1 
ATOM   790  O OG1 . THR A 1 100 ? 12.043  2.169   8.282   1.00 39.04 ? 100 THR A OG1 1 
ATOM   791  C CG2 . THR A 1 100 ? 14.403  1.385   7.748   1.00 38.30 ? 100 THR A CG2 1 
ATOM   792  N N   . GLU A 1 101 ? 16.234  3.154   9.645   1.00 41.70 ? 101 GLU A N   1 
ATOM   793  C CA  . GLU A 1 101 ? 17.598  2.881   10.040  1.00 43.58 ? 101 GLU A CA  1 
ATOM   794  C C   . GLU A 1 101 ? 18.095  3.849   11.121  1.00 43.73 ? 101 GLU A C   1 
ATOM   795  O O   . GLU A 1 101 ? 19.319  3.962   11.275  1.00 45.20 ? 101 GLU A O   1 
ATOM   796  C CB  . GLU A 1 101 ? 18.669  3.149   8.980   1.00 44.27 ? 101 GLU A CB  1 
ATOM   797  C CG  . GLU A 1 101 ? 18.559  2.695   7.572   1.00 46.00 ? 101 GLU A CG  1 
ATOM   798  C CD  . GLU A 1 101 ? 18.490  1.322   7.003   1.00 46.96 ? 101 GLU A CD  1 
ATOM   799  O OE1 . GLU A 1 101 ? 19.075  0.313   7.455   1.00 48.14 ? 101 GLU A OE1 1 
ATOM   800  O OE2 . GLU A 1 101 ? 17.807  1.323   5.935   1.00 46.54 ? 101 GLU A OE2 1 
ATOM   801  N N   . GLN A 1 102 ? 17.250  4.573   11.765  1.00 44.16 ? 102 GLN A N   1 
ATOM   802  C CA  . GLN A 1 102 ? 17.553  5.532   12.819  1.00 44.52 ? 102 GLN A CA  1 
ATOM   803  C C   . GLN A 1 102 ? 17.267  4.692   14.039  1.00 44.66 ? 102 GLN A C   1 
ATOM   804  O O   . GLN A 1 102 ? 16.220  4.028   14.001  1.00 46.36 ? 102 GLN A O   1 
ATOM   805  C CB  . GLN A 1 102 ? 16.641  6.750   12.845  1.00 44.67 ? 102 GLN A CB  1 
ATOM   806  C CG  . GLN A 1 102 ? 16.811  7.724   11.678  1.00 44.98 ? 102 GLN A CG  1 
ATOM   807  C CD  . GLN A 1 102 ? 18.227  8.152   11.414  1.00 45.67 ? 102 GLN A CD  1 
ATOM   808  O OE1 . GLN A 1 102 ? 18.869  8.607   12.409  1.00 46.22 ? 102 GLN A OE1 1 
ATOM   809  N NE2 . GLN A 1 102 ? 18.758  8.035   10.180  1.00 45.31 ? 102 GLN A NE2 1 
ATOM   810  N N   . PRO A 1 103 ? 18.106  4.660   15.034  1.00 45.42 ? 103 PRO A N   1 
ATOM   811  C CA  . PRO A 1 103 ? 17.782  3.834   16.218  1.00 45.35 ? 103 PRO A CA  1 
ATOM   812  C C   . PRO A 1 103 ? 16.318  4.090   16.603  1.00 45.49 ? 103 PRO A C   1 
ATOM   813  O O   . PRO A 1 103 ? 15.671  3.153   17.148  1.00 46.16 ? 103 PRO A O   1 
ATOM   814  C CB  . PRO A 1 103 ? 18.806  4.276   17.244  1.00 45.41 ? 103 PRO A CB  1 
ATOM   815  C CG  . PRO A 1 103 ? 19.961  4.759   16.416  1.00 45.14 ? 103 PRO A CG  1 
ATOM   816  C CD  . PRO A 1 103 ? 19.378  5.373   15.161  1.00 45.13 ? 103 PRO A CD  1 
ATOM   817  N N   . GLU A 1 104 ? 15.842  5.294   16.339  1.00 44.55 ? 104 GLU A N   1 
ATOM   818  C CA  . GLU A 1 104 ? 14.416  5.549   16.732  1.00 44.79 ? 104 GLU A CA  1 
ATOM   819  C C   . GLU A 1 104 ? 13.605  4.284   16.431  1.00 44.59 ? 104 GLU A C   1 
ATOM   820  O O   . GLU A 1 104 ? 13.254  3.464   17.321  1.00 44.94 ? 104 GLU A O   1 
ATOM   821  C CB  . GLU A 1 104 ? 13.842  6.785   16.056  1.00 44.77 ? 104 GLU A CB  1 
ATOM   822  C CG  . GLU A 1 104 ? 14.799  7.903   15.588  1.00 44.68 ? 104 GLU A CG  1 
ATOM   823  C CD  . GLU A 1 104 ? 14.158  9.031   14.836  1.00 44.69 ? 104 GLU A CD  1 
ATOM   824  O OE1 . GLU A 1 104 ? 12.956  9.235   15.149  1.00 44.91 ? 104 GLU A OE1 1 
ATOM   825  O OE2 . GLU A 1 104 ? 14.665  9.740   13.966  1.00 44.72 ? 104 GLU A OE2 1 
ATOM   826  N N   . LEU A 1 105 ? 13.338  4.051   15.155  1.00 44.17 ? 105 LEU A N   1 
ATOM   827  C CA  . LEU A 1 105 ? 12.553  2.955   14.570  1.00 43.16 ? 105 LEU A CA  1 
ATOM   828  C C   . LEU A 1 105 ? 13.223  1.667   14.204  1.00 42.81 ? 105 LEU A C   1 
ATOM   829  O O   . LEU A 1 105 ? 12.538  0.633   14.098  1.00 43.44 ? 105 LEU A O   1 
ATOM   830  C CB  . LEU A 1 105 ? 11.886  3.540   13.281  1.00 42.44 ? 105 LEU A CB  1 
ATOM   831  C CG  . LEU A 1 105 ? 10.875  4.657   13.499  1.00 41.76 ? 105 LEU A CG  1 
ATOM   832  C CD1 . LEU A 1 105 ? 10.403  5.199   12.133  1.00 42.00 ? 105 LEU A CD1 1 
ATOM   833  C CD2 . LEU A 1 105 ? 9.649   4.127   14.226  1.00 41.31 ? 105 LEU A CD2 1 
ATOM   834  N N   . ALA A 1 106 ? 14.498  1.644   13.967  1.00 43.92 ? 106 ALA A N   1 
ATOM   835  C CA  . ALA A 1 106 ? 15.364  0.512   13.595  1.00 42.86 ? 106 ALA A CA  1 
ATOM   836  C C   . ALA A 1 106 ? 15.075  -0.755  14.362  1.00 42.28 ? 106 ALA A C   1 
ATOM   837  O O   . ALA A 1 106 ? 15.112  -1.809  13.701  1.00 42.46 ? 106 ALA A O   1 
ATOM   838  C CB  . ALA A 1 106 ? 16.843  0.921   13.644  1.00 43.02 ? 106 ALA A CB  1 
ATOM   839  N N   . ASN A 1 107 ? 14.780  -0.777  15.638  1.00 41.75 ? 107 ASN A N   1 
ATOM   840  C CA  . ASN A 1 107 ? 14.444  -2.041  16.327  1.00 40.81 ? 107 ASN A CA  1 
ATOM   841  C C   . ASN A 1 107 ? 12.960  -2.307  16.501  1.00 38.65 ? 107 ASN A C   1 
ATOM   842  O O   . ASN A 1 107 ? 12.531  -3.231  17.223  1.00 38.27 ? 107 ASN A O   1 
ATOM   843  C CB  . ASN A 1 107 ? 15.052  -2.032  17.753  1.00 42.59 ? 107 ASN A CB  1 
ATOM   844  C CG  . ASN A 1 107 ? 15.166  -0.540  18.099  1.00 43.33 ? 107 ASN A CG  1 
ATOM   845  O OD1 . ASN A 1 107 ? 16.173  -0.060  18.626  1.00 44.59 ? 107 ASN A OD1 1 
ATOM   846  N ND2 . ASN A 1 107 ? 14.072  0.098   17.732  1.00 44.27 ? 107 ASN A ND2 1 
ATOM   847  N N   . LYS A 1 108 ? 12.181  -1.446  15.899  1.00 37.68 ? 108 LYS A N   1 
ATOM   848  C CA  . LYS A 1 108 ? 10.728  -1.450  15.926  1.00 34.55 ? 108 LYS A CA  1 
ATOM   849  C C   . LYS A 1 108 ? 9.836   -1.911  14.790  1.00 33.09 ? 108 LYS A C   1 
ATOM   850  O O   . LYS A 1 108 ? 8.749   -2.458  15.050  1.00 33.29 ? 108 LYS A O   1 
ATOM   851  C CB  . LYS A 1 108 ? 10.453  0.058   16.098  1.00 35.17 ? 108 LYS A CB  1 
ATOM   852  C CG  . LYS A 1 108 ? 9.283   0.159   17.089  1.00 36.66 ? 108 LYS A CG  1 
ATOM   853  C CD  . LYS A 1 108 ? 9.416   1.593   17.714  1.00 36.99 ? 108 LYS A CD  1 
ATOM   854  C CE  . LYS A 1 108 ? 10.707  1.597   18.493  1.00 37.70 ? 108 LYS A CE  1 
ATOM   855  N NZ  . LYS A 1 108 ? 10.851  0.436   19.439  1.00 38.39 ? 108 LYS A NZ  1 
ATOM   856  N N   . VAL A 1 109 ? 10.224  -1.722  13.561  1.00 31.11 ? 109 VAL A N   1 
ATOM   857  C CA  . VAL A 1 109 ? 9.505   -2.041  12.321  1.00 28.95 ? 109 VAL A CA  1 
ATOM   858  C C   . VAL A 1 109 ? 9.888   -3.349  11.649  1.00 29.41 ? 109 VAL A C   1 
ATOM   859  O O   . VAL A 1 109 ? 11.074  -3.446  11.318  1.00 28.90 ? 109 VAL A O   1 
ATOM   860  C CB  . VAL A 1 109 ? 9.945   -0.867  11.353  1.00 27.40 ? 109 VAL A CB  1 
ATOM   861  C CG1 . VAL A 1 109 ? 9.825   -1.078  9.849   1.00 27.32 ? 109 VAL A CG1 1 
ATOM   862  C CG2 . VAL A 1 109 ? 9.368   0.444   11.729  1.00 26.67 ? 109 VAL A CG2 1 
ATOM   863  N N   . ASP A 1 110 ? 8.942   -4.224  11.388  1.00 28.36 ? 110 ASP A N   1 
ATOM   864  C CA  . ASP A 1 110 ? 9.313   -5.426  10.604  1.00 27.13 ? 110 ASP A CA  1 
ATOM   865  C C   . ASP A 1 110 ? 9.309   -4.999  9.166   1.00 27.02 ? 110 ASP A C   1 
ATOM   866  O O   . ASP A 1 110 ? 10.255  -4.588  8.463   1.00 28.86 ? 110 ASP A O   1 
ATOM   867  C CB  . ASP A 1 110 ? 8.450   -6.566  11.192  1.00 26.78 ? 110 ASP A CB  1 
ATOM   868  C CG  . ASP A 1 110 ? 8.354   -7.750  10.297  1.00 26.67 ? 110 ASP A CG  1 
ATOM   869  O OD1 . ASP A 1 110 ? 9.225   -7.882  9.420   1.00 27.82 ? 110 ASP A OD1 1 
ATOM   870  O OD2 . ASP A 1 110 ? 7.532   -8.610  10.128  1.00 27.27 ? 110 ASP A OD2 1 
ATOM   871  N N   . MET A 1 111 ? 8.157   -5.005  8.499   1.00 27.43 ? 111 MET A N   1 
ATOM   872  C CA  . MET A 1 111 ? 7.860   -4.760  7.093   1.00 25.53 ? 111 MET A CA  1 
ATOM   873  C C   . MET A 1 111 ? 7.434   -3.329  6.834   1.00 24.44 ? 111 MET A C   1 
ATOM   874  O O   . MET A 1 111 ? 6.868   -2.681  7.665   1.00 23.84 ? 111 MET A O   1 
ATOM   875  C CB  . MET A 1 111 ? 6.735   -5.679  6.570   1.00 24.80 ? 111 MET A CB  1 
ATOM   876  C CG  . MET A 1 111 ? 7.051   -7.165  6.681   1.00 26.96 ? 111 MET A CG  1 
ATOM   877  S SD  . MET A 1 111 ? 5.472   -7.968  6.200   1.00 28.90 ? 111 MET A SD  1 
ATOM   878  C CE  . MET A 1 111 ? 5.847   -9.727  6.480   1.00 30.17 ? 111 MET A CE  1 
ATOM   879  N N   . VAL A 1 112 ? 7.746   -2.947  5.604   1.00 24.55 ? 112 VAL A N   1 
ATOM   880  C CA  . VAL A 1 112 ? 7.350   -1.603  5.209   1.00 22.62 ? 112 VAL A CA  1 
ATOM   881  C C   . VAL A 1 112 ? 6.396   -1.686  4.021   1.00 22.59 ? 112 VAL A C   1 
ATOM   882  O O   . VAL A 1 112 ? 6.788   -2.266  3.038   1.00 21.23 ? 112 VAL A O   1 
ATOM   883  C CB  . VAL A 1 112 ? 8.430   -0.517  5.069   1.00 22.18 ? 112 VAL A CB  1 
ATOM   884  C CG1 . VAL A 1 112 ? 9.849   -0.861  5.244   1.00 21.66 ? 112 VAL A CG1 1 
ATOM   885  C CG2 . VAL A 1 112 ? 7.897   0.274   3.901   1.00 21.58 ? 112 VAL A CG2 1 
ATOM   886  N N   . TRP A 1 113 ? 5.172   -1.183  4.280   1.00 20.78 ? 113 TRP A N   1 
ATOM   887  C CA  . TRP A 1 113 ? 4.099   -1.129  3.289   1.00 17.87 ? 113 TRP A CA  1 
ATOM   888  C C   . TRP A 1 113 ? 3.782   0.200   2.661   1.00 17.95 ? 113 TRP A C   1 
ATOM   889  O O   . TRP A 1 113 ? 3.450   1.092   3.427   1.00 17.84 ? 113 TRP A O   1 
ATOM   890  C CB  . TRP A 1 113 ? 2.909   -1.722  4.040   1.00 16.96 ? 113 TRP A CB  1 
ATOM   891  C CG  . TRP A 1 113 ? 2.957   -3.203  4.300   1.00 15.39 ? 113 TRP A CG  1 
ATOM   892  C CD1 . TRP A 1 113 ? 3.220   -3.824  5.474   1.00 14.51 ? 113 TRP A CD1 1 
ATOM   893  C CD2 . TRP A 1 113 ? 2.633   -4.268  3.378   1.00 14.53 ? 113 TRP A CD2 1 
ATOM   894  N NE1 . TRP A 1 113 ? 3.181   -5.187  5.323   1.00 14.71 ? 113 TRP A NE1 1 
ATOM   895  C CE2 . TRP A 1 113 ? 2.698   -5.480  4.061   1.00 14.91 ? 113 TRP A CE2 1 
ATOM   896  C CE3 . TRP A 1 113 ? 2.164   -4.313  2.086   1.00 15.08 ? 113 TRP A CE3 1 
ATOM   897  C CZ2 . TRP A 1 113 ? 2.510   -6.766  3.476   1.00 14.20 ? 113 TRP A CZ2 1 
ATOM   898  C CZ3 . TRP A 1 113 ? 1.964   -5.503  1.489   1.00 14.65 ? 113 TRP A CZ3 1 
ATOM   899  C CH2 . TRP A 1 113 ? 2.098   -6.706  2.168   1.00 13.79 ? 113 TRP A CH2 1 
ATOM   900  N N   . ILE A 1 114 ? 3.851   0.416   1.356   1.00 16.43 ? 114 ILE A N   1 
ATOM   901  C CA  . ILE A 1 114 ? 3.517   1.624   0.614   1.00 16.16 ? 114 ILE A CA  1 
ATOM   902  C C   . ILE A 1 114 ? 2.070   1.478   0.242   1.00 15.88 ? 114 ILE A C   1 
ATOM   903  O O   . ILE A 1 114 ? 1.749   0.600   -0.584  1.00 17.37 ? 114 ILE A O   1 
ATOM   904  C CB  . ILE A 1 114 ? 4.374   1.823   -0.688  1.00 15.76 ? 114 ILE A CB  1 
ATOM   905  C CG1 . ILE A 1 114 ? 5.771   2.427   -0.259  1.00 17.48 ? 114 ILE A CG1 1 
ATOM   906  C CG2 . ILE A 1 114 ? 3.841   2.918   -1.712  1.00 17.27 ? 114 ILE A CG2 1 
ATOM   907  C CD1 . ILE A 1 114 ? 6.901   1.648   -1.078  1.00 17.29 ? 114 ILE A CD1 1 
ATOM   908  N N   . VAL A 1 115 ? 1.154   2.286   0.620   1.00 15.60 ? 115 VAL A N   1 
ATOM   909  C CA  . VAL A 1 115 ? -0.216  2.208   0.327   1.00 15.56 ? 115 VAL A CA  1 
ATOM   910  C C   . VAL A 1 115 ? -0.760  3.256   -0.611  1.00 15.30 ? 115 VAL A C   1 
ATOM   911  O O   . VAL A 1 115 ? -2.008  3.219   -0.620  1.00 14.66 ? 115 VAL A O   1 
ATOM   912  C CB  . VAL A 1 115 ? -0.995  2.080   1.680   1.00 15.79 ? 115 VAL A CB  1 
ATOM   913  C CG1 . VAL A 1 115 ? -0.246  1.057   2.521   1.00 15.18 ? 115 VAL A CG1 1 
ATOM   914  C CG2 . VAL A 1 115 ? -1.098  3.364   2.435   1.00 15.66 ? 115 VAL A CG2 1 
ATOM   915  N N   . GLY A 1 116 ? 0.013   4.069   -1.244  1.00 15.40 ? 116 GLY A N   1 
ATOM   916  C CA  . GLY A 1 116 ? -0.600  4.998   -2.228  1.00 17.70 ? 116 GLY A CA  1 
ATOM   917  C C   . GLY A 1 116 ? -0.100  6.402   -1.984  1.00 17.46 ? 116 GLY A C   1 
ATOM   918  O O   . GLY A 1 116 ? 0.454   6.655   -0.888  1.00 16.21 ? 116 GLY A O   1 
ATOM   919  N N   . GLY A 1 117 ? -0.300  7.171   -2.985  1.00 16.85 ? 117 GLY A N   1 
ATOM   920  C CA  . GLY A 1 117 ? -0.835  7.253   -4.266  1.00 18.86 ? 117 GLY A CA  1 
ATOM   921  C C   . GLY A 1 117 ? -0.039  6.977   -5.495  1.00 16.97 ? 117 GLY A C   1 
ATOM   922  O O   . GLY A 1 117 ? 0.981   6.403   -5.348  1.00 16.51 ? 117 GLY A O   1 
ATOM   923  N N   . SER A 1 118 ? -0.516  7.298   -6.713  1.00 19.00 ? 118 SER A N   1 
ATOM   924  C CA  . SER A 1 118 ? 0.372   6.847   -7.811  1.00 20.88 ? 118 SER A CA  1 
ATOM   925  C C   . SER A 1 118 ? 1.819   7.222   -7.830  1.00 21.44 ? 118 SER A C   1 
ATOM   926  O O   . SER A 1 118 ? 2.589   6.387   -8.404  1.00 23.46 ? 118 SER A O   1 
ATOM   927  C CB  . SER A 1 118 ? -0.078  7.383   -9.146  1.00 22.02 ? 118 SER A CB  1 
ATOM   928  O OG  . SER A 1 118 ? -1.421  7.530   -8.985  1.00 24.64 ? 118 SER A OG  1 
ATOM   929  N N   . SER A 1 119 ? 2.167   8.406   -7.360  1.00 21.91 ? 119 SER A N   1 
ATOM   930  C CA  . SER A 1 119 ? 3.503   8.974   -7.387  1.00 23.37 ? 119 SER A CA  1 
ATOM   931  C C   . SER A 1 119 ? 4.456   8.269   -6.471  1.00 23.25 ? 119 SER A C   1 
ATOM   932  O O   . SER A 1 119 ? 5.656   8.188   -6.810  1.00 25.04 ? 119 SER A O   1 
ATOM   933  C CB  . SER A 1 119 ? 3.519   10.500  -7.049  1.00 23.65 ? 119 SER A CB  1 
ATOM   934  O OG  . SER A 1 119 ? 2.192   10.771  -6.441  1.00 26.96 ? 119 SER A OG  1 
ATOM   935  N N   . VAL A 1 120 ? 3.875   7.795   -5.389  1.00 23.67 ? 120 VAL A N   1 
ATOM   936  C CA  . VAL A 1 120 ? 4.586   7.072   -4.347  1.00 23.73 ? 120 VAL A CA  1 
ATOM   937  C C   . VAL A 1 120 ? 4.813   5.689   -4.995  1.00 24.11 ? 120 VAL A C   1 
ATOM   938  O O   . VAL A 1 120 ? 5.886   5.158   -4.799  1.00 26.30 ? 120 VAL A O   1 
ATOM   939  C CB  . VAL A 1 120 ? 3.715   7.041   -3.097  1.00 22.91 ? 120 VAL A CB  1 
ATOM   940  C CG1 . VAL A 1 120 ? 4.276   6.380   -1.835  1.00 22.92 ? 120 VAL A CG1 1 
ATOM   941  C CG2 . VAL A 1 120 ? 3.199   8.409   -2.687  1.00 22.48 ? 120 VAL A CG2 1 
ATOM   942  N N   . TYR A 1 121 ? 3.766   5.147   -5.597  1.00 23.43 ? 121 TYR A N   1 
ATOM   943  C CA  . TYR A 1 121 ? 3.940   3.771   -6.194  1.00 21.80 ? 121 TYR A CA  1 
ATOM   944  C C   . TYR A 1 121 ? 4.985   3.867   -7.305  1.00 22.40 ? 121 TYR A C   1 
ATOM   945  O O   . TYR A 1 121 ? 5.895   3.047   -7.301  1.00 23.79 ? 121 TYR A O   1 
ATOM   946  C CB  . TYR A 1 121 ? 2.616   3.261   -6.805  1.00 17.56 ? 121 TYR A CB  1 
ATOM   947  C CG  . TYR A 1 121 ? 1.461   2.968   -5.914  1.00 15.36 ? 121 TYR A CG  1 
ATOM   948  C CD1 . TYR A 1 121 ? 1.426   1.751   -5.214  1.00 14.94 ? 121 TYR A CD1 1 
ATOM   949  C CD2 . TYR A 1 121 ? 0.447   3.889   -5.698  1.00 13.77 ? 121 TYR A CD2 1 
ATOM   950  C CE1 . TYR A 1 121 ? 0.325   1.421   -4.386  1.00 13.55 ? 121 TYR A CE1 1 
ATOM   951  C CE2 . TYR A 1 121 ? -0.629  3.579   -4.880  1.00 11.99 ? 121 TYR A CE2 1 
ATOM   952  C CZ  . TYR A 1 121 ? -0.658  2.371   -4.315  1.00 12.33 ? 121 TYR A CZ  1 
ATOM   953  O OH  . TYR A 1 121 ? -1.650  2.048   -3.452  1.00 12.30 ? 121 TYR A OH  1 
ATOM   954  N N   . LYS A 1 122 ? 4.832   4.810   -8.167  1.00 23.87 ? 122 LYS A N   1 
ATOM   955  C CA  . LYS A 1 122 ? 5.766   4.928   -9.319  1.00 27.67 ? 122 LYS A CA  1 
ATOM   956  C C   . LYS A 1 122 ? 7.231   4.920   -8.962  1.00 28.86 ? 122 LYS A C   1 
ATOM   957  O O   . LYS A 1 122 ? 8.102   4.363   -9.593  1.00 30.37 ? 122 LYS A O   1 
ATOM   958  C CB  . LYS A 1 122 ? 5.485   6.197   -10.166 1.00 28.41 ? 122 LYS A CB  1 
ATOM   959  C CG  . LYS A 1 122 ? 6.542   6.079   -11.278 1.00 29.00 ? 122 LYS A CG  1 
ATOM   960  C CD  . LYS A 1 122 ? 5.906   6.605   -12.536 1.00 31.16 ? 122 LYS A CD  1 
ATOM   961  C CE  . LYS A 1 122 ? 6.789   6.168   -13.750 1.00 32.50 ? 122 LYS A CE  1 
ATOM   962  N NZ  . LYS A 1 122 ? 6.648   4.644   -13.590 1.00 32.57 ? 122 LYS A NZ  1 
ATOM   963  N N   . GLU A 1 123 ? 7.525   5.550   -7.831  1.00 30.50 ? 123 GLU A N   1 
ATOM   964  C CA  . GLU A 1 123 ? 8.781   5.728   -7.175  1.00 31.00 ? 123 GLU A CA  1 
ATOM   965  C C   . GLU A 1 123 ? 9.266   4.523   -6.408  1.00 30.47 ? 123 GLU A C   1 
ATOM   966  O O   . GLU A 1 123 ? 10.453  4.139   -6.543  1.00 32.06 ? 123 GLU A O   1 
ATOM   967  C CB  . GLU A 1 123 ? 8.453   6.820   -6.123  1.00 32.22 ? 123 GLU A CB  1 
ATOM   968  C CG  . GLU A 1 123 ? 9.515   7.048   -5.085  1.00 34.09 ? 123 GLU A CG  1 
ATOM   969  C CD  . GLU A 1 123 ? 9.897   8.498   -4.956  1.00 35.80 ? 123 GLU A CD  1 
ATOM   970  O OE1 . GLU A 1 123 ? 8.906   9.120   -4.513  1.00 36.30 ? 123 GLU A OE1 1 
ATOM   971  O OE2 . GLU A 1 123 ? 10.998  8.822   -5.410  1.00 36.69 ? 123 GLU A OE2 1 
ATOM   972  N N   . ALA A 1 124 ? 8.407   3.955   -5.560  1.00 28.44 ? 124 ALA A N   1 
ATOM   973  C CA  . ALA A 1 124 ? 8.826   2.701   -4.870  1.00 26.86 ? 124 ALA A CA  1 
ATOM   974  C C   . ALA A 1 124 ? 9.177   1.711   -6.017  1.00 27.11 ? 124 ALA A C   1 
ATOM   975  O O   . ALA A 1 124 ? 10.141  1.016   -5.917  1.00 25.11 ? 124 ALA A O   1 
ATOM   976  C CB  . ALA A 1 124 ? 7.763   1.993   -4.128  1.00 26.33 ? 124 ALA A CB  1 
ATOM   977  N N   . MET A 1 125 ? 8.323   1.733   -7.047  1.00 28.67 ? 125 MET A N   1 
ATOM   978  C CA  . MET A 1 125 ? 8.540   0.816   -8.132  1.00 31.94 ? 125 MET A CA  1 
ATOM   979  C C   . MET A 1 125 ? 9.836   0.807   -8.893  1.00 33.64 ? 125 MET A C   1 
ATOM   980  O O   . MET A 1 125 ? 10.077  -0.344  -9.346  1.00 34.35 ? 125 MET A O   1 
ATOM   981  C CB  . MET A 1 125 ? 7.385   0.664   -9.167  1.00 31.72 ? 125 MET A CB  1 
ATOM   982  C CG  . MET A 1 125 ? 6.354   -0.180  -8.385  1.00 31.50 ? 125 MET A CG  1 
ATOM   983  S SD  . MET A 1 125 ? 4.756   0.165   -9.128  1.00 33.04 ? 125 MET A SD  1 
ATOM   984  C CE  . MET A 1 125 ? 4.776   -0.888  -10.565 1.00 31.04 ? 125 MET A CE  1 
ATOM   985  N N   . ASN A 1 126 ? 10.501  1.896   -9.088  1.00 36.42 ? 126 ASN A N   1 
ATOM   986  C CA  . ASN A 1 126 ? 11.711  1.972   -9.894  1.00 39.30 ? 126 ASN A CA  1 
ATOM   987  C C   . ASN A 1 126 ? 12.876  1.976   -8.923  1.00 39.78 ? 126 ASN A C   1 
ATOM   988  O O   . ASN A 1 126 ? 14.045  1.834   -9.311  1.00 43.09 ? 126 ASN A O   1 
ATOM   989  C CB  . ASN A 1 126 ? 11.641  3.159   -10.867 1.00 39.71 ? 126 ASN A CB  1 
ATOM   990  C CG  . ASN A 1 126 ? 10.458  3.649   -11.654 1.00 41.18 ? 126 ASN A CG  1 
ATOM   991  O OD1 . ASN A 1 126 ? 9.528   3.047   -12.303 1.00 40.50 ? 126 ASN A OD1 1 
ATOM   992  N ND2 . ASN A 1 126 ? 10.448  5.049   -11.655 1.00 41.46 ? 126 ASN A ND2 1 
ATOM   993  N N   . HIS A 1 127 ? 12.557  2.110   -7.654  1.00 40.75 ? 127 HIS A N   1 
ATOM   994  C CA  . HIS A 1 127 ? 13.550  2.100   -6.558  1.00 39.98 ? 127 HIS A CA  1 
ATOM   995  C C   . HIS A 1 127 ? 14.259  0.763   -6.766  1.00 40.57 ? 127 HIS A C   1 
ATOM   996  O O   . HIS A 1 127 ? 13.719  -0.192  -7.377  1.00 39.69 ? 127 HIS A O   1 
ATOM   997  C CB  . HIS A 1 127 ? 12.796  2.255   -5.246  1.00 40.56 ? 127 HIS A CB  1 
ATOM   998  C CG  . HIS A 1 127 ? 13.631  2.275   -4.007  1.00 40.34 ? 127 HIS A CG  1 
ATOM   999  N ND1 . HIS A 1 127 ? 14.114  1.114   -3.479  1.00 41.24 ? 127 HIS A ND1 1 
ATOM   1000 C CD2 . HIS A 1 127 ? 14.068  3.197   -3.172  1.00 40.85 ? 127 HIS A CD2 1 
ATOM   1001 C CE1 . HIS A 1 127 ? 14.835  1.258   -2.377  1.00 40.69 ? 127 HIS A CE1 1 
ATOM   1002 N NE2 . HIS A 1 127 ? 14.826  2.544   -2.187  1.00 40.96 ? 127 HIS A NE2 1 
ATOM   1003 N N   . PRO A 1 128 ? 15.503  0.701   -6.309  1.00 40.28 ? 128 PRO A N   1 
ATOM   1004 C CA  . PRO A 1 128 ? 16.322  -0.509  -6.494  1.00 39.11 ? 128 PRO A CA  1 
ATOM   1005 C C   . PRO A 1 128 ? 16.271  -1.441  -5.311  1.00 38.75 ? 128 PRO A C   1 
ATOM   1006 O O   . PRO A 1 128 ? 16.366  -1.145  -4.087  1.00 39.48 ? 128 PRO A O   1 
ATOM   1007 C CB  . PRO A 1 128 ? 17.661  0.131   -6.822  1.00 39.18 ? 128 PRO A CB  1 
ATOM   1008 C CG  . PRO A 1 128 ? 17.722  1.270   -5.875  1.00 39.99 ? 128 PRO A CG  1 
ATOM   1009 C CD  . PRO A 1 128 ? 16.285  1.786   -5.668  1.00 39.83 ? 128 PRO A CD  1 
ATOM   1010 N N   . GLY A 1 129 ? 16.158  -2.708  -5.767  1.00 36.36 ? 129 GLY A N   1 
ATOM   1011 C CA  . GLY A 1 129 ? 16.129  -3.669  -4.626  1.00 34.15 ? 129 GLY A CA  1 
ATOM   1012 C C   . GLY A 1 129 ? 14.979  -4.640  -4.838  1.00 31.44 ? 129 GLY A C   1 
ATOM   1013 O O   . GLY A 1 129 ? 14.373  -4.651  -5.906  1.00 30.83 ? 129 GLY A O   1 
ATOM   1014 N N   . HIS A 1 130 ? 14.848  -5.329  -3.771  1.00 29.63 ? 130 HIS A N   1 
ATOM   1015 C CA  . HIS A 1 130 ? 13.839  -6.411  -3.646  1.00 27.90 ? 130 HIS A CA  1 
ATOM   1016 C C   . HIS A 1 130 ? 12.515  -5.723  -3.301  1.00 26.91 ? 130 HIS A C   1 
ATOM   1017 O O   . HIS A 1 130 ? 12.437  -4.992  -2.327  1.00 24.75 ? 130 HIS A O   1 
ATOM   1018 C CB  . HIS A 1 130 ? 14.287  -7.534  -2.687  1.00 28.31 ? 130 HIS A CB  1 
ATOM   1019 C CG  . HIS A 1 130 ? 13.359  -8.728  -2.757  1.00 27.73 ? 130 HIS A CG  1 
ATOM   1020 N ND1 . HIS A 1 130 ? 12.805  -9.131  -4.021  1.00 27.98 ? 130 HIS A ND1 1 
ATOM   1021 C CD2 . HIS A 1 130 ? 12.787  -9.475  -1.828  1.00 27.45 ? 130 HIS A CD2 1 
ATOM   1022 C CE1 . HIS A 1 130 ? 11.999  -10.139 -3.789  1.00 27.53 ? 130 HIS A CE1 1 
ATOM   1023 N NE2 . HIS A 1 130 ? 11.932  -10.345 -2.505  1.00 27.18 ? 130 HIS A NE2 1 
ATOM   1024 N N   . LEU A 1 131 ? 11.553  -5.993  -4.230  1.00 23.92 ? 131 LEU A N   1 
ATOM   1025 C CA  . LEU A 1 131 ? 10.225  -5.459  -3.981  1.00 21.79 ? 131 LEU A CA  1 
ATOM   1026 C C   . LEU A 1 131 ? 9.131   -6.400  -4.302  1.00 20.24 ? 131 LEU A C   1 
ATOM   1027 O O   . LEU A 1 131 ? 9.220   -7.155  -5.268  1.00 21.74 ? 131 LEU A O   1 
ATOM   1028 C CB  . LEU A 1 131 ? 10.221  -4.030  -4.604  1.00 20.94 ? 131 LEU A CB  1 
ATOM   1029 C CG  . LEU A 1 131 ? 8.866   -3.322  -4.443  1.00 20.50 ? 131 LEU A CG  1 
ATOM   1030 C CD1 . LEU A 1 131 ? 8.755   -2.470  -3.268  1.00 20.12 ? 131 LEU A CD1 1 
ATOM   1031 C CD2 . LEU A 1 131 ? 8.522   -2.516  -5.680  1.00 19.92 ? 131 LEU A CD2 1 
ATOM   1032 N N   . LYS A 1 132 ? 8.057   -6.411  -3.567  1.00 19.24 ? 132 LYS A N   1 
ATOM   1033 C CA  . LYS A 1 132 ? 6.868   -7.188  -3.864  1.00 17.48 ? 132 LYS A CA  1 
ATOM   1034 C C   . LYS A 1 132 ? 5.674   -6.248  -4.090  1.00 16.68 ? 132 LYS A C   1 
ATOM   1035 O O   . LYS A 1 132 ? 5.682   -5.334  -3.308  1.00 13.25 ? 132 LYS A O   1 
ATOM   1036 C CB  . LYS A 1 132 ? 6.439   -8.229  -2.856  1.00 19.46 ? 132 LYS A CB  1 
ATOM   1037 C CG  . LYS A 1 132 ? 7.565   -9.301  -2.646  1.00 19.99 ? 132 LYS A CG  1 
ATOM   1038 C CD  . LYS A 1 132 ? 6.988   -10.482 -1.853  1.00 22.65 ? 132 LYS A CD  1 
ATOM   1039 C CE  . LYS A 1 132 ? 7.125   -10.090 -0.367  1.00 25.12 ? 132 LYS A CE  1 
ATOM   1040 N NZ  . LYS A 1 132 ? 8.479   -10.678 -0.106  1.00 26.53 ? 132 LYS A NZ  1 
ATOM   1041 N N   . LEU A 1 133 ? 4.813   -6.533  -5.099  1.00 12.90 ? 133 LEU A N   1 
ATOM   1042 C CA  . LEU A 1 133 ? 3.604   -5.706  -5.298  1.00 15.04 ? 133 LEU A CA  1 
ATOM   1043 C C   . LEU A 1 133 ? 2.399   -6.611  -4.937  1.00 15.48 ? 133 LEU A C   1 
ATOM   1044 O O   . LEU A 1 133 ? 2.407   -7.761  -5.454  1.00 17.57 ? 133 LEU A O   1 
ATOM   1045 C CB  . LEU A 1 133 ? 3.678   -5.274  -6.733  1.00 15.13 ? 133 LEU A CB  1 
ATOM   1046 C CG  . LEU A 1 133 ? 4.210   -4.092  -7.381  1.00 16.51 ? 133 LEU A CG  1 
ATOM   1047 C CD1 . LEU A 1 133 ? 5.395   -3.298  -6.839  1.00 16.20 ? 133 LEU A CD1 1 
ATOM   1048 C CD2 . LEU A 1 133 ? 4.406   -4.268  -8.905  1.00 18.22 ? 133 LEU A CD2 1 
ATOM   1049 N N   . PHE A 1 134 ? 1.495   -6.296  -4.108  1.00 14.56 ? 134 PHE A N   1 
ATOM   1050 C CA  . PHE A 1 134 ? 0.351   -7.131  -3.737  1.00 14.56 ? 134 PHE A CA  1 
ATOM   1051 C C   . PHE A 1 134 ? -0.725  -6.427  -4.545  1.00 14.95 ? 134 PHE A C   1 
ATOM   1052 O O   . PHE A 1 134 ? -1.010  -5.325  -4.076  1.00 15.76 ? 134 PHE A O   1 
ATOM   1053 C CB  . PHE A 1 134 ? 0.084   -7.243  -2.255  1.00 12.14 ? 134 PHE A CB  1 
ATOM   1054 C CG  . PHE A 1 134 ? 1.108   -8.121  -1.528  1.00 11.13 ? 134 PHE A CG  1 
ATOM   1055 C CD1 . PHE A 1 134 ? 2.470   -7.746  -1.445  1.00 11.58 ? 134 PHE A CD1 1 
ATOM   1056 C CD2 . PHE A 1 134 ? 0.737   -9.347  -0.952  1.00 13.16 ? 134 PHE A CD2 1 
ATOM   1057 C CE1 . PHE A 1 134 ? 3.388   -8.573  -0.882  1.00 11.20 ? 134 PHE A CE1 1 
ATOM   1058 C CE2 . PHE A 1 134 ? 1.678   -10.168 -0.314  1.00 12.83 ? 134 PHE A CE2 1 
ATOM   1059 C CZ  . PHE A 1 134 ? 3.056   -9.761  -0.265  1.00 11.65 ? 134 PHE A CZ  1 
ATOM   1060 N N   . VAL A 1 135 ? -1.230  -7.026  -5.623  1.00 15.20 ? 135 VAL A N   1 
ATOM   1061 C CA  . VAL A 1 135 ? -2.211  -6.335  -6.472  1.00 14.96 ? 135 VAL A CA  1 
ATOM   1062 C C   . VAL A 1 135 ? -3.586  -7.029  -6.393  1.00 18.18 ? 135 VAL A C   1 
ATOM   1063 O O   . VAL A 1 135 ? -3.560  -8.199  -6.632  1.00 17.15 ? 135 VAL A O   1 
ATOM   1064 C CB  . VAL A 1 135 ? -1.679  -6.373  -7.887  1.00 14.86 ? 135 VAL A CB  1 
ATOM   1065 C CG1 . VAL A 1 135 ? -2.398  -5.482  -8.873  1.00 15.85 ? 135 VAL A CG1 1 
ATOM   1066 C CG2 . VAL A 1 135 ? -0.188  -5.988  -7.928  1.00 14.85 ? 135 VAL A CG2 1 
ATOM   1067 N N   . THR A 1 136 ? -4.677  -6.327  -6.041  1.00 18.31 ? 136 THR A N   1 
ATOM   1068 C CA  . THR A 1 136 ? -5.985  -6.942  -6.005  1.00 16.79 ? 136 THR A CA  1 
ATOM   1069 C C   . THR A 1 136 ? -6.519  -6.535  -7.367  1.00 18.05 ? 136 THR A C   1 
ATOM   1070 O O   . THR A 1 136 ? -6.565  -5.289  -7.476  1.00 17.06 ? 136 THR A O   1 
ATOM   1071 C CB  . THR A 1 136 ? -6.956  -6.435  -4.903  1.00 16.14 ? 136 THR A CB  1 
ATOM   1072 O OG1 . THR A 1 136 ? -6.229  -6.558  -3.627  1.00 15.27 ? 136 THR A OG1 1 
ATOM   1073 C CG2 . THR A 1 136 ? -8.331  -7.120  -5.006  1.00 16.58 ? 136 THR A CG2 1 
ATOM   1074 N N   . ARG A 1 137 ? -6.872  -7.386  -8.283  1.00 17.23 ? 137 ARG A N   1 
ATOM   1075 C CA  . ARG A 1 137 ? -7.449  -6.974  -9.560  1.00 19.44 ? 137 ARG A CA  1 
ATOM   1076 C C   . ARG A 1 137 ? -8.937  -6.887  -9.471  1.00 21.00 ? 137 ARG A C   1 
ATOM   1077 O O   . ARG A 1 137 ? -9.536  -7.950  -9.229  1.00 22.68 ? 137 ARG A O   1 
ATOM   1078 C CB  . ARG A 1 137 ? -7.085  -7.948  -10.753 1.00 19.03 ? 137 ARG A CB  1 
ATOM   1079 C CG  . ARG A 1 137 ? -5.565  -7.880  -10.878 1.00 18.31 ? 137 ARG A CG  1 
ATOM   1080 C CD  . ARG A 1 137 ? -5.065  -6.858  -11.911 1.00 17.85 ? 137 ARG A CD  1 
ATOM   1081 N NE  . ARG A 1 137 ? -3.681  -7.223  -12.064 1.00 18.20 ? 137 ARG A NE  1 
ATOM   1082 C CZ  . ARG A 1 137 ? -2.887  -6.389  -12.802 1.00 17.94 ? 137 ARG A CZ  1 
ATOM   1083 N NH1 . ARG A 1 137 ? -3.330  -5.232  -13.260 1.00 18.89 ? 137 ARG A NH1 1 
ATOM   1084 N NH2 . ARG A 1 137 ? -1.651  -6.681  -13.002 1.00 16.52 ? 137 ARG A NH2 1 
ATOM   1085 N N   . ILE A 1 138 ? -9.607  -5.777  -9.601  1.00 22.16 ? 138 ILE A N   1 
ATOM   1086 C CA  . ILE A 1 138 ? -11.055 -5.566  -9.492  1.00 22.12 ? 138 ILE A CA  1 
ATOM   1087 C C   . ILE A 1 138 ? -11.383 -5.887  -10.982 1.00 23.60 ? 138 ILE A C   1 
ATOM   1088 O O   . ILE A 1 138 ? -10.877 -5.076  -11.740 1.00 21.95 ? 138 ILE A O   1 
ATOM   1089 C CB  . ILE A 1 138 ? -11.521 -4.140  -9.146  1.00 23.02 ? 138 ILE A CB  1 
ATOM   1090 C CG1 . ILE A 1 138 ? -11.625 -3.685  -7.643  1.00 22.55 ? 138 ILE A CG1 1 
ATOM   1091 C CG2 . ILE A 1 138 ? -12.926 -3.857  -9.764  1.00 21.70 ? 138 ILE A CG2 1 
ATOM   1092 C CD1 . ILE A 1 138 ? -10.996 -4.442  -6.512  1.00 22.30 ? 138 ILE A CD1 1 
ATOM   1093 N N   . MET A 1 139 ? -12.118 -6.966  -11.265 1.00 24.10 ? 139 MET A N   1 
ATOM   1094 C CA  . MET A 1 139 ? -12.245 -7.291  -12.736 1.00 26.25 ? 139 MET A CA  1 
ATOM   1095 C C   . MET A 1 139 ? -13.238 -6.511  -13.538 1.00 27.56 ? 139 MET A C   1 
ATOM   1096 O O   . MET A 1 139 ? -14.010 -7.135  -14.366 1.00 29.55 ? 139 MET A O   1 
ATOM   1097 C CB  . MET A 1 139 ? -12.387 -8.828  -12.860 1.00 27.31 ? 139 MET A CB  1 
ATOM   1098 C CG  . MET A 1 139 ? -11.264 -9.618  -12.238 1.00 28.34 ? 139 MET A CG  1 
ATOM   1099 S SD  . MET A 1 139 ? -11.446 -11.302 -11.529 1.00 30.47 ? 139 MET A SD  1 
ATOM   1100 C CE  . MET A 1 139 ? -12.201 -12.054 -12.999 1.00 30.72 ? 139 MET A CE  1 
ATOM   1101 N N   . GLN A 1 140 ? -13.408 -5.204  -13.414 1.00 26.78 ? 140 GLN A N   1 
ATOM   1102 C CA  . GLN A 1 140 ? -14.305 -4.428  -14.296 1.00 26.60 ? 140 GLN A CA  1 
ATOM   1103 C C   . GLN A 1 140 ? -13.765 -3.010  -14.443 1.00 27.34 ? 140 GLN A C   1 
ATOM   1104 O O   . GLN A 1 140 ? -12.748 -2.636  -13.859 1.00 27.59 ? 140 GLN A O   1 
ATOM   1105 C CB  . GLN A 1 140 ? -15.761 -4.436  -14.002 1.00 27.25 ? 140 GLN A CB  1 
ATOM   1106 C CG  . GLN A 1 140 ? -16.314 -3.886  -12.786 1.00 27.05 ? 140 GLN A CG  1 
ATOM   1107 C CD  . GLN A 1 140 ? -17.724 -4.230  -12.498 1.00 28.57 ? 140 GLN A CD  1 
ATOM   1108 O OE1 . GLN A 1 140 ? -18.579 -3.428  -12.853 1.00 29.86 ? 140 GLN A OE1 1 
ATOM   1109 N NE2 . GLN A 1 140 ? -17.881 -5.412  -11.919 1.00 28.48 ? 140 GLN A NE2 1 
ATOM   1110 N N   . ASP A 1 141 ? -14.452 -2.225  -15.268 1.00 28.12 ? 141 ASP A N   1 
ATOM   1111 C CA  . ASP A 1 141 ? -14.054 -0.823  -15.481 1.00 27.72 ? 141 ASP A CA  1 
ATOM   1112 C C   . ASP A 1 141 ? -14.813 0.069   -14.556 1.00 27.57 ? 141 ASP A C   1 
ATOM   1113 O O   . ASP A 1 141 ? -16.009 -0.226  -14.365 1.00 27.00 ? 141 ASP A O   1 
ATOM   1114 C CB  . ASP A 1 141 ? -14.255 -0.471  -17.011 1.00 29.70 ? 141 ASP A CB  1 
ATOM   1115 C CG  . ASP A 1 141 ? -13.003 -1.210  -17.404 1.00 30.66 ? 141 ASP A CG  1 
ATOM   1116 O OD1 . ASP A 1 141 ? -12.608 -1.779  -16.330 1.00 32.89 ? 141 ASP A OD1 1 
ATOM   1117 O OD2 . ASP A 1 141 ? -12.493 -1.250  -18.487 1.00 32.76 ? 141 ASP A OD2 1 
ATOM   1118 N N   . PHE A 1 142 ? -14.117 1.106   -14.110 1.00 26.82 ? 142 PHE A N   1 
ATOM   1119 C CA  . PHE A 1 142 ? -14.688 2.097   -13.181 1.00 25.89 ? 142 PHE A CA  1 
ATOM   1120 C C   . PHE A 1 142 ? -14.108 3.422   -13.506 1.00 25.61 ? 142 PHE A C   1 
ATOM   1121 O O   . PHE A 1 142 ? -12.888 3.553   -13.677 1.00 28.12 ? 142 PHE A O   1 
ATOM   1122 C CB  . PHE A 1 142 ? -14.386 1.689   -11.723 1.00 25.52 ? 142 PHE A CB  1 
ATOM   1123 C CG  . PHE A 1 142 ? -15.261 0.663   -11.091 1.00 23.63 ? 142 PHE A CG  1 
ATOM   1124 C CD1 . PHE A 1 142 ? -16.579 0.928   -10.818 1.00 23.58 ? 142 PHE A CD1 1 
ATOM   1125 C CD2 . PHE A 1 142 ? -14.754 -0.599  -10.805 1.00 23.98 ? 142 PHE A CD2 1 
ATOM   1126 C CE1 . PHE A 1 142 ? -17.417 -0.047  -10.303 1.00 22.99 ? 142 PHE A CE1 1 
ATOM   1127 C CE2 . PHE A 1 142 ? -15.548 -1.627  -10.276 1.00 23.00 ? 142 PHE A CE2 1 
ATOM   1128 C CZ  . PHE A 1 142 ? -16.855 -1.285  -9.950  1.00 23.17 ? 142 PHE A CZ  1 
ATOM   1129 N N   . GLU A 1 143 ? -14.855 4.445   -13.777 1.00 26.34 ? 143 GLU A N   1 
ATOM   1130 C CA  . GLU A 1 143 ? -14.407 5.821   -14.049 1.00 24.72 ? 143 GLU A CA  1 
ATOM   1131 C C   . GLU A 1 143 ? -13.357 6.252   -12.986 1.00 24.37 ? 143 GLU A C   1 
ATOM   1132 O O   . GLU A 1 143 ? -13.828 6.160   -11.850 1.00 22.14 ? 143 GLU A O   1 
ATOM   1133 C CB  . GLU A 1 143 ? -15.638 6.672   -13.587 1.00 26.13 ? 143 GLU A CB  1 
ATOM   1134 C CG  . GLU A 1 143 ? -15.514 8.144   -14.000 1.00 29.32 ? 143 GLU A CG  1 
ATOM   1135 C CD  . GLU A 1 143 ? -16.649 9.002   -14.425 1.00 31.00 ? 143 GLU A CD  1 
ATOM   1136 O OE1 . GLU A 1 143 ? -17.528 8.998   -13.512 1.00 31.88 ? 143 GLU A OE1 1 
ATOM   1137 O OE2 . GLU A 1 143 ? -16.708 9.602   -15.505 1.00 31.35 ? 143 GLU A OE2 1 
ATOM   1138 N N   . SER A 1 144 ? -12.127 6.609   -13.361 1.00 21.76 ? 144 SER A N   1 
ATOM   1139 C CA  . SER A 1 144 ? -11.176 6.958   -12.363 1.00 21.27 ? 144 SER A CA  1 
ATOM   1140 C C   . SER A 1 144 ? -10.607 8.324   -12.712 1.00 21.40 ? 144 SER A C   1 
ATOM   1141 O O   . SER A 1 144 ? -10.870 8.790   -13.860 1.00 20.74 ? 144 SER A O   1 
ATOM   1142 C CB  . SER A 1 144 ? -10.035 5.885   -12.547 1.00 20.61 ? 144 SER A CB  1 
ATOM   1143 O OG  . SER A 1 144 ? -10.738 4.718   -12.042 1.00 21.49 ? 144 SER A OG  1 
ATOM   1144 N N   . ASP A 1 145 ? -9.870  8.862   -11.794 1.00 20.24 ? 145 ASP A N   1 
ATOM   1145 C CA  . ASP A 1 145 ? -9.166  10.169  -12.106 1.00 19.29 ? 145 ASP A CA  1 
ATOM   1146 C C   . ASP A 1 145 ? -7.751  9.984   -11.771 1.00 19.30 ? 145 ASP A C   1 
ATOM   1147 O O   . ASP A 1 145 ? -6.930  10.892  -12.105 1.00 21.67 ? 145 ASP A O   1 
ATOM   1148 C CB  . ASP A 1 145 ? -9.967  11.314  -11.520 1.00 19.36 ? 145 ASP A CB  1 
ATOM   1149 C CG  . ASP A 1 145 ? -9.820  11.415  -10.032 1.00 18.91 ? 145 ASP A CG  1 
ATOM   1150 O OD1 . ASP A 1 145 ? -8.964  10.828  -9.338  1.00 18.60 ? 145 ASP A OD1 1 
ATOM   1151 O OD2 . ASP A 1 145 ? -10.709 12.017  -9.424  1.00 17.68 ? 145 ASP A OD2 1 
ATOM   1152 N N   . THR A 1 146 ? -7.447  8.839   -11.102 1.00 18.05 ? 146 THR A N   1 
ATOM   1153 C CA  . THR A 1 146 ? -6.086  8.496   -10.684 1.00 17.78 ? 146 THR A CA  1 
ATOM   1154 C C   . THR A 1 146 ? -5.845  6.990   -10.951 1.00 18.05 ? 146 THR A C   1 
ATOM   1155 O O   . THR A 1 146 ? -6.722  6.130   -10.775 1.00 16.22 ? 146 THR A O   1 
ATOM   1156 C CB  . THR A 1 146 ? -5.940  9.176   -9.271  1.00 18.86 ? 146 THR A CB  1 
ATOM   1157 O OG1 . THR A 1 146 ? -5.119  8.400   -8.457  1.00 21.31 ? 146 THR A OG1 1 
ATOM   1158 C CG2 . THR A 1 146 ? -7.052  9.611   -8.416  1.00 17.55 ? 146 THR A CG2 1 
ATOM   1159 N N   . PHE A 1 147 ? -4.737  6.626   -11.543 1.00 17.51 ? 147 PHE A N   1 
ATOM   1160 C CA  . PHE A 1 147 ? -4.302  5.332   -11.992 1.00 19.83 ? 147 PHE A CA  1 
ATOM   1161 C C   . PHE A 1 147 ? -2.993  4.800   -11.417 1.00 20.41 ? 147 PHE A C   1 
ATOM   1162 O O   . PHE A 1 147 ? -2.207  5.687   -10.976 1.00 21.88 ? 147 PHE A O   1 
ATOM   1163 C CB  . PHE A 1 147 ? -4.028  5.572   -13.553 1.00 20.18 ? 147 PHE A CB  1 
ATOM   1164 C CG  . PHE A 1 147 ? -5.278  6.102   -14.238 1.00 20.12 ? 147 PHE A CG  1 
ATOM   1165 C CD1 . PHE A 1 147 ? -6.229  5.268   -14.719 1.00 19.90 ? 147 PHE A CD1 1 
ATOM   1166 C CD2 . PHE A 1 147 ? -5.521  7.482   -14.357 1.00 20.92 ? 147 PHE A CD2 1 
ATOM   1167 C CE1 . PHE A 1 147 ? -7.393  5.575   -15.372 1.00 20.60 ? 147 PHE A CE1 1 
ATOM   1168 C CE2 . PHE A 1 147 ? -6.712  7.898   -14.912 1.00 20.86 ? 147 PHE A CE2 1 
ATOM   1169 C CZ  . PHE A 1 147 ? -7.653  6.985   -15.426 1.00 21.64 ? 147 PHE A CZ  1 
ATOM   1170 N N   . PHE A 1 148 ? -2.840  3.511   -11.439 1.00 20.04 ? 148 PHE A N   1 
ATOM   1171 C CA  . PHE A 1 148 ? -1.622  2.793   -10.996 1.00 20.67 ? 148 PHE A CA  1 
ATOM   1172 C C   . PHE A 1 148 ? -0.647  2.782   -12.167 1.00 21.42 ? 148 PHE A C   1 
ATOM   1173 O O   . PHE A 1 148 ? -1.201  2.606   -13.269 1.00 21.63 ? 148 PHE A O   1 
ATOM   1174 C CB  . PHE A 1 148 ? -2.030  1.388   -10.621 1.00 18.89 ? 148 PHE A CB  1 
ATOM   1175 C CG  . PHE A 1 148 ? -1.046  0.608   -9.922  1.00 20.03 ? 148 PHE A CG  1 
ATOM   1176 C CD1 . PHE A 1 148 ? -0.567  1.039   -8.664  1.00 21.00 ? 148 PHE A CD1 1 
ATOM   1177 C CD2 . PHE A 1 148 ? -0.340  -0.429  -10.534 1.00 20.56 ? 148 PHE A CD2 1 
ATOM   1178 C CE1 . PHE A 1 148 ? 0.431   0.358   -8.023  1.00 19.85 ? 148 PHE A CE1 1 
ATOM   1179 C CE2 . PHE A 1 148 ? 0.661   -1.134  -9.941  1.00 20.37 ? 148 PHE A CE2 1 
ATOM   1180 C CZ  . PHE A 1 148 ? 1.038   -0.699  -8.644  1.00 20.43 ? 148 PHE A CZ  1 
ATOM   1181 N N   . PRO A 1 149 ? 0.659   2.946   -12.047 1.00 22.07 ? 149 PRO A N   1 
ATOM   1182 C CA  . PRO A 1 149 ? 1.544   2.908   -13.203 1.00 23.03 ? 149 PRO A CA  1 
ATOM   1183 C C   . PRO A 1 149 ? 1.665   1.439   -13.649 1.00 24.96 ? 149 PRO A C   1 
ATOM   1184 O O   . PRO A 1 149 ? 1.362   0.480   -12.881 1.00 23.08 ? 149 PRO A O   1 
ATOM   1185 C CB  . PRO A 1 149 ? 2.909   3.347   -12.654 1.00 22.83 ? 149 PRO A CB  1 
ATOM   1186 C CG  . PRO A 1 149 ? 2.743   3.560   -11.159 1.00 21.74 ? 149 PRO A CG  1 
ATOM   1187 C CD  . PRO A 1 149 ? 1.344   3.163   -10.765 1.00 21.80 ? 149 PRO A CD  1 
ATOM   1188 N N   . GLU A 1 150 ? 2.140   1.355   -14.855 1.00 25.17 ? 150 GLU A N   1 
ATOM   1189 C CA  . GLU A 1 150 ? 2.320   0.162   -15.634 1.00 27.36 ? 150 GLU A CA  1 
ATOM   1190 C C   . GLU A 1 150 ? 3.273   -0.829  -15.035 1.00 25.97 ? 150 GLU A C   1 
ATOM   1191 O O   . GLU A 1 150 ? 4.360   -0.386  -14.644 1.00 26.50 ? 150 GLU A O   1 
ATOM   1192 C CB  . GLU A 1 150 ? 2.814   0.584   -17.048 1.00 29.60 ? 150 GLU A CB  1 
ATOM   1193 C CG  . GLU A 1 150 ? 3.646   -0.506  -17.749 1.00 32.57 ? 150 GLU A CG  1 
ATOM   1194 C CD  . GLU A 1 150 ? 4.316   -0.256  -19.051 1.00 33.82 ? 150 GLU A CD  1 
ATOM   1195 O OE1 . GLU A 1 150 ? 4.795   0.935   -18.993 1.00 36.28 ? 150 GLU A OE1 1 
ATOM   1196 O OE2 . GLU A 1 150 ? 4.369   -1.008  -20.014 1.00 34.76 ? 150 GLU A OE2 1 
ATOM   1197 N N   . ILE A 1 151 ? 2.875   -2.111  -14.876 1.00 24.87 ? 151 ILE A N   1 
ATOM   1198 C CA  . ILE A 1 151 ? 3.867   -3.094  -14.293 1.00 21.19 ? 151 ILE A CA  1 
ATOM   1199 C C   . ILE A 1 151 ? 4.715   -3.606  -15.442 1.00 22.98 ? 151 ILE A C   1 
ATOM   1200 O O   . ILE A 1 151 ? 4.061   -4.021  -16.426 1.00 22.33 ? 151 ILE A O   1 
ATOM   1201 C CB  . ILE A 1 151 ? 3.114   -4.175  -13.565 1.00 21.05 ? 151 ILE A CB  1 
ATOM   1202 C CG1 . ILE A 1 151 ? 2.229   -3.505  -12.479 1.00 19.01 ? 151 ILE A CG1 1 
ATOM   1203 C CG2 . ILE A 1 151 ? 3.994   -5.182  -12.786 1.00 20.38 ? 151 ILE A CG2 1 
ATOM   1204 C CD1 . ILE A 1 151 ? 1.267   -4.641  -11.925 1.00 17.61 ? 151 ILE A CD1 1 
ATOM   1205 N N   . ASP A 1 152 ? 5.992   -3.552  -15.283 1.00 22.05 ? 152 ASP A N   1 
ATOM   1206 C CA  . ASP A 1 152 ? 6.882   -4.030  -16.366 1.00 22.80 ? 152 ASP A CA  1 
ATOM   1207 C C   . ASP A 1 152 ? 7.087   -5.544  -16.183 1.00 21.92 ? 152 ASP A C   1 
ATOM   1208 O O   . ASP A 1 152 ? 7.829   -5.762  -15.264 1.00 21.53 ? 152 ASP A O   1 
ATOM   1209 C CB  . ASP A 1 152 ? 8.204   -3.248  -16.023 1.00 23.23 ? 152 ASP A CB  1 
ATOM   1210 C CG  . ASP A 1 152 ? 9.244   -3.464  -17.045 1.00 24.62 ? 152 ASP A CG  1 
ATOM   1211 O OD1 . ASP A 1 152 ? 9.055   -4.422  -17.815 1.00 24.07 ? 152 ASP A OD1 1 
ATOM   1212 O OD2 . ASP A 1 152 ? 10.249  -2.727  -17.108 1.00 26.33 ? 152 ASP A OD2 1 
ATOM   1213 N N   . LEU A 1 153 ? 6.535   -6.467  -16.926 1.00 21.85 ? 153 LEU A N   1 
ATOM   1214 C CA  . LEU A 1 153 ? 6.649   -7.898  -16.827 1.00 20.92 ? 153 LEU A CA  1 
ATOM   1215 C C   . LEU A 1 153 ? 8.047   -8.379  -17.193 1.00 22.55 ? 153 LEU A C   1 
ATOM   1216 O O   . LEU A 1 153 ? 8.286   -9.541  -16.870 1.00 22.83 ? 153 LEU A O   1 
ATOM   1217 C CB  . LEU A 1 153 ? 5.425   -8.531  -17.505 1.00 20.33 ? 153 LEU A CB  1 
ATOM   1218 C CG  . LEU A 1 153 ? 4.021   -7.999  -17.116 1.00 18.46 ? 153 LEU A CG  1 
ATOM   1219 C CD1 . LEU A 1 153 ? 3.025   -8.847  -17.909 1.00 19.00 ? 153 LEU A CD1 1 
ATOM   1220 C CD2 . LEU A 1 153 ? 3.785   -8.222  -15.630 1.00 17.45 ? 153 LEU A CD2 1 
ATOM   1221 N N   . GLU A 1 154 ? 8.915   -7.535  -17.689 1.00 22.99 ? 154 GLU A N   1 
ATOM   1222 C CA  . GLU A 1 154 ? 10.300  -7.895  -17.884 1.00 26.05 ? 154 GLU A CA  1 
ATOM   1223 C C   . GLU A 1 154 ? 10.989  -7.778  -16.525 1.00 24.34 ? 154 GLU A C   1 
ATOM   1224 O O   . GLU A 1 154 ? 11.946  -8.561  -16.317 1.00 25.41 ? 154 GLU A O   1 
ATOM   1225 C CB  . GLU A 1 154 ? 11.076  -7.062  -18.931 1.00 27.61 ? 154 GLU A CB  1 
ATOM   1226 C CG  . GLU A 1 154 ? 10.441  -7.494  -20.236 1.00 30.79 ? 154 GLU A CG  1 
ATOM   1227 C CD  . GLU A 1 154 ? 10.858  -7.339  -21.604 1.00 32.54 ? 154 GLU A CD  1 
ATOM   1228 O OE1 . GLU A 1 154 ? 11.626  -6.599  -22.149 1.00 35.22 ? 154 GLU A OE1 1 
ATOM   1229 O OE2 . GLU A 1 154 ? 10.332  -8.119  -22.404 1.00 33.59 ? 154 GLU A OE2 1 
ATOM   1230 N N   . LYS A 1 155 ? 10.469  -7.020  -15.579 1.00 24.23 ? 155 LYS A N   1 
ATOM   1231 C CA  . LYS A 1 155 ? 11.081  -6.978  -14.248 1.00 24.96 ? 155 LYS A CA  1 
ATOM   1232 C C   . LYS A 1 155 ? 10.226  -7.629  -13.179 1.00 24.87 ? 155 LYS A C   1 
ATOM   1233 O O   . LYS A 1 155 ? 10.905  -8.211  -12.304 1.00 24.34 ? 155 LYS A O   1 
ATOM   1234 C CB  . LYS A 1 155 ? 11.440  -5.592  -13.670 1.00 26.12 ? 155 LYS A CB  1 
ATOM   1235 C CG  . LYS A 1 155 ? 12.172  -4.853  -14.769 1.00 27.85 ? 155 LYS A CG  1 
ATOM   1236 C CD  . LYS A 1 155 ? 11.882  -3.341  -14.486 1.00 31.19 ? 155 LYS A CD  1 
ATOM   1237 C CE  . LYS A 1 155 ? 12.874  -2.593  -15.444 1.00 32.35 ? 155 LYS A CE  1 
ATOM   1238 N NZ  . LYS A 1 155 ? 13.342  -1.310  -14.794 1.00 33.56 ? 155 LYS A NZ  1 
ATOM   1239 N N   . TYR A 1 156 ? 8.904   -7.551  -13.249 1.00 23.20 ? 156 TYR A N   1 
ATOM   1240 C CA  . TYR A 1 156 ? 8.152   -8.201  -12.165 1.00 22.35 ? 156 TYR A CA  1 
ATOM   1241 C C   . TYR A 1 156 ? 7.570   -9.556  -12.574 1.00 23.24 ? 156 TYR A C   1 
ATOM   1242 O O   . TYR A 1 156 ? 6.914   -9.645  -13.643 1.00 23.38 ? 156 TYR A O   1 
ATOM   1243 C CB  . TYR A 1 156 ? 7.076   -7.210  -11.839 1.00 22.56 ? 156 TYR A CB  1 
ATOM   1244 C CG  . TYR A 1 156 ? 7.602   -5.984  -11.037 1.00 22.83 ? 156 TYR A CG  1 
ATOM   1245 C CD1 . TYR A 1 156 ? 7.744   -6.063  -9.663  1.00 22.72 ? 156 TYR A CD1 1 
ATOM   1246 C CD2 . TYR A 1 156 ? 7.852   -4.831  -11.727 1.00 21.92 ? 156 TYR A CD2 1 
ATOM   1247 C CE1 . TYR A 1 156 ? 8.087   -4.947  -8.923  1.00 23.76 ? 156 TYR A CE1 1 
ATOM   1248 C CE2 . TYR A 1 156 ? 8.297   -3.693  -10.988 1.00 24.53 ? 156 TYR A CE2 1 
ATOM   1249 C CZ  . TYR A 1 156 ? 8.368   -3.769  -9.599  1.00 24.43 ? 156 TYR A CZ  1 
ATOM   1250 O OH  . TYR A 1 156 ? 8.798   -2.680  -8.917  1.00 25.57 ? 156 TYR A OH  1 
ATOM   1251 N N   . LYS A 1 157 ? 7.760   -10.606 -11.773 1.00 22.70 ? 157 LYS A N   1 
ATOM   1252 C CA  . LYS A 1 157 ? 7.211   -11.919 -12.097 1.00 21.65 ? 157 LYS A CA  1 
ATOM   1253 C C   . LYS A 1 157 ? 5.966   -12.077 -11.261 1.00 19.40 ? 157 LYS A C   1 
ATOM   1254 O O   . LYS A 1 157 ? 5.990   -11.779 -10.076 1.00 16.52 ? 157 LYS A O   1 
ATOM   1255 C CB  . LYS A 1 157 ? 8.272   -13.038 -11.795 1.00 24.06 ? 157 LYS A CB  1 
ATOM   1256 C CG  . LYS A 1 157 ? 9.311   -12.791 -12.912 1.00 27.46 ? 157 LYS A CG  1 
ATOM   1257 C CD  . LYS A 1 157 ? 9.655   -14.039 -13.760 1.00 30.20 ? 157 LYS A CD  1 
ATOM   1258 C CE  . LYS A 1 157 ? 9.955   -13.636 -15.209 1.00 31.19 ? 157 LYS A CE  1 
ATOM   1259 N NZ  . LYS A 1 157 ? 9.828   -14.802 -16.156 1.00 33.25 ? 157 LYS A NZ  1 
ATOM   1260 N N   . LEU A 1 158 ? 4.914   -12.546 -11.869 1.00 16.85 ? 158 LEU A N   1 
ATOM   1261 C CA  . LEU A 1 158 ? 3.623   -12.840 -11.194 1.00 17.05 ? 158 LEU A CA  1 
ATOM   1262 C C   . LEU A 1 158 ? 3.906   -14.136 -10.441 1.00 17.08 ? 158 LEU A C   1 
ATOM   1263 O O   . LEU A 1 158 ? 4.272   -15.010 -11.226 1.00 19.30 ? 158 LEU A O   1 
ATOM   1264 C CB  . LEU A 1 158 ? 2.481   -12.928 -12.198 1.00 15.14 ? 158 LEU A CB  1 
ATOM   1265 C CG  . LEU A 1 158 ? 1.049   -13.318 -11.843 1.00 15.89 ? 158 LEU A CG  1 
ATOM   1266 C CD1 . LEU A 1 158 ? 0.583   -12.556 -10.568 1.00 13.72 ? 158 LEU A CD1 1 
ATOM   1267 C CD2 . LEU A 1 158 ? 0.057   -12.895 -12.898 1.00 14.37 ? 158 LEU A CD2 1 
ATOM   1268 N N   . LEU A 1 159 ? 3.733   -14.342 -9.190  1.00 17.76 ? 159 LEU A N   1 
ATOM   1269 C CA  . LEU A 1 159 ? 3.955   -15.534 -8.461  1.00 19.44 ? 159 LEU A CA  1 
ATOM   1270 C C   . LEU A 1 159 ? 2.705   -16.476 -8.693  1.00 19.87 ? 159 LEU A C   1 
ATOM   1271 O O   . LEU A 1 159 ? 1.617   -15.991 -8.918  1.00 18.75 ? 159 LEU A O   1 
ATOM   1272 C CB  . LEU A 1 159 ? 4.121   -15.292 -6.969  1.00 19.81 ? 159 LEU A CB  1 
ATOM   1273 C CG  . LEU A 1 159 ? 5.282   -14.385 -6.719  1.00 21.22 ? 159 LEU A CG  1 
ATOM   1274 C CD1 . LEU A 1 159 ? 5.548   -14.351 -5.215  1.00 20.50 ? 159 LEU A CD1 1 
ATOM   1275 C CD2 . LEU A 1 159 ? 6.516   -14.841 -7.483  1.00 21.77 ? 159 LEU A CD2 1 
ATOM   1276 N N   . PRO A 1 160 ? 3.038   -17.763 -8.659  1.00 20.43 ? 160 PRO A N   1 
ATOM   1277 C CA  . PRO A 1 160 ? 2.011   -18.828 -8.908  1.00 20.63 ? 160 PRO A CA  1 
ATOM   1278 C C   . PRO A 1 160 ? 1.074   -19.043 -7.750  1.00 21.17 ? 160 PRO A C   1 
ATOM   1279 O O   . PRO A 1 160 ? -0.085  -19.468 -7.893  1.00 22.58 ? 160 PRO A O   1 
ATOM   1280 C CB  . PRO A 1 160 ? 2.908   -20.025 -9.230  1.00 20.42 ? 160 PRO A CB  1 
ATOM   1281 C CG  . PRO A 1 160 ? 4.246   -19.790 -8.568  1.00 22.27 ? 160 PRO A CG  1 
ATOM   1282 C CD  . PRO A 1 160 ? 4.423   -18.233 -8.405  1.00 19.79 ? 160 PRO A CD  1 
ATOM   1283 N N   . GLU A 1 161 ? 1.532   -18.611 -6.585  1.00 21.01 ? 161 GLU A N   1 
ATOM   1284 C CA  . GLU A 1 161 ? 0.868   -18.675 -5.311  1.00 22.58 ? 161 GLU A CA  1 
ATOM   1285 C C   . GLU A 1 161 ? 1.711   -17.987 -4.242  1.00 21.01 ? 161 GLU A C   1 
ATOM   1286 O O   . GLU A 1 161 ? 2.928   -17.799 -4.414  1.00 19.98 ? 161 GLU A O   1 
ATOM   1287 C CB  . GLU A 1 161 ? 0.752   -20.115 -4.749  1.00 26.02 ? 161 GLU A CB  1 
ATOM   1288 C CG  . GLU A 1 161 ? 1.988   -20.986 -4.585  1.00 28.39 ? 161 GLU A CG  1 
ATOM   1289 C CD  . GLU A 1 161 ? 1.920   -22.500 -4.477  1.00 30.95 ? 161 GLU A CD  1 
ATOM   1290 O OE1 . GLU A 1 161 ? 0.900   -23.154 -4.137  1.00 31.92 ? 161 GLU A OE1 1 
ATOM   1291 O OE2 . GLU A 1 161 ? 3.042   -23.067 -4.765  1.00 30.63 ? 161 GLU A OE2 1 
ATOM   1292 N N   . TYR A 1 162 ? 1.023   -17.656 -3.174  1.00 20.05 ? 162 TYR A N   1 
ATOM   1293 C CA  . TYR A 1 162 ? 1.742   -17.020 -2.041  1.00 21.29 ? 162 TYR A CA  1 
ATOM   1294 C C   . TYR A 1 162 ? 1.001   -17.399 -0.797  1.00 22.12 ? 162 TYR A C   1 
ATOM   1295 O O   . TYR A 1 162 ? -0.203  -17.330 -0.695  1.00 22.34 ? 162 TYR A O   1 
ATOM   1296 C CB  . TYR A 1 162 ? 1.786   -15.433 -2.268  1.00 20.62 ? 162 TYR A CB  1 
ATOM   1297 C CG  . TYR A 1 162 ? 2.852   -14.836 -1.299  1.00 19.26 ? 162 TYR A CG  1 
ATOM   1298 C CD1 . TYR A 1 162 ? 4.192   -14.833 -1.692  1.00 19.47 ? 162 TYR A CD1 1 
ATOM   1299 C CD2 . TYR A 1 162 ? 2.486   -14.224 -0.149  1.00 19.00 ? 162 TYR A CD2 1 
ATOM   1300 C CE1 . TYR A 1 162 ? 5.140   -14.291 -0.830  1.00 20.69 ? 162 TYR A CE1 1 
ATOM   1301 C CE2 . TYR A 1 162 ? 3.423   -13.721 0.727   1.00 18.97 ? 162 TYR A CE2 1 
ATOM   1302 C CZ  . TYR A 1 162 ? 4.736   -13.775 0.392   1.00 19.56 ? 162 TYR A CZ  1 
ATOM   1303 O OH  . TYR A 1 162 ? 5.765   -13.304 1.184   1.00 22.02 ? 162 TYR A OH  1 
ATOM   1304 N N   . PRO A 1 163 ? 1.666   -17.880 0.255   1.00 24.25 ? 163 PRO A N   1 
ATOM   1305 C CA  . PRO A 1 163 ? 1.029   -18.229 1.520   1.00 25.70 ? 163 PRO A CA  1 
ATOM   1306 C C   . PRO A 1 163 ? 0.213   -17.115 2.171   1.00 26.69 ? 163 PRO A C   1 
ATOM   1307 O O   . PRO A 1 163 ? 0.757   -16.035 2.351   1.00 29.14 ? 163 PRO A O   1 
ATOM   1308 C CB  . PRO A 1 163 ? 2.240   -18.378 2.482   1.00 24.69 ? 163 PRO A CB  1 
ATOM   1309 C CG  . PRO A 1 163 ? 3.456   -18.258 1.693   1.00 23.89 ? 163 PRO A CG  1 
ATOM   1310 C CD  . PRO A 1 163 ? 3.106   -18.115 0.234   1.00 23.53 ? 163 PRO A CD  1 
ATOM   1311 N N   . GLY A 1 164 ? -1.011  -17.353 2.588   1.00 27.93 ? 164 GLY A N   1 
ATOM   1312 C CA  . GLY A 1 164 ? -1.982  -16.465 3.194   1.00 27.52 ? 164 GLY A CA  1 
ATOM   1313 C C   . GLY A 1 164 ? -2.758  -15.689 2.136   1.00 26.65 ? 164 GLY A C   1 
ATOM   1314 O O   . GLY A 1 164 ? -3.455  -14.725 2.549   1.00 30.02 ? 164 GLY A O   1 
ATOM   1315 N N   . VAL A 1 165 ? -2.672  -15.900 0.828   1.00 25.41 ? 165 VAL A N   1 
ATOM   1316 C CA  . VAL A 1 165 ? -3.398  -15.087 -0.171  1.00 23.95 ? 165 VAL A CA  1 
ATOM   1317 C C   . VAL A 1 165 ? -4.163  -16.064 -1.048  1.00 25.69 ? 165 VAL A C   1 
ATOM   1318 O O   . VAL A 1 165 ? -3.536  -16.906 -1.755  1.00 25.09 ? 165 VAL A O   1 
ATOM   1319 C CB  . VAL A 1 165 ? -2.383  -14.255 -1.007  1.00 23.23 ? 165 VAL A CB  1 
ATOM   1320 C CG1 . VAL A 1 165 ? -2.915  -13.654 -2.276  1.00 21.99 ? 165 VAL A CG1 1 
ATOM   1321 C CG2 . VAL A 1 165 ? -1.448  -13.278 -0.256  1.00 22.37 ? 165 VAL A CG2 1 
ATOM   1322 N N   . LEU A 1 166 ? -5.506  -15.983 -0.988  1.00 26.11 ? 166 LEU A N   1 
ATOM   1323 C CA  . LEU A 1 166 ? -6.399  -16.761 -1.750  1.00 25.71 ? 166 LEU A CA  1 
ATOM   1324 C C   . LEU A 1 166 ? -6.129  -16.614 -3.234  1.00 26.57 ? 166 LEU A C   1 
ATOM   1325 O O   . LEU A 1 166 ? -6.110  -15.485 -3.730  1.00 25.91 ? 166 LEU A O   1 
ATOM   1326 C CB  . LEU A 1 166 ? -7.864  -16.166 -1.542  1.00 26.94 ? 166 LEU A CB  1 
ATOM   1327 C CG  . LEU A 1 166 ? -8.326  -16.743 -0.237  1.00 27.41 ? 166 LEU A CG  1 
ATOM   1328 C CD1 . LEU A 1 166 ? -7.240  -16.594 0.820   1.00 29.00 ? 166 LEU A CD1 1 
ATOM   1329 C CD2 . LEU A 1 166 ? -9.603  -16.140 0.289   1.00 28.50 ? 166 LEU A CD2 1 
ATOM   1330 N N   . SER A 1 167 ? -6.014  -17.729 -3.931  1.00 25.20 ? 167 SER A N   1 
ATOM   1331 C CA  . SER A 1 167 ? -5.740  -17.790 -5.370  1.00 25.89 ? 167 SER A CA  1 
ATOM   1332 C C   . SER A 1 167 ? -7.008  -17.769 -6.156  1.00 24.93 ? 167 SER A C   1 
ATOM   1333 O O   . SER A 1 167 ? -6.905  -17.529 -7.360  1.00 25.27 ? 167 SER A O   1 
ATOM   1334 C CB  . SER A 1 167 ? -4.950  -19.090 -5.689  1.00 25.64 ? 167 SER A CB  1 
ATOM   1335 O OG  . SER A 1 167 ? -3.546  -18.895 -5.735  1.00 26.80 ? 167 SER A OG  1 
ATOM   1336 N N   . ASP A 1 168 ? -8.173  -18.055 -5.517  1.00 26.25 ? 168 ASP A N   1 
ATOM   1337 C CA  . ASP A 1 168 ? -9.361  -17.982 -6.459  1.00 29.06 ? 168 ASP A CA  1 
ATOM   1338 C C   . ASP A 1 168 ? -10.132 -16.627 -6.478  1.00 28.64 ? 168 ASP A C   1 
ATOM   1339 O O   . ASP A 1 168 ? -10.025 -15.855 -5.527  1.00 28.91 ? 168 ASP A O   1 
ATOM   1340 C CB  . ASP A 1 168 ? -10.354 -19.102 -6.033  1.00 30.66 ? 168 ASP A CB  1 
ATOM   1341 C CG  . ASP A 1 168 ? -10.316 -18.892 -4.536  1.00 32.78 ? 168 ASP A CG  1 
ATOM   1342 O OD1 . ASP A 1 168 ? -9.184  -19.260 -4.020  1.00 34.59 ? 168 ASP A OD1 1 
ATOM   1343 O OD2 . ASP A 1 168 ? -11.264 -18.455 -3.900  1.00 33.14 ? 168 ASP A OD2 1 
ATOM   1344 N N   . VAL A 1 169 ? -10.923 -16.477 -7.529  1.00 27.96 ? 169 VAL A N   1 
ATOM   1345 C CA  . VAL A 1 169 ? -11.800 -15.348 -7.798  1.00 27.87 ? 169 VAL A CA  1 
ATOM   1346 C C   . VAL A 1 169 ? -12.811 -15.085 -6.691  1.00 28.81 ? 169 VAL A C   1 
ATOM   1347 O O   . VAL A 1 169 ? -13.614 -15.910 -6.136  1.00 29.43 ? 169 VAL A O   1 
ATOM   1348 C CB  . VAL A 1 169 ? -12.403 -15.366 -9.193  1.00 26.54 ? 169 VAL A CB  1 
ATOM   1349 C CG1 . VAL A 1 169 ? -13.177 -14.051 -9.350  1.00 26.49 ? 169 VAL A CG1 1 
ATOM   1350 C CG2 . VAL A 1 169 ? -11.580 -15.567 -10.429 1.00 26.20 ? 169 VAL A CG2 1 
ATOM   1351 N N   . GLN A 1 170 ? -12.731 -13.820 -6.176  1.00 27.91 ? 170 GLN A N   1 
ATOM   1352 C CA  . GLN A 1 170 ? -13.605 -13.447 -5.075  1.00 28.64 ? 170 GLN A CA  1 
ATOM   1353 C C   . GLN A 1 170 ? -14.784 -12.719 -5.665  1.00 28.26 ? 170 GLN A C   1 
ATOM   1354 O O   . GLN A 1 170 ? -14.705 -12.295 -6.827  1.00 27.88 ? 170 GLN A O   1 
ATOM   1355 C CB  . GLN A 1 170 ? -12.951 -12.648 -3.905  1.00 29.04 ? 170 GLN A CB  1 
ATOM   1356 C CG  . GLN A 1 170 ? -11.702 -13.251 -3.345  1.00 30.42 ? 170 GLN A CG  1 
ATOM   1357 C CD  . GLN A 1 170 ? -11.802 -14.660 -2.857  1.00 31.56 ? 170 GLN A CD  1 
ATOM   1358 O OE1 . GLN A 1 170 ? -12.389 -14.965 -1.826  1.00 32.11 ? 170 GLN A OE1 1 
ATOM   1359 N NE2 . GLN A 1 170 ? -11.211 -15.636 -3.572  1.00 32.01 ? 170 GLN A NE2 1 
ATOM   1360 N N   . GLU A 1 171 ? -15.829 -12.556 -4.878  1.00 28.90 ? 171 GLU A N   1 
ATOM   1361 C CA  . GLU A 1 171 ? -16.959 -11.791 -5.464  1.00 30.07 ? 171 GLU A CA  1 
ATOM   1362 C C   . GLU A 1 171 ? -17.747 -11.097 -4.376  1.00 29.46 ? 171 GLU A C   1 
ATOM   1363 O O   . GLU A 1 171 ? -17.995 -11.750 -3.352  1.00 28.84 ? 171 GLU A O   1 
ATOM   1364 C CB  . GLU A 1 171 ? -17.964 -12.633 -6.202  1.00 31.72 ? 171 GLU A CB  1 
ATOM   1365 C CG  . GLU A 1 171 ? -19.122 -11.903 -6.851  1.00 33.75 ? 171 GLU A CG  1 
ATOM   1366 C CD  . GLU A 1 171 ? -19.906 -12.774 -7.798  1.00 35.16 ? 171 GLU A CD  1 
ATOM   1367 O OE1 . GLU A 1 171 ? -20.076 -13.938 -7.372  1.00 36.62 ? 171 GLU A OE1 1 
ATOM   1368 O OE2 . GLU A 1 171 ? -20.256 -12.334 -8.890  1.00 36.23 ? 171 GLU A OE2 1 
ATOM   1369 N N   . GLU A 1 172 ? -17.978 -9.793  -4.630  1.00 29.35 ? 172 GLU A N   1 
ATOM   1370 C CA  . GLU A 1 172 ? -18.751 -9.072  -3.553  1.00 29.44 ? 172 GLU A CA  1 
ATOM   1371 C C   . GLU A 1 172 ? -19.597 -7.980  -4.171  1.00 29.35 ? 172 GLU A C   1 
ATOM   1372 O O   . GLU A 1 172 ? -19.180 -7.354  -5.168  1.00 29.91 ? 172 GLU A O   1 
ATOM   1373 C CB  . GLU A 1 172 ? -17.850 -8.395  -2.564  1.00 29.99 ? 172 GLU A CB  1 
ATOM   1374 C CG  . GLU A 1 172 ? -17.487 -8.927  -1.239  1.00 30.58 ? 172 GLU A CG  1 
ATOM   1375 C CD  . GLU A 1 172 ? -17.136 -7.964  -0.137  1.00 31.02 ? 172 GLU A CD  1 
ATOM   1376 O OE1 . GLU A 1 172 ? -17.924 -7.068  0.267   1.00 32.61 ? 172 GLU A OE1 1 
ATOM   1377 O OE2 . GLU A 1 172 ? -16.098 -8.090  0.391   1.00 31.06 ? 172 GLU A OE2 1 
ATOM   1378 N N   . LYS A 1 173 ? -20.777 -7.727  -3.643  1.00 30.18 ? 173 LYS A N   1 
ATOM   1379 C CA  . LYS A 1 173 ? -21.634 -6.675  -4.202  1.00 28.86 ? 173 LYS A CA  1 
ATOM   1380 C C   . LYS A 1 173 ? -21.685 -6.781  -5.703  1.00 28.38 ? 173 LYS A C   1 
ATOM   1381 O O   . LYS A 1 173 ? -21.735 -5.772  -6.445  1.00 28.43 ? 173 LYS A O   1 
ATOM   1382 C CB  . LYS A 1 173 ? -20.838 -5.356  -4.023  1.00 30.31 ? 173 LYS A CB  1 
ATOM   1383 C CG  . LYS A 1 173 ? -21.239 -4.889  -2.613  1.00 30.16 ? 173 LYS A CG  1 
ATOM   1384 C CD  . LYS A 1 173 ? -20.918 -3.408  -2.493  1.00 29.79 ? 173 LYS A CD  1 
ATOM   1385 C CE  . LYS A 1 173 ? -20.784 -3.223  -0.963  1.00 29.79 ? 173 LYS A CE  1 
ATOM   1386 N NZ  . LYS A 1 173 ? -20.977 -1.782  -0.684  1.00 29.87 ? 173 LYS A NZ  1 
ATOM   1387 N N   . GLY A 1 174 ? -21.511 -8.017  -6.083  1.00 27.31 ? 174 GLY A N   1 
ATOM   1388 C CA  . GLY A 1 174 ? -21.497 -8.464  -7.448  1.00 26.52 ? 174 GLY A CA  1 
ATOM   1389 C C   . GLY A 1 174 ? -20.256 -8.090  -8.194  1.00 26.60 ? 174 GLY A C   1 
ATOM   1390 O O   . GLY A 1 174 ? -20.391 -8.104  -9.474  1.00 28.74 ? 174 GLY A O   1 
ATOM   1391 N N   . ILE A 1 175 ? -19.160 -7.751  -7.542  1.00 25.17 ? 175 ILE A N   1 
ATOM   1392 C CA  . ILE A 1 175 ? -17.932 -7.375  -8.364  1.00 24.50 ? 175 ILE A CA  1 
ATOM   1393 C C   . ILE A 1 175 ? -16.980 -8.523  -8.102  1.00 23.36 ? 175 ILE A C   1 
ATOM   1394 O O   . ILE A 1 175 ? -16.796 -8.870  -6.947  1.00 23.66 ? 175 ILE A O   1 
ATOM   1395 C CB  . ILE A 1 175 ? -17.289 -6.049  -7.766  1.00 25.09 ? 175 ILE A CB  1 
ATOM   1396 C CG1 . ILE A 1 175 ? -18.266 -4.845  -7.858  1.00 26.38 ? 175 ILE A CG1 1 
ATOM   1397 C CG2 . ILE A 1 175 ? -15.933 -5.585  -8.423  1.00 24.38 ? 175 ILE A CG2 1 
ATOM   1398 C CD1 . ILE A 1 175 ? -18.424 -3.895  -6.609  1.00 26.74 ? 175 ILE A CD1 1 
ATOM   1399 N N   . LYS A 1 176 ? -16.339 -9.023  -9.105  1.00 24.22 ? 176 LYS A N   1 
ATOM   1400 C CA  . LYS A 1 176 ? -15.358 -10.138 -8.993  1.00 24.03 ? 176 LYS A CA  1 
ATOM   1401 C C   . LYS A 1 176 ? -13.957 -9.504  -8.986  1.00 23.24 ? 176 LYS A C   1 
ATOM   1402 O O   . LYS A 1 176 ? -13.884 -8.583  -9.775  1.00 22.57 ? 176 LYS A O   1 
ATOM   1403 C CB  . LYS A 1 176 ? -15.434 -10.822 -10.378 1.00 25.50 ? 176 LYS A CB  1 
ATOM   1404 C CG  . LYS A 1 176 ? -16.628 -11.846 -10.152 1.00 26.95 ? 176 LYS A CG  1 
ATOM   1405 C CD  . LYS A 1 176 ? -16.782 -12.470 -11.584 1.00 29.33 ? 176 LYS A CD  1 
ATOM   1406 C CE  . LYS A 1 176 ? -17.959 -13.471 -11.341 1.00 30.81 ? 176 LYS A CE  1 
ATOM   1407 N NZ  . LYS A 1 176 ? -17.622 -13.900 -9.891  1.00 32.96 ? 176 LYS A NZ  1 
ATOM   1408 N N   . TYR A 1 177 ? -13.083 -10.003 -8.142  1.00 21.03 ? 177 TYR A N   1 
ATOM   1409 C CA  . TYR A 1 177 ? -11.767 -9.443  -8.112  1.00 19.74 ? 177 TYR A CA  1 
ATOM   1410 C C   . TYR A 1 177 ? -10.938 -10.669 -7.743  1.00 20.59 ? 177 TYR A C   1 
ATOM   1411 O O   . TYR A 1 177 ? -11.642 -11.651 -7.374  1.00 20.56 ? 177 TYR A O   1 
ATOM   1412 C CB  . TYR A 1 177 ? -11.662 -8.305  -7.053  1.00 18.64 ? 177 TYR A CB  1 
ATOM   1413 C CG  . TYR A 1 177 ? -12.040 -8.540  -5.630  1.00 18.04 ? 177 TYR A CG  1 
ATOM   1414 C CD1 . TYR A 1 177 ? -11.164 -9.090  -4.695  1.00 17.43 ? 177 TYR A CD1 1 
ATOM   1415 C CD2 . TYR A 1 177 ? -13.377 -8.355  -5.259  1.00 17.81 ? 177 TYR A CD2 1 
ATOM   1416 C CE1 . TYR A 1 177 ? -11.644 -9.343  -3.414  1.00 17.63 ? 177 TYR A CE1 1 
ATOM   1417 C CE2 . TYR A 1 177 ? -13.854 -8.631  -3.997  1.00 18.50 ? 177 TYR A CE2 1 
ATOM   1418 C CZ  . TYR A 1 177 ? -12.986 -9.089  -3.082  1.00 17.80 ? 177 TYR A CZ  1 
ATOM   1419 O OH  . TYR A 1 177 ? -13.419 -9.300  -1.798  1.00 17.50 ? 177 TYR A OH  1 
ATOM   1420 N N   . LYS A 1 178 ? -9.666  -10.540 -7.986  1.00 19.88 ? 178 LYS A N   1 
ATOM   1421 C CA  . LYS A 1 178 ? -8.730  -11.642 -7.567  1.00 20.16 ? 178 LYS A CA  1 
ATOM   1422 C C   . LYS A 1 178 ? -7.474  -10.983 -7.012  1.00 19.35 ? 178 LYS A C   1 
ATOM   1423 O O   . LYS A 1 178 ? -7.168  -9.852  -7.427  1.00 16.90 ? 178 LYS A O   1 
ATOM   1424 C CB  . LYS A 1 178 ? -8.351  -12.505 -8.723  1.00 20.51 ? 178 LYS A CB  1 
ATOM   1425 C CG  . LYS A 1 178 ? -7.640  -11.783 -9.872  1.00 22.26 ? 178 LYS A CG  1 
ATOM   1426 C CD  . LYS A 1 178 ? -7.455  -12.924 -10.912 1.00 23.84 ? 178 LYS A CD  1 
ATOM   1427 C CE  . LYS A 1 178 ? -7.670  -12.421 -12.330 1.00 24.65 ? 178 LYS A CE  1 
ATOM   1428 N NZ  . LYS A 1 178 ? -6.903  -11.168 -12.362 1.00 27.02 ? 178 LYS A NZ  1 
ATOM   1429 N N   . PHE A 1 179 ? -6.738  -11.632 -6.139  1.00 18.62 ? 179 PHE A N   1 
ATOM   1430 C CA  . PHE A 1 179 ? -5.522  -11.162 -5.477  1.00 19.17 ? 179 PHE A CA  1 
ATOM   1431 C C   . PHE A 1 179 ? -4.242  -11.659 -6.162  1.00 19.78 ? 179 PHE A C   1 
ATOM   1432 O O   . PHE A 1 179 ? -4.242  -12.858 -6.401  1.00 20.51 ? 179 PHE A O   1 
ATOM   1433 C CB  . PHE A 1 179 ? -5.493  -11.543 -4.020  1.00 17.15 ? 179 PHE A CB  1 
ATOM   1434 C CG  . PHE A 1 179 ? -6.596  -11.143 -3.141  1.00 16.44 ? 179 PHE A CG  1 
ATOM   1435 C CD1 . PHE A 1 179 ? -6.901  -9.802  -2.881  1.00 16.34 ? 179 PHE A CD1 1 
ATOM   1436 C CD2 . PHE A 1 179 ? -7.449  -12.152 -2.629  1.00 16.52 ? 179 PHE A CD2 1 
ATOM   1437 C CE1 . PHE A 1 179 ? -7.950  -9.485  -2.045  1.00 17.28 ? 179 PHE A CE1 1 
ATOM   1438 C CE2 . PHE A 1 179 ? -8.488  -11.807 -1.818  1.00 16.72 ? 179 PHE A CE2 1 
ATOM   1439 C CZ  . PHE A 1 179 ? -8.811  -10.497 -1.515  1.00 17.20 ? 179 PHE A CZ  1 
ATOM   1440 N N   . GLU A 1 180 ? -3.253  -10.863 -6.516  1.00 19.79 ? 180 GLU A N   1 
ATOM   1441 C CA  . GLU A 1 180 ? -2.018  -11.289 -7.152  1.00 19.86 ? 180 GLU A CA  1 
ATOM   1442 C C   . GLU A 1 180 ? -0.829  -10.723 -6.340  1.00 21.40 ? 180 GLU A C   1 
ATOM   1443 O O   . GLU A 1 180 ? -1.010  -9.651  -5.744  1.00 21.42 ? 180 GLU A O   1 
ATOM   1444 C CB  . GLU A 1 180 ? -1.839  -10.768 -8.589  1.00 19.12 ? 180 GLU A CB  1 
ATOM   1445 C CG  . GLU A 1 180 ? -2.967  -11.022 -9.589  1.00 18.70 ? 180 GLU A CG  1 
ATOM   1446 C CD  . GLU A 1 180 ? -2.942  -10.585 -10.921 1.00 18.70 ? 180 GLU A CD  1 
ATOM   1447 O OE1 . GLU A 1 180 ? -2.136  -9.609  -11.099 1.00 19.52 ? 180 GLU A OE1 1 
ATOM   1448 O OE2 . GLU A 1 180 ? -3.515  -10.968 -11.933 1.00 19.64 ? 180 GLU A OE2 1 
ATOM   1449 N N   . VAL A 1 181 ? 0.315   -11.345 -6.383  1.00 18.58 ? 181 VAL A N   1 
ATOM   1450 C CA  . VAL A 1 181 ? 1.573   -11.026 -5.846  1.00 17.12 ? 181 VAL A CA  1 
ATOM   1451 C C   . VAL A 1 181 ? 2.598   -11.199 -6.990  1.00 16.69 ? 181 VAL A C   1 
ATOM   1452 O O   . VAL A 1 181 ? 2.747   -12.169 -7.736  1.00 18.12 ? 181 VAL A O   1 
ATOM   1453 C CB  . VAL A 1 181 ? 1.974   -11.424 -4.422  1.00 17.91 ? 181 VAL A CB  1 
ATOM   1454 C CG1 . VAL A 1 181 ? 0.968   -12.228 -3.523  1.00 18.22 ? 181 VAL A CG1 1 
ATOM   1455 C CG2 . VAL A 1 181 ? 3.334   -11.814 -4.018  1.00 17.14 ? 181 VAL A CG2 1 
ATOM   1456 N N   . TYR A 1 182 ? 3.422   -10.159 -7.169  1.00 14.66 ? 182 TYR A N   1 
ATOM   1457 C CA  . TYR A 1 182 ? 4.488   -10.061 -8.125  1.00 14.11 ? 182 TYR A CA  1 
ATOM   1458 C C   . TYR A 1 182 ? 5.751   -9.796  -7.302  1.00 16.01 ? 182 TYR A C   1 
ATOM   1459 O O   . TYR A 1 182 ? 5.596   -9.049  -6.325  1.00 15.44 ? 182 TYR A O   1 
ATOM   1460 C CB  . TYR A 1 182 ? 4.466   -8.829  -9.045  1.00 11.78 ? 182 TYR A CB  1 
ATOM   1461 C CG  . TYR A 1 182 ? 3.210   -8.756  -9.872  1.00 10.24 ? 182 TYR A CG  1 
ATOM   1462 C CD1 . TYR A 1 182 ? 1.964   -8.544  -9.320  1.00 9.72  ? 182 TYR A CD1 1 
ATOM   1463 C CD2 . TYR A 1 182 ? 3.330   -9.111  -11.185 1.00 11.23 ? 182 TYR A CD2 1 
ATOM   1464 C CE1 . TYR A 1 182 ? 0.811   -8.599  -10.108 1.00 9.74  ? 182 TYR A CE1 1 
ATOM   1465 C CE2 . TYR A 1 182 ? 2.192   -9.223  -12.016 1.00 10.28 ? 182 TYR A CE2 1 
ATOM   1466 C CZ  . TYR A 1 182 ? 1.006   -8.880  -11.475 1.00 10.06 ? 182 TYR A CZ  1 
ATOM   1467 O OH  . TYR A 1 182 ? -0.025  -8.904  -12.371 1.00 11.04 ? 182 TYR A OH  1 
ATOM   1468 N N   . GLU A 1 183 ? 6.859   -10.202 -7.825  1.00 16.55 ? 183 GLU A N   1 
ATOM   1469 C CA  . GLU A 1 183 ? 8.126   -9.958  -7.174  1.00 17.22 ? 183 GLU A CA  1 
ATOM   1470 C C   . GLU A 1 183 ? 9.158   -9.574  -8.208  1.00 18.37 ? 183 GLU A C   1 
ATOM   1471 O O   . GLU A 1 183 ? 9.159   -9.958  -9.374  1.00 16.12 ? 183 GLU A O   1 
ATOM   1472 C CB  . GLU A 1 183 ? 8.577   -11.310 -6.563  1.00 18.31 ? 183 GLU A CB  1 
ATOM   1473 C CG  . GLU A 1 183 ? 9.899   -11.159 -5.717  1.00 19.94 ? 183 GLU A CG  1 
ATOM   1474 C CD  . GLU A 1 183 ? 10.132  -12.412 -4.904  1.00 21.02 ? 183 GLU A CD  1 
ATOM   1475 O OE1 . GLU A 1 183 ? 9.935   -13.416 -5.661  1.00 21.44 ? 183 GLU A OE1 1 
ATOM   1476 O OE2 . GLU A 1 183 ? 10.441  -12.350 -3.739  1.00 19.93 ? 183 GLU A OE2 1 
ATOM   1477 N N   . LYS A 1 184 ? 10.047  -8.722  -7.759  1.00 23.14 ? 184 LYS A N   1 
ATOM   1478 C CA  . LYS A 1 184 ? 11.246  -8.117  -8.334  1.00 26.06 ? 184 LYS A CA  1 
ATOM   1479 C C   . LYS A 1 184 ? 12.463  -8.228  -7.449  1.00 28.78 ? 184 LYS A C   1 
ATOM   1480 O O   . LYS A 1 184 ? 12.451  -8.344  -6.166  1.00 31.57 ? 184 LYS A O   1 
ATOM   1481 C CB  . LYS A 1 184 ? 10.932  -6.590  -8.420  1.00 26.63 ? 184 LYS A CB  1 
ATOM   1482 C CG  . LYS A 1 184 ? 12.044  -5.658  -8.866  1.00 26.51 ? 184 LYS A CG  1 
ATOM   1483 C CD  . LYS A 1 184 ? 11.510  -4.265  -9.212  1.00 28.12 ? 184 LYS A CD  1 
ATOM   1484 C CE  . LYS A 1 184 ? 12.365  -3.160  -8.591  1.00 27.14 ? 184 LYS A CE  1 
ATOM   1485 N NZ  . LYS A 1 184 ? 12.953  -3.968  -7.452  1.00 29.90 ? 184 LYS A NZ  1 
ATOM   1486 N N   . ASN A 1 185 ? 13.650  -8.164  -8.067  1.00 32.62 ? 185 ASN A N   1 
ATOM   1487 C CA  . ASN A 1 185 ? 14.980  -8.176  -7.425  1.00 35.20 ? 185 ASN A CA  1 
ATOM   1488 C C   . ASN A 1 185 ? 15.954  -7.771  -8.529  1.00 36.73 ? 185 ASN A C   1 
ATOM   1489 O O   . ASN A 1 185 ? 16.199  -8.623  -9.386  1.00 39.83 ? 185 ASN A O   1 
ATOM   1490 C CB  . ASN A 1 185 ? 15.478  -9.397  -6.756  1.00 36.16 ? 185 ASN A CB  1 
ATOM   1491 C CG  . ASN A 1 185 ? 16.537  -9.206  -5.663  1.00 36.93 ? 185 ASN A CG  1 
ATOM   1492 O OD1 . ASN A 1 185 ? 16.984  -10.269 -5.087  1.00 38.18 ? 185 ASN A OD1 1 
ATOM   1493 N ND2 . ASN A 1 185 ? 16.883  -7.959  -5.401  1.00 36.13 ? 185 ASN A ND2 1 
ATOM   1494 N N   . ASP A 1 186 ? 16.425  -6.575  -8.509  1.00 38.26 ? 186 ASP A N   1 
ATOM   1495 C CA  . ASP A 1 186 ? 17.324  -5.943  -9.454  1.00 39.36 ? 186 ASP A CA  1 
ATOM   1496 C C   . ASP A 1 186 ? 18.020  -4.692  -8.925  1.00 39.93 ? 186 ASP A C   1 
ATOM   1497 O O   . ASP A 1 186 ? 18.496  -4.151  -9.963  1.00 41.80 ? 186 ASP A O   1 
ATOM   1498 C CB  . ASP A 1 186 ? 16.495  -5.489  -10.713 1.00 39.19 ? 186 ASP A CB  1 
ATOM   1499 C CG  . ASP A 1 186 ? 15.773  -4.175  -10.433 1.00 39.17 ? 186 ASP A CG  1 
ATOM   1500 O OD1 . ASP A 1 186 ? 15.918  -3.595  -9.329  1.00 38.79 ? 186 ASP A OD1 1 
ATOM   1501 O OD2 . ASP A 1 186 ? 15.054  -3.668  -11.329 1.00 39.06 ? 186 ASP A OD2 1 
ATOM   1502 O OXT . ASP A 1 186 ? 18.100  -4.220  -7.789  1.00 40.01 ? 186 ASP A OXT 1 
HETATM 1503 P PA  . NDP B 2 .   ? -1.109  10.738  -2.984  1.00 20.52 ? 187 NDP A PA  1 
HETATM 1504 O O1A . NDP B 2 .   ? -1.780  10.142  -1.906  1.00 21.63 ? 187 NDP A O1A 1 
HETATM 1505 O O2A . NDP B 2 .   ? 0.051   10.008  -3.531  1.00 22.30 ? 187 NDP A O2A 1 
HETATM 1506 O O5B . NDP B 2 .   ? -0.891  12.351  -2.823  1.00 24.11 ? 187 NDP A O5B 1 
HETATM 1507 C C5B . NDP B 2 .   ? 0.079   13.175  -3.556  1.00 25.77 ? 187 NDP A C5B 1 
HETATM 1508 C C4B . NDP B 2 .   ? 0.628   14.060  -2.371  1.00 27.24 ? 187 NDP A C4B 1 
HETATM 1509 O O4B . NDP B 2 .   ? 1.427   13.386  -1.683  1.00 28.36 ? 187 NDP A O4B 1 
HETATM 1510 C C3B . NDP B 2 .   ? 1.679   14.981  -3.222  1.00 26.85 ? 187 NDP A C3B 1 
HETATM 1511 O O3B . NDP B 2 .   ? 0.754   16.155  -3.526  1.00 29.04 ? 187 NDP A O3B 1 
HETATM 1512 C C2B . NDP B 2 .   ? 2.644   15.264  -2.084  1.00 28.80 ? 187 NDP A C2B 1 
HETATM 1513 O O2B . NDP B 2 .   ? 2.055   16.033  -1.103  1.00 26.09 ? 187 NDP A O2B 1 
HETATM 1514 C C1B . NDP B 2 .   ? 2.767   13.798  -1.482  1.00 28.23 ? 187 NDP A C1B 1 
HETATM 1515 N N9A . NDP B 2 .   ? 3.763   12.967  -2.095  1.00 30.46 ? 187 NDP A N9A 1 
HETATM 1516 C C8A . NDP B 2 .   ? 3.438   11.962  -2.954  1.00 31.29 ? 187 NDP A C8A 1 
HETATM 1517 N N7A . NDP B 2 .   ? 4.466   11.339  -3.425  1.00 31.20 ? 187 NDP A N7A 1 
HETATM 1518 C C5A . NDP B 2 .   ? 5.544   11.954  -2.733  1.00 31.04 ? 187 NDP A C5A 1 
HETATM 1519 C C6A . NDP B 2 .   ? 7.105   11.808  -2.717  1.00 32.40 ? 187 NDP A C6A 1 
HETATM 1520 N N6A . NDP B 2 .   ? 7.621   10.808  -3.467  1.00 34.11 ? 187 NDP A N6A 1 
HETATM 1521 N N1A . NDP B 2 .   ? 7.792   12.583  -2.031  1.00 30.84 ? 187 NDP A N1A 1 
HETATM 1522 C C2A . NDP B 2 .   ? 7.138   13.490  -1.313  1.00 30.83 ? 187 NDP A C2A 1 
HETATM 1523 N N3A . NDP B 2 .   ? 5.858   13.783  -1.269  1.00 32.78 ? 187 NDP A N3A 1 
HETATM 1524 C C4A . NDP B 2 .   ? 5.073   12.919  -2.005  1.00 31.30 ? 187 NDP A C4A 1 
HETATM 1525 O O3  . NDP B 2 .   ? -2.244  10.744  -4.047  1.00 24.35 ? 187 NDP A O3  1 
HETATM 1526 P PN  . NDP B 2 .   ? -2.875  10.307  -5.410  1.00 24.91 ? 187 NDP A PN  1 
HETATM 1527 O O1N . NDP B 2 .   ? -2.301  9.467   -6.352  1.00 24.42 ? 187 NDP A O1N 1 
HETATM 1528 O O2N . NDP B 2 .   ? -3.585  11.398  -5.991  1.00 24.79 ? 187 NDP A O2N 1 
HETATM 1529 O O5D . NDP B 2 .   ? -4.252  9.499   -4.895  1.00 24.11 ? 187 NDP A O5D 1 
HETATM 1530 C C5D . NDP B 2 .   ? -5.036  9.239   -3.789  1.00 25.36 ? 187 NDP A C5D 1 
HETATM 1531 C C4D . NDP B 2 .   ? -6.303  8.700   -4.472  1.00 25.51 ? 187 NDP A C4D 1 
HETATM 1532 O O4D . NDP B 2 .   ? -6.362  7.285   -4.847  1.00 25.04 ? 187 NDP A O4D 1 
HETATM 1533 C C3D . NDP B 2 .   ? -7.628  8.882   -3.586  1.00 24.05 ? 187 NDP A C3D 1 
HETATM 1534 O O3D . NDP B 2 .   ? -8.555  8.966   -4.699  1.00 24.67 ? 187 NDP A O3D 1 
HETATM 1535 C C2D . NDP B 2 .   ? -7.613  7.604   -2.772  1.00 24.26 ? 187 NDP A C2D 1 
HETATM 1536 O O2D . NDP B 2 .   ? -8.880  7.346   -2.185  1.00 25.50 ? 187 NDP A O2D 1 
HETATM 1537 C C1D . NDP B 2 .   ? -7.292  6.600   -3.835  1.00 25.55 ? 187 NDP A C1D 1 
HETATM 1538 N N1N . NDP B 2 .   ? -6.344  5.418   -3.475  1.00 22.49 ? 187 NDP A N1N 1 
HETATM 1539 C C2N . NDP B 2 .   ? -6.747  4.129   -3.829  1.00 22.79 ? 187 NDP A C2N 1 
HETATM 1540 C C3N . NDP B 2 .   ? -5.829  3.136   -3.599  1.00 21.00 ? 187 NDP A C3N 1 
HETATM 1541 C C7N . NDP B 2 .   ? -6.290  1.759   -4.017  1.00 20.55 ? 187 NDP A C7N 1 
HETATM 1542 O O7N . NDP B 2 .   ? -5.519  0.870   -3.855  1.00 17.75 ? 187 NDP A O7N 1 
HETATM 1543 N N7N . NDP B 2 .   ? -7.453  1.659   -4.568  1.00 19.09 ? 187 NDP A N7N 1 
HETATM 1544 C C4N . NDP B 2 .   ? -4.476  3.334   -2.918  1.00 21.30 ? 187 NDP A C4N 1 
HETATM 1545 C C5N . NDP B 2 .   ? -4.212  4.785   -2.665  1.00 20.60 ? 187 NDP A C5N 1 
HETATM 1546 C C6N . NDP B 2 .   ? -5.129  5.727   -2.882  1.00 22.66 ? 187 NDP A C6N 1 
HETATM 1547 P P2B . NDP B 2 .   ? 2.391   17.750  -1.236  1.00 25.53 ? 187 NDP A P2B 1 
HETATM 1548 O O1X . NDP B 2 .   ? 3.854   17.772  -1.326  1.00 24.21 ? 187 NDP A O1X 1 
HETATM 1549 O O2X . NDP B 2 .   ? 1.810   18.030  0.121   1.00 25.77 ? 187 NDP A O2X 1 
HETATM 1550 O O3X . NDP B 2 .   ? 1.557   18.145  -2.333  1.00 25.55 ? 187 NDP A O3X 1 
HETATM 1551 N N1  . MOT C 3 .   ? -7.011  -2.062  -0.958  1.00 18.22 ? 188 MOT A N1  1 
HETATM 1552 C C2  . MOT C 3 .   ? -5.764  -2.391  -1.232  1.00 17.16 ? 188 MOT A C2  1 
HETATM 1553 N NA2 . MOT C 3 .   ? -5.576  -3.690  -1.597  1.00 16.39 ? 188 MOT A NA2 1 
HETATM 1554 N N3  . MOT C 3 .   ? -4.836  -1.524  -1.245  1.00 15.72 ? 188 MOT A N3  1 
HETATM 1555 C C4  . MOT C 3 .   ? -4.920  -0.315  -0.855  1.00 16.19 ? 188 MOT A C4  1 
HETATM 1556 N NA4 . MOT C 3 .   ? -3.735  0.303   -0.900  1.00 16.85 ? 188 MOT A NA4 1 
HETATM 1557 C C4A . MOT C 3 .   ? -6.112  0.090   -0.453  1.00 18.04 ? 188 MOT A C4A 1 
HETATM 1558 C C6  . MOT C 3 .   ? -6.846  1.266   -0.081  1.00 19.35 ? 188 MOT A C6  1 
HETATM 1559 C C7  . MOT C 3 .   ? -8.141  0.903   -0.040  1.00 19.40 ? 188 MOT A C7  1 
HETATM 1560 O O8  . MOT C 3 .   ? -8.226  -0.259  -0.319  1.00 19.72 ? 188 MOT A O8  1 
HETATM 1561 C C8A . MOT C 3 .   ? -7.148  -0.763  -0.545  1.00 19.47 ? 188 MOT A C8A 1 
HETATM 1562 C C9  . MOT C 3 .   ? -6.275  2.651   0.190   1.00 19.29 ? 188 MOT A C9  1 
HETATM 1563 N N10 . MOT C 3 .   ? -7.108  3.493   1.041   1.00 21.27 ? 188 MOT A N10 1 
HETATM 1564 C CM  . MOT C 3 .   ? -7.775  4.433   0.098   1.00 18.92 ? 188 MOT A CM  1 
HETATM 1565 C C11 . MOT C 3 .   ? -8.651  2.329   4.772   1.00 22.15 ? 188 MOT A C11 1 
HETATM 1566 C C12 . MOT C 3 .   ? -7.494  1.822   4.267   1.00 20.32 ? 188 MOT A C12 1 
HETATM 1567 C C13 . MOT C 3 .   ? -6.975  2.174   3.047   1.00 20.60 ? 188 MOT A C13 1 
HETATM 1568 C C14 . MOT C 3 .   ? -7.596  3.093   2.274   1.00 20.49 ? 188 MOT A C14 1 
HETATM 1569 C C15 . MOT C 3 .   ? -8.718  3.570   2.778   1.00 18.21 ? 188 MOT A C15 1 
HETATM 1570 C C16 . MOT C 3 .   ? -9.231  3.276   3.978   1.00 20.19 ? 188 MOT A C16 1 
HETATM 1571 C C   . MOT C 3 .   ? -9.119  1.859   5.973   1.00 23.16 ? 188 MOT A C   1 
HETATM 1572 O O   . MOT C 3 .   ? -10.014 2.326   6.627   1.00 22.90 ? 188 MOT A O   1 
HETATM 1573 N N   . MOT C 3 .   ? -8.506  0.819   6.585   1.00 24.85 ? 188 MOT A N   1 
HETATM 1574 C CA  . MOT C 3 .   ? -8.878  0.186   7.846   1.00 26.71 ? 188 MOT A CA  1 
HETATM 1575 C CT  . MOT C 3 .   ? -7.687  -0.512  8.394   1.00 26.35 ? 188 MOT A CT  1 
HETATM 1576 O O1  . MOT C 3 .   ? -6.839  -0.702  7.538   1.00 25.70 ? 188 MOT A O1  1 
HETATM 1577 O O2  . MOT C 3 .   ? -7.421  -0.886  9.569   1.00 24.74 ? 188 MOT A O2  1 
HETATM 1578 C CB  . MOT C 3 .   ? -9.919  -0.902  7.362   1.00 30.19 ? 188 MOT A CB  1 
HETATM 1579 C CG  . MOT C 3 .   ? -10.576 -1.691  8.492   1.00 33.91 ? 188 MOT A CG  1 
HETATM 1580 C CD  . MOT C 3 .   ? -11.859 -2.242  7.888   1.00 35.15 ? 188 MOT A CD  1 
HETATM 1581 O OE1 . MOT C 3 .   ? -12.157 -1.906  6.755   1.00 36.23 ? 188 MOT A OE1 1 
HETATM 1582 O OE2 . MOT C 3 .   ? -12.565 -2.880  8.632   1.00 37.19 ? 188 MOT A OE2 1 
HETATM 1583 O O   . HOH D 4 .   ? -11.333 -2.226  -1.814  1.00 32.65 ? 189 HOH A O   1 
HETATM 1584 O O   . HOH D 4 .   ? -3.715  -6.343  -2.845  1.00 20.17 ? 190 HOH A O   1 
HETATM 1585 O O   . HOH D 4 .   ? -2.818  -9.163  -3.198  1.00 21.65 ? 191 HOH A O   1 
HETATM 1586 O O   . HOH D 4 .   ? -11.582 5.962   0.831   1.00 31.14 ? 192 HOH A O   1 
HETATM 1587 O O   . HOH D 4 .   ? -14.007 1.934   5.568   1.00 42.42 ? 193 HOH A O   1 
HETATM 1588 O O   . HOH D 4 .   ? -8.684  11.042  -6.670  1.00 18.72 ? 194 HOH A O   1 
HETATM 1589 O O   . HOH D 4 .   ? 1.129   13.036  -6.830  1.00 32.46 ? 195 HOH A O   1 
HETATM 1590 O O   . HOH D 4 .   ? -2.641  -15.233 -5.978  1.00 29.57 ? 196 HOH A O   1 
HETATM 1591 O O   . HOH D 4 .   ? 0.070   -14.478 -6.926  1.00 24.28 ? 197 HOH A O   1 
HETATM 1592 O O   . HOH D 4 .   ? -5.690  -15.570 -8.470  1.00 26.65 ? 198 HOH A O   1 
HETATM 1593 O O   . HOH D 4 .   ? 5.313   -18.232 -3.985  1.00 25.91 ? 199 HOH A O   1 
HETATM 1594 O O   . HOH D 4 .   ? 3.203   -22.134 -1.277  1.00 31.49 ? 200 HOH A O   1 
HETATM 1595 O O   . HOH D 4 .   ? 12.708  -7.514  10.515  1.00 30.32 ? 201 HOH A O   1 
HETATM 1596 O O   . HOH D 4 .   ? 1.793   -3.748  12.532  1.00 23.90 ? 202 HOH A O   1 
HETATM 1597 O O   . HOH D 4 .   ? -13.978 11.490  7.202   1.00 34.35 ? 203 HOH A O   1 
HETATM 1598 O O   . HOH D 4 .   ? -7.997  17.127  10.503  1.00 43.96 ? 204 HOH A O   1 
HETATM 1599 O O   . HOH D 4 .   ? -6.515  -13.355 0.453   1.00 30.42 ? 205 HOH A O   1 
HETATM 1600 O O   . HOH D 4 .   ? 13.628  6.006   -3.481  1.00 35.97 ? 206 HOH A O   1 
HETATM 1601 O O   . HOH D 4 .   ? 17.383  10.405  0.424   1.00 45.26 ? 207 HOH A O   1 
HETATM 1602 O O   . HOH D 4 .   ? -2.206  22.603  -1.308  1.00 31.93 ? 208 HOH A O   1 
HETATM 1603 O O   . HOH D 4 .   ? -3.290  19.687  5.507   1.00 23.33 ? 209 HOH A O   1 
HETATM 1604 O O   . HOH D 4 .   ? -5.962  14.249  9.875   1.00 22.11 ? 210 HOH A O   1 
HETATM 1605 O O   . HOH D 4 .   ? 2.026   12.688  16.042  1.00 29.89 ? 211 HOH A O   1 
HETATM 1606 O O   . HOH D 4 .   ? -7.842  1.724   11.667  1.00 15.00 ? 212 HOH A O   1 
HETATM 1607 O O   . HOH D 4 .   ? -7.135  12.122  11.397  1.00 15.00 ? 213 HOH A O   1 
HETATM 1608 O O   . HOH D 4 .   ? 0.363   14.524  14.568  1.00 15.00 ? 214 HOH A O   1 
HETATM 1609 O O   . HOH D 4 .   ? 7.671   18.330  5.048   1.00 15.00 ? 215 HOH A O   1 
HETATM 1610 O O   . HOH D 4 .   ? -2.226  20.671  2.952   1.00 15.00 ? 216 HOH A O   1 
HETATM 1611 O O   . HOH D 4 .   ? -2.637  19.497  12.769  1.00 15.00 ? 217 HOH A O   1 
HETATM 1612 O O   . HOH D 4 .   ? 7.723   13.727  11.597  1.00 15.00 ? 218 HOH A O   1 
HETATM 1613 O O   . HOH D 4 .   ? 14.275  11.537  8.105   1.00 15.00 ? 219 HOH A O   1 
HETATM 1614 O O   . HOH D 4 .   ? -7.552  -14.341 -5.878  1.00 15.00 ? 220 HOH A O   1 
HETATM 1615 O O   . HOH D 4 .   ? -2.143  -16.791 -4.257  1.00 15.00 ? 221 HOH A O   1 
HETATM 1616 O O   . HOH D 4 .   ? -16.281 5.327   -10.374 1.00 15.00 ? 222 HOH A O   1 
HETATM 1617 O O   . HOH D 4 .   ? 1.785   -8.948  6.359   1.00 15.00 ? 223 HOH A O   1 
# 
